data_2JO6
#
_entry.id   2JO6
#
_entity_poly.entity_id   1
_entity_poly.type   'polypeptide(L)'
_entity_poly.pdbx_seq_one_letter_code
;QGHMSQWKDICKIDDILPETGVCALLGDEQVAIFRPYHSDQVFAISNIDPFFESSVLSRGLIAEHQGELWVASPLKKQRF
RLSDGLCMEDEQFSVKHYEARVKDGVVQLRGGS
;
_entity_poly.pdbx_strand_id   A
#
# COMPACT_ATOMS: atom_id res chain seq x y z
N MET A 4 -7.35 14.54 14.54
CA MET A 4 -6.64 13.45 15.23
C MET A 4 -5.87 12.62 14.22
N SER A 5 -4.55 12.58 14.38
CA SER A 5 -3.69 11.88 13.44
C SER A 5 -2.54 11.20 14.17
N GLN A 6 -2.43 9.89 14.02
CA GLN A 6 -1.36 9.14 14.63
C GLN A 6 -0.35 8.68 13.57
N TRP A 7 0.62 9.54 13.30
CA TRP A 7 1.69 9.19 12.37
C TRP A 7 2.65 8.21 13.02
N LYS A 8 2.39 6.93 12.83
CA LYS A 8 3.21 5.90 13.44
C LYS A 8 4.45 5.64 12.61
N ASP A 9 5.61 5.68 13.25
CA ASP A 9 6.86 5.34 12.62
C ASP A 9 6.87 3.85 12.29
N ILE A 10 7.15 3.53 11.04
CA ILE A 10 7.22 2.14 10.62
C ILE A 10 8.67 1.70 10.55
N CYS A 11 9.40 2.27 9.61
CA CYS A 11 10.80 1.97 9.39
C CYS A 11 11.39 3.02 8.48
N LYS A 12 12.70 2.97 8.26
CA LYS A 12 13.32 3.89 7.32
C LYS A 12 13.09 3.42 5.90
N ILE A 13 12.90 4.36 4.99
CA ILE A 13 12.55 4.06 3.60
C ILE A 13 13.67 3.28 2.90
N ASP A 14 14.84 3.25 3.53
CA ASP A 14 15.98 2.50 3.01
C ASP A 14 15.70 1.00 3.04
N ASP A 15 14.86 0.59 4.00
CA ASP A 15 14.52 -0.82 4.18
C ASP A 15 13.61 -1.30 3.05
N ILE A 16 12.81 -0.39 2.52
CA ILE A 16 11.90 -0.71 1.43
C ILE A 16 12.58 -0.45 0.09
N LEU A 17 12.90 -1.55 -0.58
CA LEU A 17 13.59 -1.50 -1.86
C LEU A 17 12.76 -0.77 -2.92
N PRO A 18 13.41 -0.26 -3.98
CA PRO A 18 12.71 0.41 -5.09
C PRO A 18 11.56 -0.42 -5.65
N GLU A 19 10.43 0.24 -5.85
CA GLU A 19 9.16 -0.39 -6.23
C GLU A 19 8.95 -1.75 -5.56
N THR A 20 8.74 -1.70 -4.24
CA THR A 20 8.48 -2.89 -3.44
C THR A 20 7.40 -2.58 -2.39
N GLY A 21 6.73 -3.62 -1.90
CA GLY A 21 5.71 -3.41 -0.89
C GLY A 21 5.96 -4.26 0.35
N VAL A 22 5.70 -3.69 1.52
CA VAL A 22 5.88 -4.39 2.78
C VAL A 22 4.65 -4.22 3.68
N CYS A 23 4.46 -5.12 4.62
CA CYS A 23 3.31 -5.06 5.51
C CYS A 23 3.70 -4.44 6.85
N ALA A 24 2.90 -3.47 7.28
CA ALA A 24 3.09 -2.84 8.58
C ALA A 24 1.84 -3.02 9.43
N LEU A 25 1.90 -2.57 10.67
CA LEU A 25 0.78 -2.71 11.58
C LEU A 25 0.38 -1.36 12.15
N LEU A 26 -0.85 -0.93 11.86
CA LEU A 26 -1.41 0.26 12.45
C LEU A 26 -2.49 -0.16 13.44
N GLY A 27 -2.08 -0.44 14.67
CA GLY A 27 -2.99 -1.01 15.64
C GLY A 27 -3.29 -2.45 15.33
N ASP A 28 -4.47 -2.71 14.78
CA ASP A 28 -4.83 -4.05 14.35
C ASP A 28 -4.99 -4.09 12.84
N GLU A 29 -4.69 -2.97 12.20
CA GLU A 29 -4.81 -2.86 10.75
C GLU A 29 -3.51 -3.26 10.08
N GLN A 30 -3.56 -4.31 9.27
CA GLN A 30 -2.42 -4.71 8.46
C GLN A 30 -2.35 -3.84 7.22
N VAL A 31 -1.42 -2.89 7.24
CA VAL A 31 -1.29 -1.93 6.16
C VAL A 31 -0.20 -2.34 5.20
N ALA A 32 -0.47 -2.23 3.92
CA ALA A 32 0.51 -2.54 2.89
C ALA A 32 1.18 -1.26 2.42
N ILE A 33 2.45 -1.11 2.77
CA ILE A 33 3.21 0.07 2.38
C ILE A 33 3.93 -0.21 1.07
N PHE A 34 3.46 0.44 0.02
CA PHE A 34 4.06 0.27 -1.29
C PHE A 34 4.89 1.49 -1.66
N ARG A 35 6.17 1.26 -1.86
CA ARG A 35 7.03 2.27 -2.45
C ARG A 35 7.14 1.93 -3.92
N PRO A 36 6.38 2.62 -4.78
CA PRO A 36 6.27 2.28 -6.19
C PRO A 36 7.29 2.99 -7.07
N TYR A 37 8.22 3.68 -6.43
CA TYR A 37 9.24 4.42 -7.16
C TYR A 37 10.58 4.31 -6.46
N HIS A 38 11.52 5.13 -6.90
CA HIS A 38 12.84 5.21 -6.29
C HIS A 38 12.90 6.44 -5.39
N SER A 39 11.94 7.33 -5.59
CA SER A 39 11.89 8.57 -4.84
C SER A 39 11.19 8.36 -3.49
N ASP A 40 10.80 9.46 -2.87
CA ASP A 40 10.19 9.45 -1.55
C ASP A 40 8.67 9.21 -1.63
N GLN A 41 8.20 8.85 -2.82
CA GLN A 41 6.79 8.63 -3.04
C GLN A 41 6.39 7.23 -2.60
N VAL A 42 5.59 7.17 -1.54
CA VAL A 42 5.09 5.91 -1.01
C VAL A 42 3.59 5.99 -0.77
N PHE A 43 2.91 4.86 -0.88
CA PHE A 43 1.47 4.81 -0.66
C PHE A 43 1.12 3.65 0.26
N ALA A 44 0.02 3.77 0.98
CA ALA A 44 -0.39 2.74 1.92
C ALA A 44 -1.86 2.38 1.77
N ILE A 45 -2.13 1.11 1.59
CA ILE A 45 -3.49 0.61 1.51
C ILE A 45 -3.65 -0.60 2.43
N SER A 46 -4.83 -1.20 2.43
CA SER A 46 -5.06 -2.41 3.19
C SER A 46 -4.23 -3.54 2.61
N ASN A 47 -3.53 -4.27 3.46
CA ASN A 47 -2.69 -5.38 3.03
C ASN A 47 -3.52 -6.64 2.80
N ILE A 48 -4.76 -6.59 3.27
CA ILE A 48 -5.71 -7.68 3.04
C ILE A 48 -6.96 -7.15 2.35
N ASP A 49 -7.43 -7.84 1.33
CA ASP A 49 -8.65 -7.44 0.64
C ASP A 49 -9.84 -8.18 1.25
N PRO A 50 -11.03 -7.55 1.27
CA PRO A 50 -12.19 -8.10 1.95
C PRO A 50 -13.07 -8.99 1.07
N PHE A 51 -12.81 -9.00 -0.22
CA PHE A 51 -13.66 -9.76 -1.13
C PHE A 51 -13.13 -11.18 -1.33
N PHE A 52 -11.89 -11.28 -1.75
CA PHE A 52 -11.28 -12.56 -2.10
C PHE A 52 -10.40 -13.03 -0.96
N GLU A 53 -9.89 -12.05 -0.21
CA GLU A 53 -9.05 -12.28 0.95
C GLU A 53 -7.68 -12.79 0.56
N SER A 54 -6.82 -11.86 0.19
CA SER A 54 -5.41 -12.16 0.04
C SER A 54 -4.68 -11.63 1.26
N SER A 55 -4.12 -12.54 2.05
CA SER A 55 -3.57 -12.19 3.35
C SER A 55 -2.48 -11.14 3.24
N VAL A 56 -1.70 -11.21 2.18
CA VAL A 56 -0.71 -10.18 1.90
C VAL A 56 -0.84 -9.68 0.47
N LEU A 57 -1.02 -8.38 0.32
CA LEU A 57 -1.01 -7.76 -1.00
C LEU A 57 0.41 -7.29 -1.33
N SER A 58 1.26 -7.32 -0.31
CA SER A 58 2.66 -6.96 -0.46
C SER A 58 3.44 -8.07 -1.17
N ARG A 59 2.72 -9.12 -1.56
CA ARG A 59 3.31 -10.22 -2.30
C ARG A 59 2.90 -10.11 -3.76
N GLY A 60 2.89 -8.88 -4.28
CA GLY A 60 2.45 -8.65 -5.64
C GLY A 60 3.39 -7.72 -6.38
N LEU A 61 3.25 -7.68 -7.69
CA LEU A 61 4.15 -6.89 -8.53
C LEU A 61 3.45 -5.61 -8.98
N ILE A 62 4.21 -4.52 -9.01
CA ILE A 62 3.69 -3.24 -9.43
C ILE A 62 3.81 -3.10 -10.94
N ALA A 63 2.70 -2.79 -11.61
CA ALA A 63 2.66 -2.66 -13.05
C ALA A 63 1.77 -1.50 -13.46
N GLU A 64 2.13 -0.83 -14.55
CA GLU A 64 1.37 0.32 -15.00
C GLU A 64 0.19 -0.07 -15.86
N HIS A 65 -0.82 0.77 -15.85
CA HIS A 65 -1.88 0.73 -16.82
C HIS A 65 -2.63 2.05 -16.76
N GLN A 66 -2.82 2.66 -17.92
CA GLN A 66 -3.49 3.96 -18.03
C GLN A 66 -2.59 5.09 -17.52
N GLY A 67 -1.33 4.78 -17.21
CA GLY A 67 -0.45 5.78 -16.66
C GLY A 67 -0.52 5.81 -15.15
N GLU A 68 -1.19 4.81 -14.60
CA GLU A 68 -1.38 4.69 -13.17
C GLU A 68 -0.66 3.46 -12.66
N LEU A 69 -0.37 3.43 -11.38
CA LEU A 69 0.38 2.32 -10.80
C LEU A 69 -0.56 1.34 -10.13
N TRP A 70 -0.54 0.11 -10.61
CA TRP A 70 -1.39 -0.94 -10.08
C TRP A 70 -0.52 -2.05 -9.51
N VAL A 71 -0.87 -2.52 -8.32
CA VAL A 71 -0.18 -3.68 -7.77
C VAL A 71 -1.00 -4.93 -8.06
N ALA A 72 -0.39 -5.86 -8.78
CA ALA A 72 -1.08 -7.07 -9.21
C ALA A 72 -0.72 -8.24 -8.31
N SER A 73 -1.73 -8.85 -7.71
CA SER A 73 -1.53 -10.00 -6.86
C SER A 73 -1.52 -11.28 -7.70
N PRO A 74 -0.37 -11.98 -7.74
CA PRO A 74 -0.19 -13.18 -8.57
C PRO A 74 -1.06 -14.35 -8.13
N LEU A 75 -1.74 -14.18 -7.00
CA LEU A 75 -2.69 -15.17 -6.52
C LEU A 75 -3.82 -15.35 -7.54
N LYS A 76 -4.23 -14.24 -8.13
CA LYS A 76 -5.27 -14.25 -9.17
C LYS A 76 -4.96 -13.17 -10.21
N LYS A 77 -5.82 -12.15 -10.29
CA LYS A 77 -5.60 -11.03 -11.21
C LYS A 77 -6.00 -9.71 -10.56
N GLN A 78 -5.95 -9.68 -9.24
CA GLN A 78 -6.34 -8.50 -8.48
C GLN A 78 -5.34 -7.37 -8.70
N ARG A 79 -5.84 -6.21 -9.10
CA ARG A 79 -4.99 -5.05 -9.34
C ARG A 79 -5.48 -3.86 -8.52
N PHE A 80 -4.62 -3.39 -7.63
CA PHE A 80 -4.96 -2.27 -6.76
C PHE A 80 -4.21 -1.01 -7.19
N ARG A 81 -4.97 0.02 -7.52
CA ARG A 81 -4.39 1.32 -7.90
C ARG A 81 -3.80 2.01 -6.66
N LEU A 82 -2.50 2.23 -6.69
CA LEU A 82 -1.77 2.73 -5.52
C LEU A 82 -2.00 4.21 -5.28
N SER A 83 -2.51 4.92 -6.28
CA SER A 83 -2.71 6.36 -6.20
C SER A 83 -3.58 6.74 -5.00
N ASP A 84 -4.59 5.92 -4.74
CA ASP A 84 -5.45 6.09 -3.56
C ASP A 84 -5.84 4.73 -3.02
N GLY A 85 -6.47 3.94 -3.86
CA GLY A 85 -6.87 2.61 -3.44
C GLY A 85 -7.98 2.03 -4.29
N LEU A 86 -7.93 2.31 -5.59
CA LEU A 86 -8.94 1.79 -6.49
C LEU A 86 -8.54 0.43 -7.00
N CYS A 87 -9.10 -0.60 -6.42
CA CYS A 87 -8.94 -1.94 -6.98
C CYS A 87 -9.89 -2.07 -8.16
N MET A 88 -9.36 -2.43 -9.32
CA MET A 88 -10.15 -2.49 -10.53
C MET A 88 -11.24 -3.56 -10.45
N GLU A 89 -11.11 -4.45 -9.47
CA GLU A 89 -12.09 -5.49 -9.24
C GLU A 89 -13.12 -5.04 -8.20
N ASP A 90 -12.70 -4.17 -7.30
CA ASP A 90 -13.50 -3.74 -6.16
C ASP A 90 -14.00 -2.30 -6.34
N GLU A 91 -13.82 -1.76 -7.55
CA GLU A 91 -14.10 -0.35 -7.85
C GLU A 91 -15.48 0.15 -7.39
N GLN A 92 -16.38 -0.75 -7.06
CA GLN A 92 -17.67 -0.38 -6.49
C GLN A 92 -17.50 0.19 -5.08
N PHE A 93 -16.59 -0.38 -4.31
CA PHE A 93 -16.42 -0.02 -2.91
C PHE A 93 -15.10 0.72 -2.69
N SER A 94 -14.01 0.17 -3.23
CA SER A 94 -12.66 0.70 -3.08
C SER A 94 -12.10 0.36 -1.70
N VAL A 95 -10.81 0.10 -1.63
CA VAL A 95 -10.20 -0.45 -0.42
C VAL A 95 -9.70 0.65 0.51
N LYS A 96 -9.34 0.24 1.72
CA LYS A 96 -8.86 1.12 2.77
C LYS A 96 -7.56 1.81 2.35
N HIS A 97 -7.52 3.13 2.48
CA HIS A 97 -6.33 3.90 2.13
C HIS A 97 -5.80 4.63 3.36
N TYR A 98 -4.49 4.56 3.55
CA TYR A 98 -3.83 5.26 4.63
C TYR A 98 -2.82 6.23 4.04
N GLU A 99 -2.51 7.29 4.78
CA GLU A 99 -1.58 8.28 4.27
C GLU A 99 -0.17 7.92 4.71
N ALA A 100 0.77 7.99 3.79
CA ALA A 100 2.15 7.64 4.06
C ALA A 100 3.10 8.76 3.69
N ARG A 101 3.98 9.12 4.60
CA ARG A 101 4.95 10.18 4.35
C ARG A 101 6.35 9.71 4.75
N VAL A 102 7.35 10.26 4.08
CA VAL A 102 8.73 9.98 4.43
C VAL A 102 9.30 11.12 5.27
N LYS A 103 9.31 10.91 6.58
CA LYS A 103 9.77 11.93 7.51
C LYS A 103 11.16 11.60 7.99
N ASP A 104 12.13 12.43 7.63
CA ASP A 104 13.53 12.23 8.02
C ASP A 104 14.04 10.91 7.46
N GLY A 105 13.42 10.46 6.38
CA GLY A 105 13.77 9.19 5.79
C GLY A 105 13.02 8.03 6.42
N VAL A 106 12.05 8.34 7.27
CA VAL A 106 11.30 7.30 7.97
C VAL A 106 9.85 7.28 7.47
N VAL A 107 9.37 6.10 7.13
CA VAL A 107 8.01 5.95 6.64
C VAL A 107 7.01 6.01 7.78
N GLN A 108 6.10 6.97 7.72
CA GLN A 108 5.06 7.09 8.72
C GLN A 108 3.69 6.93 8.09
N LEU A 109 2.78 6.29 8.81
CA LEU A 109 1.43 6.06 8.33
C LEU A 109 0.42 6.82 9.19
N ARG A 110 -0.57 7.42 8.55
CA ARG A 110 -1.67 8.05 9.27
C ARG A 110 -2.99 7.41 8.87
N GLY A 111 -3.78 7.08 9.86
CA GLY A 111 -5.09 6.52 9.63
C GLY A 111 -6.11 7.09 10.58
N GLY A 112 -7.10 6.28 10.96
CA GLY A 112 -8.11 6.72 11.90
C GLY A 112 -8.75 8.04 11.50
N SER A 113 -9.21 8.11 10.27
CA SER A 113 -9.77 9.32 9.73
C SER A 113 -11.29 9.31 9.87
N MET A 4 -7.30 12.36 13.34
CA MET A 4 -6.91 13.55 12.54
C MET A 4 -5.72 13.23 11.64
N SER A 5 -4.55 13.04 12.23
CA SER A 5 -3.37 12.66 11.49
C SER A 5 -2.84 11.33 12.01
N GLN A 6 -2.37 11.35 13.25
CA GLN A 6 -1.91 10.15 13.95
C GLN A 6 -0.74 9.51 13.20
N TRP A 7 0.14 10.35 12.65
CA TRP A 7 1.31 9.89 11.91
C TRP A 7 2.15 8.95 12.78
N LYS A 8 2.24 7.70 12.37
CA LYS A 8 3.03 6.71 13.07
C LYS A 8 4.23 6.29 12.23
N ASP A 9 5.42 6.46 12.80
CA ASP A 9 6.65 6.01 12.16
C ASP A 9 6.75 4.49 12.20
N ILE A 10 6.97 3.88 11.05
CA ILE A 10 7.03 2.43 10.95
C ILE A 10 8.48 1.96 10.85
N CYS A 11 9.06 2.18 9.68
CA CYS A 11 10.43 1.78 9.40
C CYS A 11 11.08 2.84 8.52
N LYS A 12 12.34 2.66 8.20
CA LYS A 12 13.04 3.62 7.36
C LYS A 12 12.80 3.32 5.88
N ILE A 13 12.92 4.34 5.05
CA ILE A 13 12.74 4.17 3.61
C ILE A 13 13.89 3.35 3.02
N ASP A 14 14.98 3.30 3.77
CA ASP A 14 16.17 2.55 3.39
C ASP A 14 15.92 1.05 3.40
N ASP A 15 14.82 0.66 4.02
CA ASP A 15 14.46 -0.75 4.13
C ASP A 15 13.66 -1.20 2.92
N ILE A 16 12.86 -0.29 2.37
CA ILE A 16 12.00 -0.61 1.25
C ILE A 16 12.67 -0.26 -0.07
N LEU A 17 12.95 -1.28 -0.87
CA LEU A 17 13.60 -1.09 -2.16
C LEU A 17 12.57 -0.63 -3.20
N PRO A 18 13.03 -0.11 -4.35
CA PRO A 18 12.14 0.31 -5.44
C PRO A 18 11.23 -0.81 -5.92
N GLU A 19 9.96 -0.47 -6.12
CA GLU A 19 8.95 -1.40 -6.61
C GLU A 19 8.77 -2.57 -5.65
N THR A 20 8.84 -2.28 -4.35
CA THR A 20 8.69 -3.30 -3.33
C THR A 20 7.56 -2.93 -2.37
N GLY A 21 6.82 -3.94 -1.92
CA GLY A 21 5.80 -3.72 -0.92
C GLY A 21 6.09 -4.50 0.34
N VAL A 22 5.89 -3.88 1.48
CA VAL A 22 6.17 -4.52 2.77
C VAL A 22 4.91 -4.58 3.64
N CYS A 23 4.93 -5.46 4.62
CA CYS A 23 3.81 -5.61 5.54
C CYS A 23 4.08 -4.89 6.85
N ALA A 24 3.23 -3.94 7.19
CA ALA A 24 3.36 -3.20 8.43
C ALA A 24 2.06 -3.26 9.23
N LEU A 25 2.10 -2.76 10.46
CA LEU A 25 0.92 -2.75 11.30
C LEU A 25 0.63 -1.35 11.81
N LEU A 26 -0.63 -0.95 11.75
CA LEU A 26 -1.05 0.32 12.28
C LEU A 26 -2.27 0.13 13.18
N GLY A 27 -2.11 0.39 14.46
CA GLY A 27 -3.17 0.13 15.41
C GLY A 27 -3.45 -1.36 15.53
N ASP A 28 -4.49 -1.82 14.88
CA ASP A 28 -4.84 -3.23 14.89
C ASP A 28 -4.94 -3.79 13.47
N GLU A 29 -4.80 -2.92 12.48
CA GLU A 29 -5.00 -3.33 11.09
C GLU A 29 -3.66 -3.53 10.39
N GLN A 30 -3.64 -4.44 9.42
CA GLN A 30 -2.45 -4.70 8.63
C GLN A 30 -2.38 -3.73 7.46
N VAL A 31 -1.28 -3.02 7.35
CA VAL A 31 -1.10 -2.03 6.30
C VAL A 31 0.02 -2.46 5.35
N ALA A 32 -0.26 -2.40 4.06
CA ALA A 32 0.73 -2.73 3.06
C ALA A 32 1.37 -1.47 2.52
N ILE A 33 2.67 -1.35 2.70
CA ILE A 33 3.39 -0.17 2.26
C ILE A 33 4.16 -0.47 0.98
N PHE A 34 3.74 0.15 -0.10
CA PHE A 34 4.37 -0.08 -1.39
C PHE A 34 5.20 1.14 -1.79
N ARG A 35 6.45 0.89 -2.15
CA ARG A 35 7.28 1.93 -2.71
C ARG A 35 7.46 1.65 -4.19
N PRO A 36 6.71 2.36 -5.03
CA PRO A 36 6.78 2.23 -6.48
C PRO A 36 7.85 3.13 -7.10
N TYR A 37 8.09 4.27 -6.47
CA TYR A 37 9.05 5.23 -6.99
C TYR A 37 10.43 4.96 -6.42
N HIS A 38 11.43 5.53 -7.07
CA HIS A 38 12.80 5.44 -6.60
C HIS A 38 13.08 6.59 -5.64
N SER A 39 12.10 7.46 -5.51
CA SER A 39 12.16 8.59 -4.61
C SER A 39 11.58 8.22 -3.25
N ASP A 40 11.17 9.22 -2.48
CA ASP A 40 10.61 9.00 -1.16
C ASP A 40 9.08 8.85 -1.22
N GLN A 41 8.55 8.80 -2.44
CA GLN A 41 7.11 8.66 -2.63
C GLN A 41 6.66 7.22 -2.43
N VAL A 42 5.93 6.98 -1.36
CA VAL A 42 5.42 5.66 -1.03
C VAL A 42 3.90 5.71 -0.82
N PHE A 43 3.25 4.57 -0.96
CA PHE A 43 1.80 4.50 -0.78
C PHE A 43 1.45 3.32 0.11
N ALA A 44 0.38 3.46 0.89
CA ALA A 44 -0.02 2.41 1.82
C ALA A 44 -1.51 2.11 1.72
N ILE A 45 -1.84 0.83 1.73
CA ILE A 45 -3.24 0.39 1.67
C ILE A 45 -3.47 -0.73 2.66
N SER A 46 -4.71 -1.19 2.78
CA SER A 46 -5.03 -2.32 3.63
C SER A 46 -4.35 -3.59 3.12
N ASN A 47 -3.56 -4.23 3.98
CA ASN A 47 -2.76 -5.38 3.57
C ASN A 47 -3.56 -6.67 3.67
N ILE A 48 -4.84 -6.55 4.01
CA ILE A 48 -5.74 -7.69 4.03
C ILE A 48 -6.98 -7.38 3.22
N ASP A 49 -7.20 -8.15 2.16
CA ASP A 49 -8.42 -8.02 1.37
C ASP A 49 -9.57 -8.76 2.04
N PRO A 50 -10.64 -8.05 2.38
CA PRO A 50 -11.78 -8.60 3.09
C PRO A 50 -12.88 -9.11 2.15
N PHE A 51 -12.73 -8.86 0.85
CA PHE A 51 -13.77 -9.19 -0.11
C PHE A 51 -13.55 -10.59 -0.67
N PHE A 52 -12.35 -10.82 -1.19
CA PHE A 52 -11.99 -12.12 -1.74
C PHE A 52 -11.32 -12.94 -0.64
N GLU A 53 -10.90 -12.23 0.40
CA GLU A 53 -10.18 -12.81 1.52
C GLU A 53 -8.82 -13.30 1.07
N SER A 54 -8.10 -12.42 0.39
CA SER A 54 -6.71 -12.64 0.09
C SER A 54 -5.90 -11.78 1.05
N SER A 55 -4.92 -12.40 1.70
CA SER A 55 -4.21 -11.72 2.77
C SER A 55 -3.20 -10.70 2.24
N VAL A 56 -1.91 -11.02 2.33
CA VAL A 56 -0.86 -10.06 2.06
C VAL A 56 -0.80 -9.67 0.59
N LEU A 57 -0.89 -8.38 0.32
CA LEU A 57 -0.83 -7.85 -1.03
C LEU A 57 0.61 -7.55 -1.42
N SER A 58 1.50 -7.73 -0.45
CA SER A 58 2.93 -7.55 -0.67
C SER A 58 3.47 -8.52 -1.72
N ARG A 59 2.74 -9.61 -1.93
CA ARG A 59 3.12 -10.63 -2.91
C ARG A 59 2.57 -10.31 -4.29
N GLY A 60 2.61 -9.04 -4.67
CA GLY A 60 2.12 -8.62 -5.96
C GLY A 60 3.07 -7.68 -6.66
N LEU A 61 2.89 -7.52 -7.96
CA LEU A 61 3.82 -6.73 -8.77
C LEU A 61 3.27 -5.33 -9.01
N ILE A 62 4.15 -4.34 -8.98
CA ILE A 62 3.75 -2.96 -9.19
C ILE A 62 4.03 -2.54 -10.62
N ALA A 63 3.02 -2.05 -11.32
CA ALA A 63 3.16 -1.65 -12.70
C ALA A 63 2.51 -0.29 -12.94
N GLU A 64 2.86 0.32 -14.06
CA GLU A 64 2.29 1.60 -14.46
C GLU A 64 1.24 1.36 -15.53
N HIS A 65 0.00 1.75 -15.25
CA HIS A 65 -1.10 1.47 -16.17
C HIS A 65 -1.28 2.64 -17.15
N GLN A 66 -1.75 3.77 -16.65
CA GLN A 66 -1.87 4.98 -17.46
C GLN A 66 -1.72 6.22 -16.59
N GLY A 67 -0.47 6.60 -16.35
CA GLY A 67 -0.20 7.74 -15.50
C GLY A 67 -0.44 7.44 -14.04
N GLU A 68 -0.60 6.16 -13.72
CA GLU A 68 -0.93 5.74 -12.38
C GLU A 68 -0.34 4.37 -12.07
N LEU A 69 -0.02 4.17 -10.81
CA LEU A 69 0.64 2.95 -10.37
C LEU A 69 -0.38 1.97 -9.80
N TRP A 70 -0.40 0.78 -10.39
CA TRP A 70 -1.30 -0.26 -9.96
C TRP A 70 -0.51 -1.49 -9.54
N VAL A 71 -0.90 -2.09 -8.42
CA VAL A 71 -0.25 -3.31 -7.96
C VAL A 71 -1.13 -4.52 -8.29
N ALA A 72 -0.63 -5.36 -9.18
CA ALA A 72 -1.37 -6.53 -9.61
C ALA A 72 -0.89 -7.76 -8.85
N SER A 73 -1.78 -8.31 -8.04
CA SER A 73 -1.45 -9.47 -7.25
C SER A 73 -1.71 -10.74 -8.05
N PRO A 74 -0.63 -11.51 -8.35
CA PRO A 74 -0.73 -12.77 -9.12
C PRO A 74 -1.46 -13.85 -8.34
N LEU A 75 -1.88 -13.50 -7.13
CA LEU A 75 -2.69 -14.38 -6.30
C LEU A 75 -3.99 -14.73 -7.02
N LYS A 76 -4.53 -13.74 -7.74
CA LYS A 76 -5.71 -13.97 -8.57
C LYS A 76 -5.70 -13.00 -9.75
N LYS A 77 -6.53 -11.96 -9.67
CA LYS A 77 -6.61 -10.96 -10.73
C LYS A 77 -6.88 -9.59 -10.12
N GLN A 78 -6.44 -9.42 -8.89
CA GLN A 78 -6.65 -8.19 -8.15
C GLN A 78 -5.61 -7.14 -8.51
N ARG A 79 -6.07 -6.07 -9.16
CA ARG A 79 -5.20 -4.93 -9.44
C ARG A 79 -5.60 -3.78 -8.52
N PHE A 80 -4.73 -3.41 -7.61
CA PHE A 80 -5.04 -2.37 -6.65
C PHE A 80 -4.39 -1.05 -7.03
N ARG A 81 -5.17 0.01 -6.94
CA ARG A 81 -4.72 1.35 -7.30
C ARG A 81 -3.97 1.99 -6.14
N LEU A 82 -2.66 2.18 -6.31
CA LEU A 82 -1.83 2.74 -5.25
C LEU A 82 -2.11 4.22 -5.06
N SER A 83 -2.53 4.88 -6.12
CA SER A 83 -2.75 6.31 -6.12
C SER A 83 -4.09 6.69 -5.48
N ASP A 84 -4.93 5.69 -5.21
CA ASP A 84 -6.28 5.94 -4.71
C ASP A 84 -6.76 4.80 -3.82
N GLY A 85 -6.89 3.61 -4.38
CA GLY A 85 -7.33 2.47 -3.58
C GLY A 85 -8.33 1.60 -4.32
N LEU A 86 -8.91 2.17 -5.36
CA LEU A 86 -9.84 1.46 -6.23
C LEU A 86 -9.22 0.16 -6.74
N CYS A 87 -9.91 -0.96 -6.53
CA CYS A 87 -9.51 -2.21 -7.14
C CYS A 87 -10.13 -2.27 -8.53
N MET A 88 -9.36 -2.65 -9.53
CA MET A 88 -9.86 -2.64 -10.90
C MET A 88 -11.00 -3.63 -11.08
N GLU A 89 -10.94 -4.74 -10.35
CA GLU A 89 -11.96 -5.78 -10.45
C GLU A 89 -13.07 -5.55 -9.42
N ASP A 90 -12.65 -5.32 -8.19
CA ASP A 90 -13.56 -5.21 -7.04
C ASP A 90 -14.05 -3.78 -6.85
N GLU A 91 -13.77 -2.93 -7.83
CA GLU A 91 -14.04 -1.49 -7.80
C GLU A 91 -15.36 -1.09 -7.11
N GLN A 92 -16.39 -1.93 -7.19
CA GLN A 92 -17.68 -1.63 -6.55
C GLN A 92 -17.50 -1.48 -5.04
N PHE A 93 -16.51 -2.18 -4.50
CA PHE A 93 -16.21 -2.12 -3.08
C PHE A 93 -14.96 -1.29 -2.84
N SER A 94 -13.82 -1.81 -3.32
CA SER A 94 -12.51 -1.17 -3.14
C SER A 94 -12.03 -1.25 -1.68
N VAL A 95 -10.72 -1.31 -1.51
CA VAL A 95 -10.14 -1.49 -0.19
C VAL A 95 -9.79 -0.15 0.48
N LYS A 96 -9.06 -0.23 1.58
CA LYS A 96 -8.77 0.93 2.40
C LYS A 96 -7.41 1.53 2.01
N HIS A 97 -7.34 2.86 1.98
CA HIS A 97 -6.12 3.55 1.58
C HIS A 97 -5.61 4.46 2.70
N TYR A 98 -4.32 4.41 2.93
CA TYR A 98 -3.67 5.27 3.92
C TYR A 98 -2.75 6.26 3.22
N GLU A 99 -2.41 7.33 3.91
CA GLU A 99 -1.43 8.28 3.40
C GLU A 99 -0.07 8.01 4.04
N ALA A 100 0.93 7.80 3.21
CA ALA A 100 2.26 7.50 3.71
C ALA A 100 3.28 8.53 3.23
N ARG A 101 4.27 8.80 4.07
CA ARG A 101 5.34 9.72 3.69
C ARG A 101 6.65 9.31 4.35
N VAL A 102 7.74 9.83 3.84
CA VAL A 102 9.05 9.59 4.42
C VAL A 102 9.52 10.82 5.17
N LYS A 103 9.64 10.69 6.48
CA LYS A 103 10.05 11.79 7.34
C LYS A 103 11.26 11.38 8.15
N ASP A 104 12.33 12.16 8.06
CA ASP A 104 13.60 11.84 8.72
C ASP A 104 14.17 10.55 8.14
N GLY A 105 13.67 10.20 6.96
CA GLY A 105 14.04 8.94 6.34
C GLY A 105 13.20 7.79 6.87
N VAL A 106 12.08 8.12 7.51
CA VAL A 106 11.24 7.10 8.14
C VAL A 106 9.82 7.16 7.57
N VAL A 107 9.27 6.00 7.26
CA VAL A 107 7.93 5.91 6.70
C VAL A 107 6.89 6.12 7.79
N GLN A 108 6.03 7.11 7.60
CA GLN A 108 4.96 7.37 8.54
C GLN A 108 3.61 7.18 7.85
N LEU A 109 2.64 6.66 8.59
CA LEU A 109 1.31 6.40 8.05
C LEU A 109 0.27 7.32 8.69
N ARG A 110 -0.62 7.86 7.87
CA ARG A 110 -1.74 8.64 8.35
C ARG A 110 -3.05 7.99 7.89
N GLY A 111 -3.88 7.61 8.85
CA GLY A 111 -5.15 7.00 8.53
C GLY A 111 -6.11 7.04 9.70
N GLY A 112 -6.88 5.98 9.86
CA GLY A 112 -7.84 5.89 10.95
C GLY A 112 -8.38 4.49 11.11
N SER A 113 -9.38 4.34 11.97
CA SER A 113 -9.99 3.03 12.20
C SER A 113 -10.79 2.58 10.98
N MET A 4 -5.61 14.64 16.03
CA MET A 4 -5.29 15.47 14.84
C MET A 4 -4.46 14.67 13.85
N SER A 5 -3.17 14.52 14.12
CA SER A 5 -2.30 13.76 13.23
C SER A 5 -1.36 12.85 14.01
N GLN A 6 -1.62 11.56 13.95
CA GLN A 6 -0.74 10.58 14.54
C GLN A 6 0.03 9.86 13.45
N TRP A 7 1.20 10.39 13.11
CA TRP A 7 2.04 9.77 12.10
C TRP A 7 2.94 8.72 12.73
N LYS A 8 2.55 7.46 12.62
CA LYS A 8 3.32 6.37 13.17
C LYS A 8 4.49 6.03 12.24
N ASP A 9 5.68 5.96 12.80
CA ASP A 9 6.85 5.54 12.04
C ASP A 9 6.87 4.02 11.95
N ILE A 10 6.98 3.52 10.74
CA ILE A 10 6.99 2.08 10.51
C ILE A 10 8.42 1.58 10.47
N CYS A 11 9.14 1.96 9.43
CA CYS A 11 10.52 1.57 9.25
C CYS A 11 11.23 2.59 8.38
N LYS A 12 12.55 2.53 8.34
CA LYS A 12 13.32 3.45 7.51
C LYS A 12 13.05 3.16 6.05
N ILE A 13 13.17 4.19 5.21
CA ILE A 13 12.89 4.06 3.78
C ILE A 13 13.80 3.01 3.13
N ASP A 14 14.92 2.74 3.79
CA ASP A 14 15.90 1.76 3.31
C ASP A 14 15.36 0.34 3.42
N ASP A 15 14.35 0.16 4.26
CA ASP A 15 13.74 -1.16 4.45
C ASP A 15 12.87 -1.52 3.25
N ILE A 16 12.35 -0.49 2.59
CA ILE A 16 11.48 -0.66 1.44
C ILE A 16 12.19 -0.19 0.18
N LEU A 17 12.73 -1.12 -0.58
CA LEU A 17 13.41 -0.79 -1.82
C LEU A 17 12.40 -0.33 -2.87
N PRO A 18 12.86 0.34 -3.94
CA PRO A 18 11.99 0.73 -5.05
C PRO A 18 11.34 -0.48 -5.71
N GLU A 19 10.11 -0.29 -6.22
CA GLU A 19 9.34 -1.36 -6.84
C GLU A 19 9.02 -2.47 -5.83
N THR A 20 8.97 -2.11 -4.55
CA THR A 20 8.78 -3.11 -3.50
C THR A 20 7.56 -2.80 -2.64
N GLY A 21 6.88 -3.84 -2.17
CA GLY A 21 5.76 -3.67 -1.27
C GLY A 21 5.96 -4.45 0.02
N VAL A 22 5.76 -3.79 1.15
CA VAL A 22 5.94 -4.43 2.44
C VAL A 22 4.63 -4.44 3.24
N CYS A 23 4.66 -5.07 4.39
CA CYS A 23 3.49 -5.14 5.26
C CYS A 23 3.79 -4.52 6.61
N ALA A 24 2.82 -3.80 7.15
CA ALA A 24 2.96 -3.16 8.45
C ALA A 24 1.62 -3.16 9.20
N LEU A 25 1.61 -2.56 10.37
CA LEU A 25 0.40 -2.49 11.18
C LEU A 25 0.16 -1.06 11.63
N LEU A 26 -1.05 -0.55 11.39
CA LEU A 26 -1.40 0.78 11.81
C LEU A 26 -2.69 0.77 12.62
N GLY A 27 -2.58 1.06 13.90
CA GLY A 27 -3.73 1.07 14.77
C GLY A 27 -4.14 -0.33 15.18
N ASP A 28 -5.06 -0.91 14.43
CA ASP A 28 -5.55 -2.26 14.73
C ASP A 28 -5.42 -3.16 13.52
N GLU A 29 -5.43 -2.56 12.34
CA GLU A 29 -5.52 -3.33 11.10
C GLU A 29 -4.19 -3.36 10.36
N GLN A 30 -4.10 -4.24 9.38
CA GLN A 30 -2.86 -4.47 8.66
C GLN A 30 -2.81 -3.59 7.42
N VAL A 31 -1.69 -2.92 7.25
CA VAL A 31 -1.50 -1.97 6.17
C VAL A 31 -0.41 -2.45 5.22
N ALA A 32 -0.65 -2.30 3.93
CA ALA A 32 0.33 -2.65 2.93
C ALA A 32 1.01 -1.40 2.40
N ILE A 33 2.33 -1.32 2.56
CA ILE A 33 3.08 -0.14 2.14
C ILE A 33 3.86 -0.45 0.88
N PHE A 34 3.51 0.22 -0.20
CA PHE A 34 4.18 0.00 -1.47
C PHE A 34 5.00 1.21 -1.86
N ARG A 35 6.24 0.97 -2.22
CA ARG A 35 7.10 2.01 -2.75
C ARG A 35 7.40 1.70 -4.20
N PRO A 36 6.69 2.37 -5.10
CA PRO A 36 6.85 2.17 -6.54
C PRO A 36 8.07 2.91 -7.09
N TYR A 37 8.29 4.12 -6.59
CA TYR A 37 9.32 4.97 -7.15
C TYR A 37 10.65 4.77 -6.44
N HIS A 38 11.72 5.20 -7.10
CA HIS A 38 13.05 5.21 -6.51
C HIS A 38 13.18 6.38 -5.55
N SER A 39 12.20 7.27 -5.62
CA SER A 39 12.15 8.44 -4.76
C SER A 39 11.46 8.10 -3.43
N ASP A 40 11.10 9.13 -2.68
CA ASP A 40 10.52 8.96 -1.35
C ASP A 40 8.99 8.94 -1.43
N GLN A 41 8.45 8.45 -2.54
CA GLN A 41 7.01 8.36 -2.71
C GLN A 41 6.51 6.96 -2.37
N VAL A 42 5.78 6.87 -1.27
CA VAL A 42 5.22 5.60 -0.83
C VAL A 42 3.70 5.71 -0.71
N PHE A 43 3.01 4.59 -0.91
CA PHE A 43 1.57 4.54 -0.81
C PHE A 43 1.14 3.41 0.11
N ALA A 44 0.15 3.66 0.95
CA ALA A 44 -0.30 2.67 1.92
C ALA A 44 -1.78 2.39 1.81
N ILE A 45 -2.13 1.12 1.67
CA ILE A 45 -3.52 0.69 1.58
C ILE A 45 -3.76 -0.48 2.53
N SER A 46 -4.96 -1.03 2.50
CA SER A 46 -5.27 -2.20 3.30
C SER A 46 -4.51 -3.42 2.75
N ASN A 47 -3.99 -4.25 3.64
CA ASN A 47 -3.10 -5.35 3.24
C ASN A 47 -3.88 -6.61 2.87
N ILE A 48 -5.20 -6.56 3.00
CA ILE A 48 -6.01 -7.75 2.79
C ILE A 48 -6.92 -7.62 1.57
N ASP A 49 -6.84 -8.62 0.69
CA ASP A 49 -7.71 -8.70 -0.48
C ASP A 49 -9.00 -9.43 -0.14
N PRO A 50 -10.16 -8.83 -0.45
CA PRO A 50 -11.45 -9.41 -0.13
C PRO A 50 -11.99 -10.38 -1.18
N PHE A 51 -11.31 -10.46 -2.33
CA PHE A 51 -11.77 -11.33 -3.42
C PHE A 51 -11.40 -12.78 -3.17
N PHE A 52 -10.11 -13.04 -3.08
CA PHE A 52 -9.63 -14.42 -2.94
C PHE A 52 -9.01 -14.63 -1.56
N GLU A 53 -9.22 -13.65 -0.70
CA GLU A 53 -8.72 -13.67 0.67
C GLU A 53 -7.20 -13.74 0.70
N SER A 54 -6.57 -12.62 0.36
CA SER A 54 -5.12 -12.54 0.39
C SER A 54 -4.69 -11.79 1.64
N SER A 55 -3.97 -12.49 2.51
CA SER A 55 -3.57 -11.92 3.80
C SER A 55 -2.50 -10.85 3.62
N VAL A 56 -1.68 -11.01 2.61
CA VAL A 56 -0.66 -10.02 2.29
C VAL A 56 -0.72 -9.61 0.82
N LEU A 57 -0.87 -8.32 0.58
CA LEU A 57 -0.83 -7.79 -0.79
C LEU A 57 0.59 -7.42 -1.17
N SER A 58 1.47 -7.47 -0.17
CA SER A 58 2.89 -7.16 -0.36
C SER A 58 3.55 -8.16 -1.29
N ARG A 59 2.88 -9.29 -1.52
CA ARG A 59 3.41 -10.33 -2.38
C ARG A 59 2.91 -10.12 -3.82
N GLY A 60 2.86 -8.87 -4.24
CA GLY A 60 2.42 -8.54 -5.58
C GLY A 60 3.33 -7.54 -6.25
N LEU A 61 3.29 -7.49 -7.57
CA LEU A 61 4.17 -6.61 -8.33
C LEU A 61 3.44 -5.33 -8.72
N ILE A 62 4.18 -4.23 -8.76
CA ILE A 62 3.61 -2.94 -9.12
C ILE A 62 3.77 -2.68 -10.61
N ALA A 63 2.66 -2.71 -11.33
CA ALA A 63 2.68 -2.53 -12.77
C ALA A 63 1.86 -1.31 -13.16
N GLU A 64 2.50 -0.37 -13.84
CA GLU A 64 1.84 0.86 -14.23
C GLU A 64 0.88 0.60 -15.39
N HIS A 65 -0.34 1.07 -15.24
CA HIS A 65 -1.36 0.88 -16.26
C HIS A 65 -2.12 2.17 -16.51
N GLN A 66 -2.01 2.69 -17.73
CA GLN A 66 -2.71 3.89 -18.15
C GLN A 66 -2.28 5.11 -17.35
N GLY A 67 -1.09 5.04 -16.76
CA GLY A 67 -0.57 6.15 -15.99
C GLY A 67 -0.71 5.94 -14.49
N GLU A 68 -1.56 5.00 -14.10
CA GLU A 68 -1.81 4.74 -12.70
C GLU A 68 -1.02 3.53 -12.22
N LEU A 69 -0.64 3.55 -10.96
CA LEU A 69 0.13 2.47 -10.38
C LEU A 69 -0.78 1.41 -9.80
N TRP A 70 -0.84 0.26 -10.47
CA TRP A 70 -1.66 -0.84 -10.03
C TRP A 70 -0.78 -1.98 -9.52
N VAL A 71 -1.10 -2.48 -8.34
CA VAL A 71 -0.39 -3.63 -7.81
C VAL A 71 -1.19 -4.89 -8.12
N ALA A 72 -0.54 -5.84 -8.78
CA ALA A 72 -1.20 -7.06 -9.20
C ALA A 72 -0.82 -8.22 -8.28
N SER A 73 -1.81 -8.85 -7.69
CA SER A 73 -1.58 -9.99 -6.81
C SER A 73 -1.51 -11.28 -7.64
N PRO A 74 -0.32 -11.89 -7.72
CA PRO A 74 -0.09 -13.12 -8.49
C PRO A 74 -0.74 -14.35 -7.85
N LEU A 75 -1.38 -14.14 -6.70
CA LEU A 75 -2.12 -15.21 -6.03
C LEU A 75 -3.26 -15.68 -6.94
N LYS A 76 -3.79 -14.73 -7.70
CA LYS A 76 -4.76 -15.02 -8.75
C LYS A 76 -4.62 -13.97 -9.84
N LYS A 77 -5.12 -12.77 -9.55
CA LYS A 77 -4.93 -11.58 -10.38
C LYS A 77 -5.84 -10.45 -9.90
N GLN A 78 -5.50 -9.89 -8.74
CA GLN A 78 -6.25 -8.77 -8.20
C GLN A 78 -5.51 -7.47 -8.49
N ARG A 79 -6.25 -6.40 -8.75
CA ARG A 79 -5.67 -5.13 -9.16
C ARG A 79 -6.05 -4.01 -8.19
N PHE A 80 -5.06 -3.47 -7.50
CA PHE A 80 -5.29 -2.37 -6.58
C PHE A 80 -4.56 -1.11 -7.04
N ARG A 81 -5.25 0.01 -6.96
CA ARG A 81 -4.73 1.30 -7.40
C ARG A 81 -4.07 2.03 -6.23
N LEU A 82 -2.75 1.98 -6.19
CA LEU A 82 -1.98 2.52 -5.07
C LEU A 82 -2.17 4.02 -4.91
N SER A 83 -2.26 4.70 -6.04
CA SER A 83 -2.30 6.16 -6.08
C SER A 83 -3.43 6.75 -5.23
N ASP A 84 -4.57 6.06 -5.18
CA ASP A 84 -5.73 6.59 -4.46
C ASP A 84 -6.27 5.60 -3.44
N GLY A 85 -6.01 4.31 -3.66
CA GLY A 85 -6.49 3.30 -2.73
C GLY A 85 -7.66 2.53 -3.30
N LEU A 86 -8.06 2.90 -4.50
CA LEU A 86 -9.17 2.25 -5.19
C LEU A 86 -8.79 0.84 -5.61
N CYS A 87 -9.79 -0.03 -5.68
CA CYS A 87 -9.60 -1.35 -6.26
C CYS A 87 -10.29 -1.37 -7.61
N MET A 88 -9.72 -2.10 -8.57
CA MET A 88 -10.27 -2.12 -9.92
C MET A 88 -11.65 -2.78 -9.93
N GLU A 89 -11.72 -4.02 -9.45
CA GLU A 89 -12.97 -4.75 -9.45
C GLU A 89 -13.88 -4.34 -8.29
N ASP A 90 -13.27 -3.95 -7.18
CA ASP A 90 -14.03 -3.62 -5.96
C ASP A 90 -14.30 -2.12 -5.88
N GLU A 91 -14.03 -1.41 -6.98
CA GLU A 91 -14.13 0.06 -7.05
C GLU A 91 -15.35 0.64 -6.32
N GLN A 92 -16.42 -0.13 -6.21
CA GLN A 92 -17.62 0.30 -5.50
C GLN A 92 -17.29 0.76 -4.08
N PHE A 93 -16.47 -0.02 -3.38
CA PHE A 93 -16.11 0.29 -1.99
C PHE A 93 -14.60 0.36 -1.85
N SER A 94 -13.92 -0.73 -2.22
CA SER A 94 -12.46 -0.80 -2.21
C SER A 94 -11.90 -0.80 -0.78
N VAL A 95 -10.59 -0.72 -0.67
CA VAL A 95 -9.91 -0.77 0.62
C VAL A 95 -9.65 0.63 1.16
N LYS A 96 -9.14 0.70 2.37
CA LYS A 96 -8.86 1.97 3.02
C LYS A 96 -7.44 2.43 2.71
N HIS A 97 -7.33 3.58 2.06
CA HIS A 97 -6.04 4.18 1.74
C HIS A 97 -5.61 5.10 2.87
N TYR A 98 -4.42 4.88 3.38
CA TYR A 98 -3.91 5.68 4.50
C TYR A 98 -3.02 6.80 3.98
N GLU A 99 -2.73 7.76 4.85
CA GLU A 99 -1.88 8.88 4.48
C GLU A 99 -0.43 8.52 4.80
N ALA A 100 0.40 8.44 3.78
CA ALA A 100 1.77 7.99 3.95
C ALA A 100 2.77 9.00 3.39
N ARG A 101 3.95 9.03 3.98
CA ARG A 101 5.06 9.83 3.48
C ARG A 101 6.35 9.39 4.16
N VAL A 102 7.47 9.89 3.67
CA VAL A 102 8.76 9.58 4.27
C VAL A 102 9.27 10.76 5.08
N LYS A 103 9.30 10.60 6.40
CA LYS A 103 9.72 11.65 7.30
C LYS A 103 11.09 11.34 7.86
N ASP A 104 12.07 12.18 7.55
CA ASP A 104 13.45 12.02 8.03
C ASP A 104 14.06 10.74 7.49
N GLY A 105 13.46 10.21 6.44
CA GLY A 105 13.91 8.95 5.88
C GLY A 105 13.21 7.77 6.50
N VAL A 106 12.14 8.03 7.24
CA VAL A 106 11.37 6.97 7.88
C VAL A 106 9.96 6.94 7.31
N VAL A 107 9.44 5.75 7.05
CA VAL A 107 8.10 5.60 6.50
C VAL A 107 7.05 5.87 7.57
N GLN A 108 6.20 6.87 7.32
CA GLN A 108 5.21 7.31 8.29
C GLN A 108 3.80 7.08 7.76
N LEU A 109 2.93 6.58 8.62
CA LEU A 109 1.54 6.36 8.25
C LEU A 109 0.61 7.12 9.19
N ARG A 110 -0.31 7.89 8.63
CA ARG A 110 -1.34 8.55 9.42
C ARG A 110 -2.70 7.92 9.15
N GLY A 111 -3.29 7.39 10.21
CA GLY A 111 -4.63 6.86 10.14
C GLY A 111 -5.37 7.12 11.43
N GLY A 112 -6.14 6.14 11.87
CA GLY A 112 -6.85 6.27 13.13
C GLY A 112 -8.33 6.50 12.92
N SER A 113 -9.08 5.41 12.81
CA SER A 113 -10.51 5.47 12.65
C SER A 113 -11.20 5.19 13.99
N MET A 4 -6.47 7.72 16.66
CA MET A 4 -5.29 8.60 16.77
C MET A 4 -4.72 8.91 15.38
N SER A 5 -4.71 10.18 15.01
CA SER A 5 -4.18 10.59 13.72
C SER A 5 -2.69 10.93 13.81
N GLN A 6 -2.08 10.58 14.94
CA GLN A 6 -0.65 10.76 15.10
C GLN A 6 0.10 9.89 14.11
N TRP A 7 0.79 10.54 13.18
CA TRP A 7 1.54 9.85 12.15
C TRP A 7 2.49 8.82 12.75
N LYS A 8 2.15 7.56 12.55
CA LYS A 8 2.88 6.45 13.13
C LYS A 8 4.17 6.17 12.36
N ASP A 9 5.30 6.43 13.00
CA ASP A 9 6.60 6.01 12.47
C ASP A 9 6.65 4.50 12.38
N ILE A 10 6.68 4.00 11.15
CA ILE A 10 6.72 2.56 10.92
C ILE A 10 8.16 2.06 10.89
N CYS A 11 8.82 2.34 9.77
CA CYS A 11 10.20 1.94 9.57
C CYS A 11 10.86 2.95 8.64
N LYS A 12 12.16 2.83 8.45
CA LYS A 12 12.87 3.72 7.55
C LYS A 12 12.66 3.29 6.11
N ILE A 13 12.53 4.26 5.21
CA ILE A 13 12.36 3.98 3.79
C ILE A 13 13.67 3.45 3.20
N ASP A 14 14.71 3.48 4.02
CA ASP A 14 16.01 2.93 3.65
C ASP A 14 15.94 1.42 3.57
N ASP A 15 14.99 0.83 4.31
CA ASP A 15 14.81 -0.61 4.31
C ASP A 15 13.99 -1.05 3.10
N ILE A 16 12.91 -0.32 2.85
CA ILE A 16 12.00 -0.64 1.76
C ILE A 16 12.60 -0.20 0.42
N LEU A 17 13.05 -1.17 -0.36
CA LEU A 17 13.65 -0.92 -1.66
C LEU A 17 12.58 -0.46 -2.66
N PRO A 18 13.00 0.11 -3.81
CA PRO A 18 12.07 0.48 -4.88
C PRO A 18 11.29 -0.72 -5.40
N GLU A 19 10.03 -0.48 -5.78
CA GLU A 19 9.14 -1.52 -6.30
C GLU A 19 8.87 -2.59 -5.25
N THR A 20 8.96 -2.22 -3.97
CA THR A 20 8.83 -3.18 -2.90
C THR A 20 7.64 -2.86 -2.00
N GLY A 21 6.91 -3.89 -1.62
CA GLY A 21 5.82 -3.75 -0.68
C GLY A 21 6.06 -4.56 0.57
N VAL A 22 5.79 -3.97 1.72
CA VAL A 22 6.03 -4.64 3.00
C VAL A 22 4.74 -4.74 3.80
N CYS A 23 4.77 -5.56 4.85
CA CYS A 23 3.63 -5.73 5.73
C CYS A 23 3.94 -5.17 7.11
N ALA A 24 3.32 -4.04 7.44
CA ALA A 24 3.59 -3.35 8.70
C ALA A 24 2.39 -3.46 9.64
N LEU A 25 2.52 -2.87 10.82
CA LEU A 25 1.43 -2.88 11.79
C LEU A 25 1.07 -1.43 12.16
N LEU A 26 -0.20 -1.10 12.04
CA LEU A 26 -0.70 0.22 12.38
C LEU A 26 -1.81 0.09 13.41
N GLY A 27 -1.48 0.33 14.66
CA GLY A 27 -2.44 0.20 15.74
C GLY A 27 -2.80 -1.25 16.01
N ASP A 28 -3.79 -1.74 15.29
CA ASP A 28 -4.21 -3.13 15.40
C ASP A 28 -4.21 -3.82 14.04
N GLU A 29 -4.33 -3.03 12.98
CA GLU A 29 -4.43 -3.56 11.63
C GLU A 29 -3.05 -3.70 10.99
N GLN A 30 -2.96 -4.55 9.97
CA GLN A 30 -1.73 -4.70 9.23
C GLN A 30 -1.83 -3.97 7.89
N VAL A 31 -0.87 -3.08 7.66
CA VAL A 31 -0.89 -2.22 6.49
C VAL A 31 0.21 -2.61 5.52
N ALA A 32 -0.13 -2.66 4.24
CA ALA A 32 0.83 -2.96 3.20
C ALA A 32 1.40 -1.65 2.65
N ILE A 33 2.70 -1.47 2.85
CA ILE A 33 3.35 -0.25 2.42
C ILE A 33 4.13 -0.50 1.13
N PHE A 34 3.78 0.21 0.08
CA PHE A 34 4.40 0.01 -1.20
C PHE A 34 5.24 1.22 -1.60
N ARG A 35 6.51 0.99 -1.87
CA ARG A 35 7.36 2.00 -2.46
C ARG A 35 7.49 1.70 -3.95
N PRO A 36 6.72 2.40 -4.78
CA PRO A 36 6.67 2.15 -6.22
C PRO A 36 7.75 2.89 -7.00
N TYR A 37 8.13 4.06 -6.52
CA TYR A 37 9.12 4.88 -7.20
C TYR A 37 10.49 4.72 -6.55
N HIS A 38 11.50 5.34 -7.15
CA HIS A 38 12.85 5.28 -6.61
C HIS A 38 13.02 6.40 -5.58
N SER A 39 12.15 7.39 -5.66
CA SER A 39 12.14 8.50 -4.72
C SER A 39 11.40 8.09 -3.44
N ASP A 40 11.05 9.08 -2.61
CA ASP A 40 10.39 8.82 -1.33
C ASP A 40 8.88 8.85 -1.46
N GLN A 41 8.39 8.74 -2.69
CA GLN A 41 6.95 8.72 -2.94
C GLN A 41 6.41 7.32 -2.68
N VAL A 42 5.67 7.15 -1.59
CA VAL A 42 5.17 5.83 -1.20
C VAL A 42 3.67 5.85 -0.97
N PHE A 43 3.08 4.67 -0.95
CA PHE A 43 1.64 4.52 -0.72
C PHE A 43 1.40 3.38 0.26
N ALA A 44 0.29 3.43 1.00
CA ALA A 44 -0.02 2.40 1.98
C ALA A 44 -1.50 2.09 2.01
N ILE A 45 -1.82 0.81 1.94
CA ILE A 45 -3.20 0.35 1.95
C ILE A 45 -3.34 -0.92 2.79
N SER A 46 -4.57 -1.41 2.94
CA SER A 46 -4.82 -2.61 3.74
C SER A 46 -4.09 -3.81 3.15
N ASN A 47 -3.30 -4.48 3.99
CA ASN A 47 -2.49 -5.62 3.56
C ASN A 47 -3.38 -6.81 3.23
N ILE A 48 -4.39 -7.06 4.05
CA ILE A 48 -5.30 -8.16 3.82
C ILE A 48 -6.45 -7.70 2.94
N ASP A 49 -6.52 -8.25 1.74
CA ASP A 49 -7.64 -8.03 0.85
C ASP A 49 -8.86 -8.75 1.40
N PRO A 50 -9.93 -8.00 1.69
CA PRO A 50 -11.12 -8.53 2.34
C PRO A 50 -12.14 -9.11 1.37
N PHE A 51 -11.91 -8.94 0.07
CA PHE A 51 -12.86 -9.42 -0.91
C PHE A 51 -12.51 -10.84 -1.35
N PHE A 52 -11.29 -11.02 -1.83
CA PHE A 52 -10.86 -12.31 -2.37
C PHE A 52 -10.13 -13.10 -1.29
N GLU A 53 -9.85 -12.43 -0.17
CA GLU A 53 -9.08 -12.98 0.94
C GLU A 53 -7.63 -13.18 0.54
N SER A 54 -6.91 -12.09 0.45
CA SER A 54 -5.48 -12.14 0.23
C SER A 54 -4.78 -11.73 1.52
N SER A 55 -4.06 -12.68 2.14
CA SER A 55 -3.41 -12.43 3.40
C SER A 55 -2.24 -11.47 3.24
N VAL A 56 -1.62 -11.49 2.07
CA VAL A 56 -0.54 -10.57 1.76
C VAL A 56 -0.86 -9.81 0.48
N LEU A 57 -0.88 -8.49 0.55
CA LEU A 57 -1.05 -7.67 -0.64
C LEU A 57 0.33 -7.32 -1.19
N SER A 58 1.32 -7.37 -0.31
CA SER A 58 2.69 -7.08 -0.66
C SER A 58 3.28 -8.16 -1.58
N ARG A 59 2.52 -9.25 -1.75
CA ARG A 59 2.94 -10.36 -2.61
C ARG A 59 2.43 -10.13 -4.05
N GLY A 60 2.51 -8.90 -4.50
CA GLY A 60 1.99 -8.56 -5.81
C GLY A 60 2.96 -7.70 -6.59
N LEU A 61 2.73 -7.60 -7.89
CA LEU A 61 3.64 -6.88 -8.77
C LEU A 61 3.04 -5.57 -9.24
N ILE A 62 3.89 -4.60 -9.52
CA ILE A 62 3.45 -3.31 -10.00
C ILE A 62 3.49 -3.30 -11.52
N ALA A 63 2.32 -3.18 -12.14
CA ALA A 63 2.21 -3.21 -13.59
C ALA A 63 1.70 -1.89 -14.13
N GLU A 64 2.22 -1.51 -15.28
CA GLU A 64 1.86 -0.25 -15.92
C GLU A 64 0.54 -0.42 -16.69
N HIS A 65 -0.04 0.69 -17.13
CA HIS A 65 -1.28 0.67 -17.91
C HIS A 65 -1.21 1.71 -19.03
N GLN A 66 -0.98 2.96 -18.67
CA GLN A 66 -0.87 4.06 -19.63
C GLN A 66 -0.33 5.31 -18.95
N GLY A 67 0.50 5.10 -17.95
CA GLY A 67 0.97 6.19 -17.11
C GLY A 67 0.46 6.03 -15.70
N GLU A 68 0.27 4.79 -15.29
CA GLU A 68 -0.32 4.48 -14.00
C GLU A 68 0.42 3.31 -13.35
N LEU A 69 0.42 3.29 -12.03
CA LEU A 69 1.03 2.18 -11.32
C LEU A 69 -0.04 1.36 -10.61
N TRP A 70 -0.36 0.23 -11.20
CA TRP A 70 -1.35 -0.67 -10.63
C TRP A 70 -0.66 -1.86 -9.97
N VAL A 71 -1.12 -2.25 -8.80
CA VAL A 71 -0.59 -3.41 -8.13
C VAL A 71 -1.47 -4.62 -8.42
N ALA A 72 -0.89 -5.62 -9.05
CA ALA A 72 -1.63 -6.80 -9.46
C ALA A 72 -1.38 -7.96 -8.50
N SER A 73 -2.45 -8.46 -7.91
CA SER A 73 -2.37 -9.62 -7.04
C SER A 73 -2.37 -10.89 -7.88
N PRO A 74 -1.23 -11.60 -7.95
CA PRO A 74 -1.06 -12.81 -8.75
C PRO A 74 -1.87 -13.98 -8.19
N LEU A 75 -2.44 -13.78 -7.01
CA LEU A 75 -3.28 -14.78 -6.37
C LEU A 75 -4.54 -14.99 -7.20
N LYS A 76 -4.94 -13.94 -7.91
CA LYS A 76 -6.08 -14.00 -8.83
C LYS A 76 -5.74 -13.27 -10.11
N LYS A 77 -6.09 -11.98 -10.17
CA LYS A 77 -5.80 -11.12 -11.32
C LYS A 77 -6.22 -9.69 -11.02
N GLN A 78 -6.32 -9.38 -9.73
CA GLN A 78 -6.87 -8.11 -9.29
C GLN A 78 -5.80 -7.01 -9.34
N ARG A 79 -6.13 -5.90 -9.98
CA ARG A 79 -5.23 -4.75 -10.06
C ARG A 79 -5.80 -3.57 -9.28
N PHE A 80 -5.03 -3.08 -8.33
CA PHE A 80 -5.44 -1.95 -7.51
C PHE A 80 -4.60 -0.72 -7.83
N ARG A 81 -5.23 0.45 -7.80
CA ARG A 81 -4.52 1.70 -8.02
C ARG A 81 -4.00 2.22 -6.68
N LEU A 82 -2.68 2.26 -6.54
CA LEU A 82 -2.02 2.56 -5.27
C LEU A 82 -2.48 3.89 -4.65
N SER A 83 -2.83 4.85 -5.49
CA SER A 83 -3.15 6.19 -5.02
C SER A 83 -4.43 6.21 -4.17
N ASP A 84 -5.44 5.45 -4.58
CA ASP A 84 -6.72 5.46 -3.88
C ASP A 84 -6.95 4.15 -3.14
N GLY A 85 -6.20 3.13 -3.49
CA GLY A 85 -6.49 1.79 -3.01
C GLY A 85 -7.71 1.25 -3.70
N LEU A 86 -7.93 1.75 -4.91
CA LEU A 86 -9.12 1.42 -5.69
C LEU A 86 -8.87 0.20 -6.56
N CYS A 87 -9.83 -0.70 -6.60
CA CYS A 87 -9.74 -1.84 -7.49
C CYS A 87 -10.29 -1.44 -8.85
N MET A 88 -9.74 -2.02 -9.90
CA MET A 88 -10.10 -1.65 -11.27
C MET A 88 -11.60 -1.82 -11.53
N GLU A 89 -12.09 -3.05 -11.54
CA GLU A 89 -13.50 -3.31 -11.85
C GLU A 89 -14.35 -3.34 -10.58
N ASP A 90 -13.66 -3.52 -9.45
CA ASP A 90 -14.32 -3.68 -8.16
C ASP A 90 -14.40 -2.37 -7.41
N GLU A 91 -14.08 -1.29 -8.10
CA GLU A 91 -13.90 0.06 -7.53
C GLU A 91 -14.81 0.40 -6.33
N GLN A 92 -16.08 0.03 -6.37
CA GLN A 92 -16.99 0.35 -5.25
C GLN A 92 -16.59 -0.40 -3.97
N PHE A 93 -16.04 -1.60 -4.15
CA PHE A 93 -15.66 -2.45 -3.04
C PHE A 93 -14.14 -2.50 -2.88
N SER A 94 -13.51 -1.34 -3.02
CA SER A 94 -12.05 -1.25 -2.94
C SER A 94 -11.54 -1.44 -1.51
N VAL A 95 -10.22 -1.41 -1.35
CA VAL A 95 -9.61 -1.70 -0.05
C VAL A 95 -9.43 -0.43 0.77
N LYS A 96 -8.79 -0.57 1.92
CA LYS A 96 -8.64 0.52 2.87
C LYS A 96 -7.37 1.31 2.57
N HIS A 97 -7.52 2.62 2.37
CA HIS A 97 -6.41 3.47 2.00
C HIS A 97 -5.99 4.36 3.17
N TYR A 98 -4.70 4.35 3.48
CA TYR A 98 -4.15 5.17 4.56
C TYR A 98 -3.34 6.33 3.96
N GLU A 99 -3.00 7.30 4.79
CA GLU A 99 -2.16 8.41 4.36
C GLU A 99 -0.71 8.13 4.72
N ALA A 100 0.18 8.33 3.75
CA ALA A 100 1.59 8.00 3.93
C ALA A 100 2.49 9.21 3.68
N ARG A 101 3.59 9.27 4.41
CA ARG A 101 4.59 10.31 4.21
C ARG A 101 5.96 9.83 4.70
N VAL A 102 7.01 10.44 4.20
CA VAL A 102 8.35 10.10 4.63
C VAL A 102 8.93 11.19 5.54
N LYS A 103 9.11 10.83 6.80
CA LYS A 103 9.62 11.73 7.83
C LYS A 103 11.13 11.62 7.91
N ASP A 104 11.83 12.46 7.13
CA ASP A 104 13.29 12.50 7.14
C ASP A 104 13.90 11.14 6.80
N GLY A 105 13.12 10.30 6.12
CA GLY A 105 13.58 8.97 5.78
C GLY A 105 12.81 7.88 6.51
N VAL A 106 11.96 8.28 7.44
CA VAL A 106 11.15 7.33 8.21
C VAL A 106 9.70 7.33 7.70
N VAL A 107 9.16 6.17 7.40
CA VAL A 107 7.81 6.07 6.88
C VAL A 107 6.78 6.30 7.99
N GLN A 108 5.92 7.29 7.80
CA GLN A 108 4.85 7.56 8.76
C GLN A 108 3.50 7.38 8.11
N LEU A 109 2.54 6.87 8.86
CA LEU A 109 1.20 6.63 8.35
C LEU A 109 0.14 7.25 9.26
N ARG A 110 -0.88 7.83 8.64
CA ARG A 110 -2.05 8.29 9.38
C ARG A 110 -3.25 7.46 8.98
N GLY A 111 -3.76 6.69 9.92
CA GLY A 111 -4.89 5.83 9.65
C GLY A 111 -6.04 6.09 10.58
N GLY A 112 -7.21 5.56 10.23
CA GLY A 112 -8.39 5.75 11.05
C GLY A 112 -8.45 4.77 12.21
N SER A 113 -7.54 4.92 13.14
CA SER A 113 -7.52 4.08 14.33
C SER A 113 -7.37 4.94 15.58
N MET A 4 -7.98 11.09 16.21
CA MET A 4 -6.78 11.94 15.95
C MET A 4 -5.93 11.31 14.86
N SER A 5 -4.92 12.03 14.41
CA SER A 5 -4.02 11.53 13.37
C SER A 5 -2.85 10.80 14.00
N GLN A 6 -2.83 9.48 13.84
CA GLN A 6 -1.72 8.68 14.33
C GLN A 6 -0.69 8.47 13.23
N TRP A 7 0.38 9.24 13.26
CA TRP A 7 1.48 9.05 12.33
C TRP A 7 2.49 8.09 12.93
N LYS A 8 2.38 6.82 12.58
CA LYS A 8 3.25 5.80 13.14
C LYS A 8 4.49 5.63 12.29
N ASP A 9 5.65 5.81 12.91
CA ASP A 9 6.93 5.60 12.24
C ASP A 9 7.12 4.11 11.97
N ILE A 10 7.10 3.72 10.71
CA ILE A 10 7.25 2.32 10.34
C ILE A 10 8.72 1.94 10.33
N CYS A 11 9.42 2.47 9.36
CA CYS A 11 10.85 2.28 9.21
C CYS A 11 11.39 3.36 8.30
N LYS A 12 12.68 3.39 8.08
CA LYS A 12 13.27 4.42 7.25
C LYS A 12 13.13 4.08 5.78
N ILE A 13 13.22 5.10 4.93
CA ILE A 13 13.08 4.93 3.49
C ILE A 13 14.23 4.12 2.91
N ASP A 14 15.25 3.91 3.73
CA ASP A 14 16.40 3.10 3.34
C ASP A 14 16.05 1.61 3.43
N ASP A 15 15.04 1.30 4.24
CA ASP A 15 14.63 -0.08 4.46
C ASP A 15 13.78 -0.60 3.32
N ILE A 16 12.78 0.17 2.97
CA ILE A 16 11.90 -0.18 1.86
C ILE A 16 12.47 0.33 0.56
N LEU A 17 13.09 -0.57 -0.19
CA LEU A 17 13.73 -0.21 -1.44
C LEU A 17 12.71 0.01 -2.55
N PRO A 18 13.12 0.59 -3.69
CA PRO A 18 12.25 0.74 -4.86
C PRO A 18 11.70 -0.59 -5.34
N GLU A 19 10.46 -0.58 -5.81
CA GLU A 19 9.77 -1.78 -6.29
C GLU A 19 9.63 -2.81 -5.17
N THR A 20 9.44 -2.33 -3.95
CA THR A 20 9.34 -3.21 -2.81
C THR A 20 8.05 -2.96 -2.02
N GLY A 21 7.40 -4.03 -1.63
CA GLY A 21 6.22 -3.92 -0.80
C GLY A 21 6.41 -4.63 0.51
N VAL A 22 5.94 -4.02 1.59
CA VAL A 22 6.13 -4.58 2.92
C VAL A 22 4.80 -4.63 3.68
N CYS A 23 4.68 -5.62 4.55
CA CYS A 23 3.49 -5.74 5.38
C CYS A 23 3.74 -5.16 6.75
N ALA A 24 3.05 -4.07 7.05
CA ALA A 24 3.18 -3.40 8.33
C ALA A 24 1.88 -3.50 9.12
N LEU A 25 1.87 -2.93 10.32
CA LEU A 25 0.70 -2.98 11.17
C LEU A 25 0.34 -1.60 11.69
N LEU A 26 -0.89 -1.19 11.45
CA LEU A 26 -1.40 0.06 12.00
C LEU A 26 -2.56 -0.26 12.94
N GLY A 27 -2.38 0.01 14.22
CA GLY A 27 -3.34 -0.41 15.20
C GLY A 27 -3.31 -1.92 15.36
N ASP A 28 -4.28 -2.60 14.77
CA ASP A 28 -4.27 -4.06 14.74
C ASP A 28 -4.47 -4.57 13.31
N GLU A 29 -4.63 -3.64 12.39
CA GLU A 29 -4.91 -4.00 11.01
C GLU A 29 -3.62 -4.12 10.21
N GLN A 30 -3.63 -5.01 9.22
CA GLN A 30 -2.46 -5.25 8.39
C GLN A 30 -2.44 -4.29 7.21
N VAL A 31 -1.40 -3.48 7.13
CA VAL A 31 -1.28 -2.48 6.07
C VAL A 31 -0.13 -2.83 5.13
N ALA A 32 -0.39 -2.75 3.84
CA ALA A 32 0.62 -3.04 2.84
C ALA A 32 1.22 -1.74 2.32
N ILE A 33 2.52 -1.58 2.53
CA ILE A 33 3.23 -0.39 2.07
C ILE A 33 4.00 -0.71 0.79
N PHE A 34 3.71 0.04 -0.26
CA PHE A 34 4.36 -0.19 -1.54
C PHE A 34 5.16 1.03 -1.98
N ARG A 35 6.43 0.81 -2.25
CA ARG A 35 7.28 1.85 -2.82
C ARG A 35 7.58 1.50 -4.27
N PRO A 36 6.86 2.12 -5.22
CA PRO A 36 7.02 1.85 -6.65
C PRO A 36 8.22 2.57 -7.27
N TYR A 37 8.40 3.83 -6.92
CA TYR A 37 9.45 4.65 -7.50
C TYR A 37 10.73 4.53 -6.68
N HIS A 38 11.81 5.08 -7.22
CA HIS A 38 13.09 5.09 -6.54
C HIS A 38 13.17 6.30 -5.63
N SER A 39 12.14 7.13 -5.68
CA SER A 39 12.08 8.37 -4.92
C SER A 39 11.28 8.18 -3.63
N ASP A 40 10.66 9.26 -3.17
CA ASP A 40 10.01 9.29 -1.86
C ASP A 40 8.54 8.86 -1.92
N GLN A 41 8.08 8.41 -3.08
CA GLN A 41 6.68 8.04 -3.24
C GLN A 41 6.39 6.66 -2.67
N VAL A 42 5.67 6.63 -1.56
CA VAL A 42 5.23 5.39 -0.94
C VAL A 42 3.72 5.41 -0.73
N PHE A 43 3.08 4.27 -0.90
CA PHE A 43 1.63 4.18 -0.76
C PHE A 43 1.26 3.07 0.22
N ALA A 44 0.16 3.26 0.93
CA ALA A 44 -0.29 2.27 1.92
C ALA A 44 -1.77 1.96 1.76
N ILE A 45 -2.08 0.68 1.69
CA ILE A 45 -3.46 0.22 1.62
C ILE A 45 -3.62 -0.98 2.56
N SER A 46 -4.86 -1.40 2.79
CA SER A 46 -5.11 -2.60 3.56
C SER A 46 -4.46 -3.80 2.88
N ASN A 47 -3.68 -4.56 3.65
CA ASN A 47 -2.92 -5.68 3.10
C ASN A 47 -3.85 -6.85 2.79
N ILE A 48 -5.06 -6.80 3.34
CA ILE A 48 -6.06 -7.83 3.11
C ILE A 48 -7.31 -7.21 2.51
N ASP A 49 -7.78 -7.76 1.40
CA ASP A 49 -9.02 -7.29 0.79
C ASP A 49 -10.21 -7.97 1.49
N PRO A 50 -11.36 -7.28 1.59
CA PRO A 50 -12.50 -7.75 2.37
C PRO A 50 -13.40 -8.73 1.62
N PHE A 51 -13.40 -8.67 0.29
CA PHE A 51 -14.38 -9.41 -0.48
C PHE A 51 -13.89 -10.80 -0.88
N PHE A 52 -12.65 -10.89 -1.34
CA PHE A 52 -12.08 -12.14 -1.81
C PHE A 52 -11.07 -12.66 -0.81
N GLU A 53 -10.76 -11.82 0.18
CA GLU A 53 -9.83 -12.10 1.27
C GLU A 53 -8.48 -12.66 0.78
N SER A 54 -7.63 -11.77 0.33
CA SER A 54 -6.25 -12.11 0.05
C SER A 54 -5.39 -11.60 1.20
N SER A 55 -4.79 -12.53 1.94
CA SER A 55 -4.09 -12.21 3.18
C SER A 55 -2.96 -11.22 2.97
N VAL A 56 -2.23 -11.37 1.88
CA VAL A 56 -1.15 -10.44 1.57
C VAL A 56 -1.27 -9.90 0.15
N LEU A 57 -1.30 -8.59 0.03
CA LEU A 57 -1.21 -7.92 -1.25
C LEU A 57 0.24 -7.59 -1.55
N SER A 58 1.06 -7.66 -0.50
CA SER A 58 2.49 -7.37 -0.61
C SER A 58 3.22 -8.41 -1.45
N ARG A 59 2.57 -9.54 -1.70
CA ARG A 59 3.16 -10.60 -2.51
C ARG A 59 2.76 -10.40 -3.97
N GLY A 60 2.77 -9.16 -4.43
CA GLY A 60 2.34 -8.86 -5.78
C GLY A 60 3.29 -7.91 -6.46
N LEU A 61 3.17 -7.81 -7.78
CA LEU A 61 4.08 -6.99 -8.57
C LEU A 61 3.49 -5.60 -8.80
N ILE A 62 4.36 -4.60 -8.80
CA ILE A 62 3.95 -3.22 -9.01
C ILE A 62 4.30 -2.80 -10.42
N ALA A 63 3.34 -2.24 -11.14
CA ALA A 63 3.57 -1.81 -12.51
C ALA A 63 2.79 -0.55 -12.85
N GLU A 64 3.39 0.32 -13.63
CA GLU A 64 2.73 1.52 -14.11
C GLU A 64 2.03 1.20 -15.43
N HIS A 65 0.72 1.07 -15.37
CA HIS A 65 -0.05 0.61 -16.53
C HIS A 65 -0.26 1.74 -17.53
N GLN A 66 -0.84 2.84 -17.06
CA GLN A 66 -1.17 3.96 -17.93
C GLN A 66 -1.54 5.17 -17.09
N GLY A 67 -0.52 5.93 -16.68
CA GLY A 67 -0.74 7.14 -15.91
C GLY A 67 -0.99 6.86 -14.43
N GLU A 68 -1.12 5.58 -14.10
CA GLU A 68 -1.48 5.19 -12.73
C GLU A 68 -0.68 3.96 -12.30
N LEU A 69 -0.34 3.93 -11.03
CA LEU A 69 0.43 2.84 -10.46
C LEU A 69 -0.48 1.71 -9.99
N TRP A 70 -0.31 0.54 -10.56
CA TRP A 70 -1.14 -0.61 -10.20
C TRP A 70 -0.28 -1.72 -9.59
N VAL A 71 -0.77 -2.30 -8.50
CA VAL A 71 -0.15 -3.49 -7.94
C VAL A 71 -1.08 -4.70 -8.19
N ALA A 72 -0.49 -5.83 -8.54
CA ALA A 72 -1.29 -7.01 -8.86
C ALA A 72 -0.79 -8.24 -8.15
N SER A 73 -1.62 -8.79 -7.28
CA SER A 73 -1.33 -10.05 -6.61
C SER A 73 -1.59 -11.21 -7.57
N PRO A 74 -0.55 -12.01 -7.87
CA PRO A 74 -0.60 -13.07 -8.89
C PRO A 74 -1.60 -14.20 -8.57
N LEU A 75 -2.15 -14.19 -7.36
CA LEU A 75 -3.12 -15.20 -6.93
C LEU A 75 -4.26 -15.30 -7.94
N LYS A 76 -5.10 -14.26 -7.97
CA LYS A 76 -6.18 -14.18 -8.94
C LYS A 76 -5.98 -12.94 -9.81
N LYS A 77 -4.83 -12.31 -9.66
CA LYS A 77 -4.51 -11.07 -10.35
C LYS A 77 -5.50 -9.98 -9.97
N GLN A 78 -5.45 -9.58 -8.71
CA GLN A 78 -6.28 -8.48 -8.24
C GLN A 78 -5.50 -7.18 -8.42
N ARG A 79 -6.06 -6.25 -9.17
CA ARG A 79 -5.36 -5.02 -9.50
C ARG A 79 -5.76 -3.91 -8.54
N PHE A 80 -4.78 -3.34 -7.85
CA PHE A 80 -5.03 -2.23 -6.94
C PHE A 80 -4.26 -0.99 -7.37
N ARG A 81 -5.00 0.08 -7.63
CA ARG A 81 -4.38 1.35 -7.98
C ARG A 81 -3.81 2.00 -6.72
N LEU A 82 -2.48 2.00 -6.60
CA LEU A 82 -1.79 2.48 -5.41
C LEU A 82 -2.14 3.91 -5.07
N SER A 83 -2.43 4.68 -6.12
CA SER A 83 -2.73 6.11 -6.00
C SER A 83 -3.71 6.39 -4.86
N ASP A 84 -4.82 5.66 -4.82
CA ASP A 84 -5.85 5.92 -3.83
C ASP A 84 -6.51 4.62 -3.36
N GLY A 85 -5.84 3.50 -3.57
CA GLY A 85 -6.33 2.22 -3.10
C GLY A 85 -7.57 1.77 -3.87
N LEU A 86 -7.54 1.96 -5.18
CA LEU A 86 -8.66 1.60 -6.02
C LEU A 86 -8.47 0.20 -6.58
N CYS A 87 -9.20 -0.77 -6.04
CA CYS A 87 -9.22 -2.09 -6.63
C CYS A 87 -9.97 -2.04 -7.95
N MET A 88 -9.40 -2.63 -8.97
CA MET A 88 -10.03 -2.63 -10.29
C MET A 88 -11.35 -3.38 -10.29
N GLU A 89 -11.40 -4.45 -9.50
CA GLU A 89 -12.57 -5.30 -9.45
C GLU A 89 -13.57 -4.79 -8.40
N ASP A 90 -13.05 -4.54 -7.21
CA ASP A 90 -13.87 -4.10 -6.07
C ASP A 90 -14.09 -2.59 -6.13
N GLU A 91 -13.71 -2.02 -7.26
CA GLU A 91 -13.79 -0.59 -7.57
C GLU A 91 -15.04 0.09 -6.99
N GLN A 92 -16.15 -0.63 -6.96
CA GLN A 92 -17.42 -0.11 -6.47
C GLN A 92 -17.25 0.66 -5.15
N PHE A 93 -16.45 0.10 -4.23
CA PHE A 93 -16.24 0.76 -2.95
C PHE A 93 -14.75 0.89 -2.65
N SER A 94 -13.94 0.02 -3.26
CA SER A 94 -12.48 0.02 -3.07
C SER A 94 -12.10 -0.39 -1.65
N VAL A 95 -10.83 -0.20 -1.30
CA VAL A 95 -10.33 -0.56 0.03
C VAL A 95 -9.91 0.70 0.79
N LYS A 96 -9.24 0.53 1.91
CA LYS A 96 -8.78 1.65 2.71
C LYS A 96 -7.50 2.24 2.13
N HIS A 97 -7.49 3.55 1.97
CA HIS A 97 -6.29 4.26 1.53
C HIS A 97 -5.65 4.96 2.72
N TYR A 98 -4.45 4.53 3.08
CA TYR A 98 -3.73 5.13 4.20
C TYR A 98 -2.75 6.17 3.71
N GLU A 99 -2.57 7.22 4.49
CA GLU A 99 -1.70 8.32 4.13
C GLU A 99 -0.27 8.03 4.56
N ALA A 100 0.61 7.90 3.58
CA ALA A 100 2.01 7.60 3.85
C ALA A 100 2.89 8.78 3.46
N ARG A 101 3.97 8.98 4.21
CA ARG A 101 4.89 10.07 3.92
C ARG A 101 6.31 9.71 4.35
N VAL A 102 7.26 10.53 3.95
CA VAL A 102 8.65 10.33 4.32
C VAL A 102 9.10 11.43 5.27
N LYS A 103 9.01 11.14 6.56
CA LYS A 103 9.37 12.08 7.61
C LYS A 103 10.86 12.05 7.86
N ASP A 104 11.57 13.00 7.26
CA ASP A 104 13.03 13.11 7.42
C ASP A 104 13.75 11.83 6.98
N GLY A 105 13.04 10.99 6.23
CA GLY A 105 13.61 9.73 5.80
C GLY A 105 12.95 8.54 6.47
N VAL A 106 11.94 8.80 7.28
CA VAL A 106 11.18 7.74 7.95
C VAL A 106 9.78 7.62 7.37
N VAL A 107 9.39 6.41 6.98
CA VAL A 107 8.07 6.16 6.41
C VAL A 107 7.02 6.15 7.52
N GLN A 108 6.04 7.02 7.42
CA GLN A 108 4.96 7.02 8.40
C GLN A 108 3.63 6.69 7.75
N LEU A 109 2.72 6.15 8.53
CA LEU A 109 1.36 5.88 8.07
C LEU A 109 0.37 6.59 8.97
N ARG A 110 -0.54 7.36 8.38
CA ARG A 110 -1.65 7.93 9.12
C ARG A 110 -2.95 7.28 8.68
N GLY A 111 -3.56 6.58 9.61
CA GLY A 111 -4.86 5.99 9.37
C GLY A 111 -5.88 6.48 10.36
N GLY A 112 -6.50 7.61 10.05
CA GLY A 112 -7.49 8.18 10.94
C GLY A 112 -8.77 7.37 10.99
N SER A 113 -8.79 6.38 11.86
CA SER A 113 -9.95 5.55 12.06
C SER A 113 -10.21 5.36 13.55
N MET A 4 -8.37 13.45 14.92
CA MET A 4 -7.48 12.27 15.06
C MET A 4 -6.63 12.11 13.81
N SER A 5 -5.51 11.44 13.94
CA SER A 5 -4.59 11.24 12.83
C SER A 5 -3.72 10.01 13.08
N GLN A 6 -2.84 10.14 14.07
CA GLN A 6 -1.87 9.10 14.41
C GLN A 6 -1.01 8.73 13.20
N TRP A 7 -0.06 9.59 12.87
CA TRP A 7 0.94 9.26 11.86
C TRP A 7 1.91 8.23 12.43
N LYS A 8 1.55 6.97 12.29
CA LYS A 8 2.34 5.90 12.88
C LYS A 8 3.63 5.70 12.11
N ASP A 9 4.74 6.00 12.76
CA ASP A 9 6.06 5.83 12.16
C ASP A 9 6.41 4.35 12.12
N ILE A 10 6.54 3.82 10.92
CA ILE A 10 6.78 2.39 10.73
C ILE A 10 8.27 2.11 10.67
N CYS A 11 8.85 2.33 9.51
CA CYS A 11 10.26 2.07 9.29
C CYS A 11 10.84 3.18 8.43
N LYS A 12 12.14 3.19 8.29
CA LYS A 12 12.78 4.16 7.41
C LYS A 12 12.66 3.70 5.97
N ILE A 13 12.50 4.66 5.06
CA ILE A 13 12.36 4.36 3.64
C ILE A 13 13.67 3.82 3.08
N ASP A 14 14.71 3.87 3.90
CA ASP A 14 16.02 3.35 3.54
C ASP A 14 16.00 1.83 3.58
N ASP A 15 15.03 1.27 4.30
CA ASP A 15 14.89 -0.17 4.43
C ASP A 15 14.08 -0.74 3.27
N ILE A 16 13.01 -0.04 2.93
CA ILE A 16 12.14 -0.44 1.83
C ILE A 16 12.76 -0.03 0.50
N LEU A 17 13.30 -1.01 -0.21
CA LEU A 17 13.91 -0.78 -1.50
C LEU A 17 12.86 -0.46 -2.55
N PRO A 18 13.25 0.23 -3.64
CA PRO A 18 12.35 0.52 -4.76
C PRO A 18 11.76 -0.76 -5.36
N GLU A 19 10.50 -0.68 -5.76
CA GLU A 19 9.76 -1.81 -6.32
C GLU A 19 9.53 -2.89 -5.27
N THR A 20 9.41 -2.47 -4.02
CA THR A 20 9.19 -3.39 -2.92
C THR A 20 7.98 -2.98 -2.11
N GLY A 21 7.15 -3.96 -1.75
CA GLY A 21 6.01 -3.70 -0.90
C GLY A 21 6.04 -4.55 0.35
N VAL A 22 5.76 -3.96 1.49
CA VAL A 22 5.84 -4.66 2.76
C VAL A 22 4.52 -4.55 3.53
N CYS A 23 4.30 -5.48 4.45
CA CYS A 23 3.12 -5.47 5.28
C CYS A 23 3.46 -4.98 6.68
N ALA A 24 3.02 -3.77 6.99
CA ALA A 24 3.28 -3.18 8.30
C ALA A 24 2.09 -3.37 9.23
N LEU A 25 2.37 -3.43 10.52
CA LEU A 25 1.31 -3.61 11.50
C LEU A 25 0.97 -2.29 12.15
N LEU A 26 -0.13 -1.68 11.70
CA LEU A 26 -0.64 -0.47 12.31
C LEU A 26 -1.76 -0.88 13.26
N GLY A 27 -1.39 -1.25 14.47
CA GLY A 27 -2.32 -1.88 15.37
C GLY A 27 -2.54 -3.33 14.98
N ASP A 28 -3.76 -3.67 14.60
CA ASP A 28 -4.04 -4.98 14.04
C ASP A 28 -4.31 -4.86 12.55
N GLU A 29 -4.21 -3.63 12.06
CA GLU A 29 -4.43 -3.36 10.65
C GLU A 29 -3.14 -3.58 9.87
N GLN A 30 -3.13 -4.59 9.01
CA GLN A 30 -1.99 -4.83 8.16
C GLN A 30 -2.02 -3.87 6.98
N VAL A 31 -1.09 -2.93 6.99
CA VAL A 31 -1.03 -1.91 5.96
C VAL A 31 0.07 -2.24 4.95
N ALA A 32 -0.27 -2.22 3.68
CA ALA A 32 0.68 -2.53 2.63
C ALA A 32 1.39 -1.27 2.17
N ILE A 33 2.65 -1.14 2.55
CA ILE A 33 3.46 -0.01 2.15
C ILE A 33 4.22 -0.33 0.89
N PHE A 34 3.87 0.35 -0.20
CA PHE A 34 4.52 0.12 -1.47
C PHE A 34 5.43 1.28 -1.83
N ARG A 35 6.70 0.97 -2.05
CA ARG A 35 7.60 1.93 -2.66
C ARG A 35 7.85 1.49 -4.09
N PRO A 36 7.15 2.11 -5.06
CA PRO A 36 7.27 1.74 -6.46
C PRO A 36 8.31 2.56 -7.22
N TYR A 37 8.59 3.76 -6.72
CA TYR A 37 9.55 4.64 -7.37
C TYR A 37 10.90 4.55 -6.69
N HIS A 38 11.93 5.08 -7.34
CA HIS A 38 13.25 5.17 -6.75
C HIS A 38 13.32 6.40 -5.87
N SER A 39 12.30 7.23 -5.98
CA SER A 39 12.19 8.46 -5.21
C SER A 39 11.72 8.17 -3.78
N ASP A 40 11.35 9.23 -3.08
CA ASP A 40 10.85 9.13 -1.71
C ASP A 40 9.33 9.10 -1.68
N GLN A 41 8.74 8.53 -2.72
CA GLN A 41 7.29 8.47 -2.85
C GLN A 41 6.78 7.07 -2.56
N VAL A 42 6.00 6.94 -1.50
CA VAL A 42 5.44 5.66 -1.08
C VAL A 42 3.93 5.78 -0.90
N PHE A 43 3.24 4.66 -1.07
CA PHE A 43 1.80 4.63 -0.90
C PHE A 43 1.40 3.47 0.00
N ALA A 44 0.29 3.61 0.71
CA ALA A 44 -0.14 2.59 1.66
C ALA A 44 -1.61 2.29 1.52
N ILE A 45 -1.93 1.01 1.38
CA ILE A 45 -3.32 0.56 1.28
C ILE A 45 -3.54 -0.65 2.19
N SER A 46 -4.74 -1.21 2.14
CA SER A 46 -5.05 -2.42 2.89
C SER A 46 -4.21 -3.58 2.36
N ASN A 47 -3.42 -4.20 3.23
CA ASN A 47 -2.55 -5.30 2.82
C ASN A 47 -3.36 -6.57 2.61
N ILE A 48 -4.43 -6.71 3.39
CA ILE A 48 -5.28 -7.88 3.28
C ILE A 48 -6.62 -7.51 2.66
N ASP A 49 -7.01 -8.23 1.63
CA ASP A 49 -8.32 -8.06 1.02
C ASP A 49 -9.37 -8.75 1.88
N PRO A 50 -10.37 -8.01 2.34
CA PRO A 50 -11.39 -8.51 3.27
C PRO A 50 -12.57 -9.18 2.57
N PHE A 51 -12.61 -9.10 1.25
CA PHE A 51 -13.73 -9.64 0.50
C PHE A 51 -13.46 -11.09 0.12
N PHE A 52 -12.36 -11.30 -0.57
CA PHE A 52 -12.00 -12.63 -1.03
C PHE A 52 -11.04 -13.28 -0.03
N GLU A 53 -10.57 -12.45 0.90
CA GLU A 53 -9.63 -12.87 1.94
C GLU A 53 -8.29 -13.27 1.35
N SER A 54 -7.63 -12.29 0.76
CA SER A 54 -6.29 -12.46 0.24
C SER A 54 -5.30 -11.82 1.21
N SER A 55 -4.42 -12.63 1.78
CA SER A 55 -3.60 -12.22 2.91
C SER A 55 -2.61 -11.10 2.56
N VAL A 56 -1.97 -11.21 1.41
CA VAL A 56 -0.97 -10.21 1.04
C VAL A 56 -1.20 -9.64 -0.36
N LEU A 57 -1.31 -8.32 -0.43
CA LEU A 57 -1.25 -7.60 -1.69
C LEU A 57 0.19 -7.16 -1.97
N SER A 58 0.96 -7.04 -0.90
CA SER A 58 2.33 -6.52 -0.97
C SER A 58 3.24 -7.44 -1.78
N ARG A 59 2.91 -8.72 -1.79
CA ARG A 59 3.71 -9.72 -2.51
C ARG A 59 3.26 -9.82 -3.97
N GLY A 60 3.00 -8.68 -4.58
CA GLY A 60 2.48 -8.68 -5.93
C GLY A 60 3.19 -7.67 -6.81
N LEU A 61 3.01 -7.80 -8.11
CA LEU A 61 3.76 -7.02 -9.09
C LEU A 61 3.13 -5.63 -9.27
N ILE A 62 3.98 -4.64 -9.45
CA ILE A 62 3.54 -3.27 -9.65
C ILE A 62 3.75 -2.88 -11.11
N ALA A 63 2.67 -2.83 -11.87
CA ALA A 63 2.76 -2.57 -13.30
C ALA A 63 2.14 -1.23 -13.66
N GLU A 64 2.67 -0.61 -14.70
CA GLU A 64 2.17 0.68 -15.17
C GLU A 64 0.85 0.52 -15.90
N HIS A 65 -0.05 1.47 -15.69
CA HIS A 65 -1.29 1.53 -16.43
C HIS A 65 -1.47 2.94 -16.99
N GLN A 66 -0.75 3.24 -18.08
CA GLN A 66 -0.90 4.49 -18.81
C GLN A 66 -0.60 5.72 -17.94
N GLY A 67 0.09 5.51 -16.84
CA GLY A 67 0.41 6.62 -15.96
C GLY A 67 0.37 6.22 -14.51
N GLU A 68 -0.65 5.47 -14.13
CA GLU A 68 -0.78 5.04 -12.73
C GLU A 68 -0.04 3.75 -12.51
N LEU A 69 0.29 3.47 -11.27
CA LEU A 69 0.93 2.22 -10.92
C LEU A 69 -0.06 1.30 -10.20
N TRP A 70 -0.34 0.17 -10.81
CA TRP A 70 -1.29 -0.78 -10.26
C TRP A 70 -0.60 -2.04 -9.78
N VAL A 71 -0.95 -2.48 -8.59
CA VAL A 71 -0.37 -3.69 -8.03
C VAL A 71 -1.29 -4.88 -8.28
N ALA A 72 -0.73 -5.94 -8.85
CA ALA A 72 -1.47 -7.14 -9.16
C ALA A 72 -1.02 -8.29 -8.27
N SER A 73 -1.92 -8.78 -7.44
CA SER A 73 -1.62 -9.89 -6.55
C SER A 73 -1.69 -11.21 -7.29
N PRO A 74 -0.60 -11.99 -7.28
CA PRO A 74 -0.52 -13.28 -7.99
C PRO A 74 -1.35 -14.36 -7.31
N LEU A 75 -2.00 -14.00 -6.22
CA LEU A 75 -2.85 -14.94 -5.48
C LEU A 75 -4.04 -15.36 -6.32
N LYS A 76 -4.87 -14.39 -6.69
CA LYS A 76 -6.05 -14.66 -7.48
C LYS A 76 -6.13 -13.68 -8.65
N LYS A 77 -5.03 -12.97 -8.85
CA LYS A 77 -4.92 -11.95 -9.89
C LYS A 77 -5.92 -10.82 -9.66
N GLN A 78 -5.70 -10.07 -8.59
CA GLN A 78 -6.50 -8.87 -8.33
C GLN A 78 -5.63 -7.63 -8.52
N ARG A 79 -6.24 -6.55 -8.97
CA ARG A 79 -5.49 -5.38 -9.35
C ARG A 79 -5.97 -4.14 -8.60
N PHE A 80 -5.08 -3.57 -7.81
CA PHE A 80 -5.39 -2.41 -6.99
C PHE A 80 -4.51 -1.22 -7.39
N ARG A 81 -5.09 -0.03 -7.39
CA ARG A 81 -4.35 1.18 -7.67
C ARG A 81 -3.78 1.71 -6.36
N LEU A 82 -2.54 1.37 -6.06
CA LEU A 82 -1.95 1.61 -4.75
C LEU A 82 -1.84 3.09 -4.42
N SER A 83 -1.94 3.95 -5.43
CA SER A 83 -1.84 5.38 -5.23
C SER A 83 -2.97 5.90 -4.35
N ASP A 84 -4.21 5.63 -4.72
CA ASP A 84 -5.37 6.13 -3.99
C ASP A 84 -6.10 5.00 -3.26
N GLY A 85 -5.77 3.75 -3.61
CA GLY A 85 -6.34 2.62 -2.92
C GLY A 85 -7.57 2.07 -3.61
N LEU A 86 -7.78 2.47 -4.85
CA LEU A 86 -8.93 2.01 -5.61
C LEU A 86 -8.71 0.60 -6.13
N CYS A 87 -9.76 -0.18 -6.19
CA CYS A 87 -9.70 -1.49 -6.83
C CYS A 87 -10.29 -1.35 -8.22
N MET A 88 -9.76 -2.10 -9.17
CA MET A 88 -10.17 -1.95 -10.57
C MET A 88 -11.66 -2.25 -10.76
N GLU A 89 -12.07 -3.48 -10.48
CA GLU A 89 -13.44 -3.90 -10.73
C GLU A 89 -14.33 -3.71 -9.50
N ASP A 90 -13.72 -3.46 -8.35
CA ASP A 90 -14.47 -3.19 -7.12
C ASP A 90 -14.55 -1.69 -6.88
N GLU A 91 -14.16 -0.94 -7.92
CA GLU A 91 -14.10 0.53 -7.91
C GLU A 91 -15.21 1.20 -7.08
N GLN A 92 -16.42 0.64 -7.12
CA GLN A 92 -17.56 1.19 -6.41
C GLN A 92 -17.33 1.27 -4.89
N PHE A 93 -16.42 0.46 -4.36
CA PHE A 93 -16.12 0.50 -2.93
C PHE A 93 -14.61 0.53 -2.69
N SER A 94 -13.92 -0.55 -3.07
CA SER A 94 -12.46 -0.64 -2.94
C SER A 94 -12.00 -0.73 -1.49
N VAL A 95 -10.70 -0.82 -1.29
CA VAL A 95 -10.13 -1.03 0.05
C VAL A 95 -9.81 0.31 0.73
N LYS A 96 -9.28 0.22 1.94
CA LYS A 96 -9.02 1.39 2.75
C LYS A 96 -7.62 1.93 2.49
N HIS A 97 -7.53 3.20 2.13
CA HIS A 97 -6.25 3.86 1.87
C HIS A 97 -5.71 4.48 3.15
N TYR A 98 -4.42 4.31 3.39
CA TYR A 98 -3.77 4.93 4.52
C TYR A 98 -2.85 6.04 4.01
N GLU A 99 -2.88 7.17 4.67
CA GLU A 99 -2.12 8.32 4.23
C GLU A 99 -0.66 8.16 4.62
N ALA A 100 0.22 8.17 3.64
CA ALA A 100 1.63 7.92 3.87
C ALA A 100 2.48 9.14 3.55
N ARG A 101 3.55 9.32 4.31
CA ARG A 101 4.53 10.36 4.04
C ARG A 101 5.90 9.92 4.52
N VAL A 102 6.94 10.49 3.94
CA VAL A 102 8.30 10.20 4.37
C VAL A 102 8.85 11.35 5.20
N LYS A 103 8.82 11.18 6.51
CA LYS A 103 9.26 12.21 7.45
C LYS A 103 10.72 11.99 7.83
N ASP A 104 11.60 12.81 7.29
CA ASP A 104 13.04 12.75 7.61
C ASP A 104 13.64 11.41 7.17
N GLY A 105 12.87 10.65 6.41
CA GLY A 105 13.31 9.34 5.98
C GLY A 105 12.49 8.22 6.60
N VAL A 106 11.58 8.57 7.50
CA VAL A 106 10.75 7.57 8.17
C VAL A 106 9.35 7.54 7.56
N VAL A 107 8.87 6.35 7.24
CA VAL A 107 7.55 6.17 6.67
C VAL A 107 6.48 6.31 7.76
N GLN A 108 5.62 7.31 7.63
CA GLN A 108 4.53 7.48 8.58
C GLN A 108 3.19 7.25 7.90
N LEU A 109 2.34 6.48 8.57
CA LEU A 109 1.03 6.16 8.05
C LEU A 109 -0.07 6.70 8.96
N ARG A 110 -0.91 7.57 8.41
CA ARG A 110 -2.08 8.07 9.12
C ARG A 110 -3.27 7.18 8.82
N GLY A 111 -3.78 6.55 9.87
CA GLY A 111 -4.95 5.71 9.75
C GLY A 111 -5.15 4.86 10.99
N GLY A 112 -6.17 4.02 10.97
CA GLY A 112 -6.41 3.13 12.09
C GLY A 112 -7.87 3.09 12.47
N SER A 113 -8.41 4.25 12.79
CA SER A 113 -9.82 4.37 13.11
C SER A 113 -10.54 5.13 12.01
N MET A 4 -6.08 16.37 13.22
CA MET A 4 -5.50 15.25 13.97
C MET A 4 -4.52 14.47 13.10
N SER A 5 -3.35 14.20 13.63
CA SER A 5 -2.34 13.48 12.87
C SER A 5 -1.52 12.56 13.76
N GLN A 6 -1.98 11.33 13.91
CA GLN A 6 -1.20 10.30 14.58
C GLN A 6 -0.37 9.55 13.54
N TRP A 7 0.79 10.08 13.23
CA TRP A 7 1.68 9.45 12.27
C TRP A 7 2.53 8.40 12.96
N LYS A 8 2.16 7.14 12.77
CA LYS A 8 2.90 6.05 13.37
C LYS A 8 4.14 5.76 12.54
N ASP A 9 5.29 5.77 13.19
CA ASP A 9 6.54 5.42 12.53
C ASP A 9 6.56 3.91 12.26
N ILE A 10 7.03 3.55 11.09
CA ILE A 10 7.09 2.14 10.70
C ILE A 10 8.52 1.67 10.63
N CYS A 11 9.21 2.13 9.60
CA CYS A 11 10.60 1.80 9.36
C CYS A 11 11.21 2.88 8.50
N LYS A 12 12.37 2.63 7.93
CA LYS A 12 13.01 3.63 7.11
C LYS A 12 12.79 3.32 5.63
N ILE A 13 12.99 4.33 4.79
CA ILE A 13 12.85 4.16 3.35
C ILE A 13 13.93 3.20 2.83
N ASP A 14 14.90 2.94 3.69
CA ASP A 14 15.98 2.01 3.39
C ASP A 14 15.45 0.58 3.29
N ASP A 15 14.40 0.31 4.06
CA ASP A 15 13.78 -1.03 4.11
C ASP A 15 13.08 -1.37 2.80
N ILE A 16 12.45 -0.37 2.21
CA ILE A 16 11.62 -0.59 1.02
C ILE A 16 12.36 -0.22 -0.24
N LEU A 17 12.66 -1.23 -1.06
CA LEU A 17 13.32 -1.03 -2.33
C LEU A 17 12.34 -0.51 -3.38
N PRO A 18 12.83 -0.06 -4.55
CA PRO A 18 11.96 0.35 -5.68
C PRO A 18 10.92 -0.69 -6.03
N GLU A 19 9.68 -0.22 -6.21
CA GLU A 19 8.55 -1.07 -6.58
C GLU A 19 8.42 -2.26 -5.62
N THR A 20 8.30 -1.96 -4.34
CA THR A 20 8.22 -3.00 -3.32
C THR A 20 7.14 -2.68 -2.30
N GLY A 21 6.50 -3.72 -1.77
CA GLY A 21 5.50 -3.53 -0.74
C GLY A 21 5.82 -4.31 0.52
N VAL A 22 5.64 -3.68 1.67
CA VAL A 22 5.92 -4.33 2.94
C VAL A 22 4.65 -4.44 3.79
N CYS A 23 4.72 -5.24 4.85
CA CYS A 23 3.60 -5.41 5.76
C CYS A 23 3.91 -4.74 7.10
N ALA A 24 3.18 -3.68 7.40
CA ALA A 24 3.37 -2.96 8.66
C ALA A 24 2.11 -3.03 9.51
N LEU A 25 2.16 -2.46 10.70
CA LEU A 25 1.00 -2.46 11.58
C LEU A 25 0.61 -1.04 11.98
N LEU A 26 -0.67 -0.75 11.88
CA LEU A 26 -1.21 0.52 12.32
C LEU A 26 -2.29 0.24 13.37
N GLY A 27 -1.89 0.30 14.62
CA GLY A 27 -2.77 -0.12 15.69
C GLY A 27 -2.97 -1.62 15.67
N ASP A 28 -4.21 -2.06 15.52
CA ASP A 28 -4.52 -3.47 15.41
C ASP A 28 -4.58 -3.92 13.96
N GLU A 29 -4.82 -2.96 13.06
CA GLU A 29 -4.97 -3.28 11.65
C GLU A 29 -3.63 -3.31 10.94
N GLN A 30 -3.48 -4.27 10.05
CA GLN A 30 -2.27 -4.39 9.25
C GLN A 30 -2.37 -3.51 8.01
N VAL A 31 -1.25 -2.91 7.63
CA VAL A 31 -1.21 -1.98 6.51
C VAL A 31 -0.07 -2.33 5.56
N ALA A 32 -0.39 -2.45 4.28
CA ALA A 32 0.60 -2.69 3.25
C ALA A 32 1.16 -1.38 2.72
N ILE A 33 2.43 -1.16 2.94
CA ILE A 33 3.09 0.04 2.46
C ILE A 33 3.82 -0.26 1.15
N PHE A 34 3.39 0.37 0.08
CA PHE A 34 3.99 0.15 -1.23
C PHE A 34 4.80 1.36 -1.66
N ARG A 35 6.02 1.11 -2.10
CA ARG A 35 6.83 2.15 -2.70
C ARG A 35 6.82 1.96 -4.22
N PRO A 36 5.99 2.73 -4.93
CA PRO A 36 5.84 2.62 -6.38
C PRO A 36 6.90 3.43 -7.13
N TYR A 37 7.44 4.43 -6.47
CA TYR A 37 8.49 5.26 -7.04
C TYR A 37 9.75 5.12 -6.22
N HIS A 38 10.87 4.86 -6.88
CA HIS A 38 12.14 4.74 -6.17
C HIS A 38 12.74 6.12 -5.88
N SER A 39 11.96 6.94 -5.20
CA SER A 39 12.40 8.26 -4.78
C SER A 39 12.00 8.51 -3.32
N ASP A 40 10.78 8.98 -3.13
CA ASP A 40 10.25 9.27 -1.79
C ASP A 40 8.80 8.85 -1.69
N GLN A 41 8.08 9.01 -2.79
CA GLN A 41 6.63 8.82 -2.81
C GLN A 41 6.23 7.37 -2.52
N VAL A 42 5.57 7.18 -1.39
CA VAL A 42 5.06 5.88 -0.99
C VAL A 42 3.58 5.96 -0.68
N PHE A 43 2.87 4.84 -0.78
CA PHE A 43 1.44 4.80 -0.51
C PHE A 43 1.10 3.55 0.30
N ALA A 44 0.11 3.66 1.17
CA ALA A 44 -0.29 2.54 2.01
C ALA A 44 -1.74 2.14 1.76
N ILE A 45 -1.98 0.84 1.70
CA ILE A 45 -3.33 0.30 1.54
C ILE A 45 -3.47 -1.00 2.34
N SER A 46 -4.60 -1.69 2.16
CA SER A 46 -4.86 -2.93 2.88
C SER A 46 -4.00 -4.08 2.33
N ASN A 47 -3.51 -4.94 3.22
CA ASN A 47 -2.70 -6.09 2.81
C ASN A 47 -3.59 -7.20 2.28
N ILE A 48 -4.70 -7.41 2.98
CA ILE A 48 -5.61 -8.52 2.68
C ILE A 48 -6.85 -7.99 1.96
N ASP A 49 -7.36 -8.74 0.98
CA ASP A 49 -8.64 -8.40 0.38
C ASP A 49 -9.73 -8.41 1.44
N PRO A 50 -10.35 -7.26 1.69
CA PRO A 50 -11.37 -7.14 2.73
C PRO A 50 -12.63 -7.95 2.40
N PHE A 51 -13.20 -7.70 1.24
CA PHE A 51 -14.46 -8.31 0.85
C PHE A 51 -14.25 -9.61 0.08
N PHE A 52 -13.00 -9.91 -0.26
CA PHE A 52 -12.70 -11.09 -1.08
C PHE A 52 -11.90 -12.14 -0.30
N GLU A 53 -11.14 -11.69 0.69
CA GLU A 53 -10.26 -12.54 1.48
C GLU A 53 -9.14 -13.12 0.62
N SER A 54 -8.02 -12.43 0.61
CA SER A 54 -6.83 -12.88 -0.10
C SER A 54 -5.66 -12.89 0.87
N SER A 55 -4.46 -12.99 0.34
CA SER A 55 -3.28 -12.88 1.17
C SER A 55 -2.65 -11.51 1.00
N VAL A 56 -1.44 -11.33 1.51
CA VAL A 56 -0.79 -10.03 1.48
C VAL A 56 -0.43 -9.62 0.06
N LEU A 57 -0.91 -8.45 -0.33
CA LEU A 57 -0.63 -7.90 -1.65
C LEU A 57 0.80 -7.38 -1.71
N SER A 58 1.45 -7.31 -0.55
CA SER A 58 2.81 -6.81 -0.42
C SER A 58 3.79 -7.66 -1.23
N ARG A 59 3.41 -8.91 -1.51
CA ARG A 59 4.27 -9.83 -2.24
C ARG A 59 3.88 -9.84 -3.72
N GLY A 60 3.58 -8.66 -4.25
CA GLY A 60 3.15 -8.55 -5.63
C GLY A 60 3.86 -7.42 -6.34
N LEU A 61 3.78 -7.42 -7.67
CA LEU A 61 4.61 -6.54 -8.47
C LEU A 61 3.87 -5.27 -8.84
N ILE A 62 4.48 -4.13 -8.56
CA ILE A 62 3.92 -2.85 -8.95
C ILE A 62 4.20 -2.59 -10.43
N ALA A 63 3.15 -2.36 -11.19
CA ALA A 63 3.25 -2.20 -12.62
C ALA A 63 2.42 -1.03 -13.11
N GLU A 64 2.30 -0.88 -14.41
CA GLU A 64 1.55 0.22 -14.99
C GLU A 64 0.44 -0.30 -15.89
N HIS A 65 -0.77 0.19 -15.68
CA HIS A 65 -1.91 -0.23 -16.50
C HIS A 65 -2.22 0.85 -17.55
N GLN A 66 -2.22 2.10 -17.13
CA GLN A 66 -2.54 3.21 -18.02
C GLN A 66 -1.85 4.49 -17.56
N GLY A 67 -0.52 4.46 -17.52
CA GLY A 67 0.24 5.58 -17.02
C GLY A 67 0.29 5.60 -15.51
N GLU A 68 -0.75 5.06 -14.89
CA GLU A 68 -0.85 5.01 -13.43
C GLU A 68 -0.19 3.74 -12.91
N LEU A 69 0.41 3.83 -11.73
CA LEU A 69 1.06 2.68 -11.13
C LEU A 69 0.08 1.87 -10.29
N TRP A 70 -0.20 0.66 -10.76
CA TRP A 70 -1.09 -0.24 -10.09
C TRP A 70 -0.29 -1.42 -9.55
N VAL A 71 -0.76 -2.03 -8.48
CA VAL A 71 -0.09 -3.22 -7.96
C VAL A 71 -0.77 -4.47 -8.48
N ALA A 72 0.02 -5.33 -9.10
CA ALA A 72 -0.48 -6.55 -9.68
C ALA A 72 -0.29 -7.72 -8.73
N SER A 73 -1.38 -8.13 -8.10
CA SER A 73 -1.35 -9.24 -7.19
C SER A 73 -1.34 -10.56 -7.96
N PRO A 74 -0.35 -11.42 -7.70
CA PRO A 74 -0.24 -12.72 -8.38
C PRO A 74 -1.48 -13.58 -8.15
N LEU A 75 -2.14 -13.34 -7.03
CA LEU A 75 -3.36 -14.04 -6.69
C LEU A 75 -4.55 -13.42 -7.42
N LYS A 76 -5.18 -14.21 -8.29
CA LYS A 76 -6.40 -13.82 -9.00
C LYS A 76 -6.11 -12.75 -10.07
N LYS A 77 -4.87 -12.24 -10.10
CA LYS A 77 -4.45 -11.23 -11.06
C LYS A 77 -5.20 -9.92 -10.86
N GLN A 78 -5.60 -9.67 -9.62
CA GLN A 78 -6.34 -8.46 -9.27
C GLN A 78 -5.44 -7.22 -9.32
N ARG A 79 -6.05 -6.07 -9.54
CA ARG A 79 -5.30 -4.83 -9.77
C ARG A 79 -5.77 -3.73 -8.82
N PHE A 80 -4.85 -3.22 -8.02
CA PHE A 80 -5.16 -2.16 -7.07
C PHE A 80 -4.35 -0.91 -7.39
N ARG A 81 -5.00 0.23 -7.46
CA ARG A 81 -4.29 1.49 -7.67
C ARG A 81 -3.93 2.09 -6.33
N LEU A 82 -2.71 1.85 -5.90
CA LEU A 82 -2.24 2.24 -4.57
C LEU A 82 -2.21 3.76 -4.38
N SER A 83 -2.30 4.50 -5.47
CA SER A 83 -2.23 5.95 -5.43
C SER A 83 -3.44 6.54 -4.71
N ASP A 84 -4.63 6.07 -5.06
CA ASP A 84 -5.86 6.61 -4.48
C ASP A 84 -6.61 5.53 -3.70
N GLY A 85 -6.47 4.28 -4.13
CA GLY A 85 -7.12 3.19 -3.44
C GLY A 85 -8.13 2.47 -4.33
N LEU A 86 -8.30 2.96 -5.55
CA LEU A 86 -9.27 2.38 -6.47
C LEU A 86 -8.84 0.98 -6.90
N CYS A 87 -9.78 0.06 -6.90
CA CYS A 87 -9.54 -1.26 -7.42
C CYS A 87 -10.32 -1.44 -8.71
N MET A 88 -9.71 -2.04 -9.72
CA MET A 88 -10.32 -2.12 -11.04
C MET A 88 -11.44 -3.16 -11.09
N GLU A 89 -11.09 -4.42 -10.87
CA GLU A 89 -12.07 -5.49 -10.89
C GLU A 89 -12.75 -5.60 -9.53
N ASP A 90 -11.99 -5.29 -8.50
CA ASP A 90 -12.43 -5.35 -7.12
C ASP A 90 -13.19 -4.08 -6.75
N GLU A 91 -13.48 -3.30 -7.79
CA GLU A 91 -14.15 -2.00 -7.70
C GLU A 91 -15.33 -1.98 -6.72
N GLN A 92 -16.01 -3.13 -6.59
CA GLN A 92 -17.17 -3.25 -5.69
C GLN A 92 -16.82 -2.80 -4.28
N PHE A 93 -15.60 -3.10 -3.84
CA PHE A 93 -15.16 -2.81 -2.49
C PHE A 93 -13.66 -2.55 -2.47
N SER A 94 -13.28 -1.42 -3.06
CA SER A 94 -11.91 -0.95 -3.04
C SER A 94 -11.35 -0.91 -1.61
N VAL A 95 -10.03 -0.95 -1.49
CA VAL A 95 -9.38 -1.15 -0.20
C VAL A 95 -9.09 0.17 0.51
N LYS A 96 -8.74 0.07 1.79
CA LYS A 96 -8.48 1.23 2.62
C LYS A 96 -7.13 1.84 2.29
N HIS A 97 -7.15 3.08 1.81
CA HIS A 97 -5.92 3.79 1.50
C HIS A 97 -5.53 4.71 2.67
N TYR A 98 -4.41 4.40 3.29
CA TYR A 98 -3.90 5.19 4.40
C TYR A 98 -2.82 6.13 3.92
N GLU A 99 -2.64 7.25 4.60
CA GLU A 99 -1.62 8.21 4.21
C GLU A 99 -0.24 7.75 4.66
N ALA A 100 0.71 7.80 3.73
CA ALA A 100 2.07 7.41 4.03
C ALA A 100 3.05 8.48 3.58
N ARG A 101 4.09 8.71 4.36
CA ARG A 101 5.10 9.70 4.01
C ARG A 101 6.45 9.29 4.56
N VAL A 102 7.51 9.84 3.99
CA VAL A 102 8.85 9.62 4.49
C VAL A 102 9.31 10.84 5.27
N LYS A 103 9.45 10.69 6.58
CA LYS A 103 9.86 11.77 7.45
C LYS A 103 11.25 11.50 8.00
N ASP A 104 12.21 12.33 7.59
CA ASP A 104 13.60 12.20 8.05
C ASP A 104 14.18 10.87 7.59
N GLY A 105 13.54 10.27 6.60
CA GLY A 105 13.94 8.97 6.12
C GLY A 105 13.11 7.84 6.72
N VAL A 106 12.16 8.20 7.58
CA VAL A 106 11.34 7.22 8.27
C VAL A 106 9.91 7.22 7.73
N VAL A 107 9.41 6.06 7.36
CA VAL A 107 8.07 5.93 6.82
C VAL A 107 7.02 6.04 7.93
N GLN A 108 6.06 6.93 7.74
CA GLN A 108 5.00 7.10 8.72
C GLN A 108 3.64 6.81 8.08
N LEU A 109 2.70 6.39 8.91
CA LEU A 109 1.34 6.12 8.44
C LEU A 109 0.32 6.92 9.23
N ARG A 110 -0.60 7.55 8.53
CA ARG A 110 -1.75 8.18 9.16
C ARG A 110 -3.02 7.50 8.69
N GLY A 111 -3.58 6.68 9.56
CA GLY A 111 -4.78 5.94 9.21
C GLY A 111 -5.92 6.21 10.17
N GLY A 112 -6.96 6.86 9.67
CA GLY A 112 -8.11 7.15 10.51
C GLY A 112 -9.11 6.02 10.47
N SER A 113 -8.95 5.06 11.37
CA SER A 113 -9.82 3.90 11.43
C SER A 113 -10.22 3.61 12.86
N MET A 4 -5.78 13.18 16.75
CA MET A 4 -5.92 13.37 15.28
C MET A 4 -4.62 13.01 14.58
N SER A 5 -4.75 12.37 13.42
CA SER A 5 -3.62 12.04 12.55
C SER A 5 -2.83 10.87 13.10
N GLN A 6 -2.12 11.12 14.21
CA GLN A 6 -1.24 10.13 14.81
C GLN A 6 -0.28 9.52 13.79
N TRP A 7 0.58 10.37 13.23
CA TRP A 7 1.59 9.91 12.28
C TRP A 7 2.55 8.95 12.95
N LYS A 8 2.26 7.66 12.82
CA LYS A 8 3.06 6.64 13.47
C LYS A 8 4.29 6.32 12.64
N ASP A 9 5.46 6.43 13.26
CA ASP A 9 6.70 6.05 12.61
C ASP A 9 6.79 4.53 12.52
N ILE A 10 6.78 4.01 11.31
CA ILE A 10 6.81 2.57 11.10
C ILE A 10 8.24 2.06 11.03
N CYS A 11 8.87 2.31 9.90
CA CYS A 11 10.24 1.91 9.66
C CYS A 11 10.88 2.91 8.72
N LYS A 12 12.10 2.63 8.26
CA LYS A 12 12.76 3.54 7.35
C LYS A 12 12.46 3.18 5.91
N ILE A 13 12.63 4.16 5.03
CA ILE A 13 12.40 3.97 3.60
C ILE A 13 13.49 3.08 3.01
N ASP A 14 14.58 2.91 3.76
CA ASP A 14 15.68 2.05 3.37
C ASP A 14 15.24 0.59 3.31
N ASP A 15 14.20 0.28 4.08
CA ASP A 15 13.73 -1.09 4.20
C ASP A 15 12.70 -1.42 3.12
N ILE A 16 12.26 -0.39 2.39
CA ILE A 16 11.29 -0.57 1.34
C ILE A 16 11.91 -0.16 0.00
N LEU A 17 12.08 -1.14 -0.88
CA LEU A 17 12.76 -0.90 -2.16
C LEU A 17 11.77 -0.39 -3.22
N PRO A 18 12.28 0.21 -4.31
CA PRO A 18 11.44 0.66 -5.43
C PRO A 18 10.68 -0.51 -6.07
N GLU A 19 9.35 -0.37 -6.09
CA GLU A 19 8.43 -1.37 -6.64
C GLU A 19 8.23 -2.54 -5.68
N THR A 20 8.30 -2.28 -4.38
CA THR A 20 8.06 -3.34 -3.39
C THR A 20 7.07 -2.86 -2.34
N GLY A 21 6.46 -3.79 -1.63
CA GLY A 21 5.53 -3.46 -0.58
C GLY A 21 5.75 -4.29 0.66
N VAL A 22 5.64 -3.67 1.83
CA VAL A 22 5.88 -4.37 3.08
C VAL A 22 4.64 -4.31 3.98
N CYS A 23 4.59 -5.21 4.95
CA CYS A 23 3.48 -5.26 5.90
C CYS A 23 3.81 -4.47 7.15
N ALA A 24 3.14 -3.34 7.31
CA ALA A 24 3.32 -2.50 8.49
C ALA A 24 2.20 -2.77 9.48
N LEU A 25 2.51 -2.72 10.77
CA LEU A 25 1.52 -2.97 11.79
C LEU A 25 1.08 -1.66 12.45
N LEU A 26 -0.11 -1.21 12.11
CA LEU A 26 -0.70 -0.04 12.73
C LEU A 26 -1.54 -0.51 13.92
N GLY A 27 -0.94 -0.48 15.10
CA GLY A 27 -1.57 -1.11 16.24
C GLY A 27 -1.44 -2.62 16.13
N ASP A 28 -2.47 -3.26 15.61
CA ASP A 28 -2.38 -4.67 15.25
C ASP A 28 -2.88 -4.88 13.82
N GLU A 29 -3.37 -3.80 13.22
CA GLU A 29 -3.92 -3.88 11.87
C GLU A 29 -2.79 -3.86 10.85
N GLN A 30 -2.86 -4.76 9.89
CA GLN A 30 -1.80 -4.89 8.90
C GLN A 30 -2.04 -3.97 7.71
N VAL A 31 -1.13 -3.03 7.54
CA VAL A 31 -1.19 -2.06 6.45
C VAL A 31 -0.11 -2.39 5.42
N ALA A 32 -0.49 -2.40 4.15
CA ALA A 32 0.46 -2.68 3.10
C ALA A 32 1.06 -1.39 2.57
N ILE A 33 2.33 -1.17 2.85
CA ILE A 33 3.03 0.02 2.38
C ILE A 33 3.79 -0.29 1.11
N PHE A 34 3.31 0.23 0.00
CA PHE A 34 3.95 0.02 -1.28
C PHE A 34 4.75 1.23 -1.70
N ARG A 35 6.03 1.02 -1.96
CA ARG A 35 6.84 2.04 -2.58
C ARG A 35 7.00 1.68 -4.04
N PRO A 36 6.22 2.32 -4.92
CA PRO A 36 6.24 2.04 -6.34
C PRO A 36 7.18 2.94 -7.12
N TYR A 37 7.55 4.06 -6.51
CA TYR A 37 8.43 5.02 -7.15
C TYR A 37 9.84 4.91 -6.60
N HIS A 38 10.78 5.53 -7.31
CA HIS A 38 12.16 5.56 -6.85
C HIS A 38 12.31 6.63 -5.79
N SER A 39 11.45 7.63 -5.85
CA SER A 39 11.50 8.76 -4.94
C SER A 39 10.77 8.43 -3.63
N ASP A 40 10.44 9.48 -2.89
CA ASP A 40 9.80 9.36 -1.57
C ASP A 40 8.29 9.12 -1.68
N GLN A 41 7.83 8.78 -2.87
CA GLN A 41 6.40 8.58 -3.09
C GLN A 41 6.00 7.16 -2.74
N VAL A 42 5.35 7.01 -1.59
CA VAL A 42 4.88 5.73 -1.11
C VAL A 42 3.37 5.77 -0.88
N PHE A 43 2.73 4.62 -0.99
CA PHE A 43 1.29 4.52 -0.82
C PHE A 43 0.94 3.35 0.10
N ALA A 44 0.12 3.61 1.11
CA ALA A 44 -0.26 2.58 2.05
C ALA A 44 -1.74 2.23 1.90
N ILE A 45 -2.03 0.94 1.80
CA ILE A 45 -3.39 0.45 1.66
C ILE A 45 -3.61 -0.78 2.54
N SER A 46 -4.76 -1.41 2.40
CA SER A 46 -5.03 -2.65 3.13
C SER A 46 -4.15 -3.78 2.58
N ASN A 47 -3.80 -4.72 3.44
CA ASN A 47 -2.89 -5.80 3.07
C ASN A 47 -3.69 -7.04 2.64
N ILE A 48 -4.99 -7.03 2.91
CA ILE A 48 -5.88 -8.13 2.56
C ILE A 48 -6.97 -7.61 1.60
N ASP A 49 -7.36 -8.42 0.61
CA ASP A 49 -8.39 -8.02 -0.36
C ASP A 49 -9.78 -8.00 0.28
N PRO A 50 -10.69 -7.16 -0.24
CA PRO A 50 -12.06 -7.05 0.28
C PRO A 50 -12.99 -8.17 -0.18
N PHE A 51 -13.50 -8.08 -1.41
CA PHE A 51 -14.45 -9.06 -1.93
C PHE A 51 -13.71 -10.30 -2.42
N PHE A 52 -12.57 -10.05 -3.05
CA PHE A 52 -11.72 -11.13 -3.56
C PHE A 52 -11.20 -11.95 -2.39
N GLU A 53 -11.00 -11.26 -1.28
CA GLU A 53 -10.55 -11.85 -0.02
C GLU A 53 -9.43 -12.86 -0.22
N SER A 54 -8.24 -12.36 -0.48
CA SER A 54 -7.08 -13.21 -0.56
C SER A 54 -6.09 -12.75 0.50
N SER A 55 -4.85 -13.19 0.40
CA SER A 55 -3.89 -12.91 1.45
C SER A 55 -3.16 -11.59 1.20
N VAL A 56 -1.96 -11.49 1.73
CA VAL A 56 -1.21 -10.25 1.75
C VAL A 56 -0.79 -9.80 0.35
N LEU A 57 -0.99 -8.52 0.09
CA LEU A 57 -0.63 -7.92 -1.20
C LEU A 57 0.86 -7.62 -1.25
N SER A 58 1.50 -7.71 -0.09
CA SER A 58 2.93 -7.47 0.05
C SER A 58 3.74 -8.43 -0.82
N ARG A 59 3.19 -9.61 -1.08
CA ARG A 59 3.88 -10.61 -1.88
C ARG A 59 3.49 -10.46 -3.36
N GLY A 60 3.41 -9.22 -3.81
CA GLY A 60 2.96 -8.96 -5.16
C GLY A 60 3.83 -7.94 -5.88
N LEU A 61 3.68 -7.88 -7.19
CA LEU A 61 4.51 -7.00 -8.01
C LEU A 61 3.74 -5.76 -8.42
N ILE A 62 4.47 -4.74 -8.83
CA ILE A 62 3.87 -3.47 -9.24
C ILE A 62 4.11 -3.26 -10.73
N ALA A 63 3.07 -2.87 -11.45
CA ALA A 63 3.16 -2.66 -12.89
C ALA A 63 2.47 -1.37 -13.28
N GLU A 64 2.92 -0.76 -14.36
CA GLU A 64 2.38 0.52 -14.79
C GLU A 64 1.31 0.34 -15.86
N HIS A 65 0.16 0.99 -15.64
CA HIS A 65 -0.88 1.07 -16.65
C HIS A 65 -0.49 2.11 -17.69
N GLN A 66 -0.31 3.34 -17.23
CA GLN A 66 0.20 4.45 -18.04
C GLN A 66 0.23 5.70 -17.18
N GLY A 67 1.37 5.96 -16.56
CA GLY A 67 1.47 7.05 -15.62
C GLY A 67 0.84 6.68 -14.29
N GLU A 68 0.40 5.44 -14.19
CA GLU A 68 -0.24 4.91 -12.99
C GLU A 68 0.42 3.61 -12.61
N LEU A 69 0.90 3.52 -11.39
CA LEU A 69 1.50 2.30 -10.92
C LEU A 69 0.48 1.48 -10.14
N TRP A 70 0.13 0.34 -10.71
CA TRP A 70 -0.87 -0.56 -10.12
C TRP A 70 -0.16 -1.73 -9.45
N VAL A 71 -0.75 -2.25 -8.39
CA VAL A 71 -0.20 -3.44 -7.75
C VAL A 71 -0.98 -4.67 -8.21
N ALA A 72 -0.26 -5.74 -8.49
CA ALA A 72 -0.88 -6.96 -8.95
C ALA A 72 -0.53 -8.13 -8.04
N SER A 73 -1.54 -8.65 -7.38
CA SER A 73 -1.37 -9.83 -6.54
C SER A 73 -1.30 -11.07 -7.42
N PRO A 74 -0.15 -11.76 -7.43
CA PRO A 74 0.07 -12.93 -8.30
C PRO A 74 -0.62 -14.19 -7.77
N LEU A 75 -1.65 -13.98 -6.96
CA LEU A 75 -2.39 -15.08 -6.37
C LEU A 75 -3.40 -15.61 -7.37
N LYS A 76 -4.31 -14.76 -7.82
CA LYS A 76 -5.20 -15.11 -8.92
C LYS A 76 -5.28 -13.96 -9.92
N LYS A 77 -6.03 -12.91 -9.57
CA LYS A 77 -6.19 -11.76 -10.45
C LYS A 77 -6.97 -10.64 -9.78
N GLN A 78 -6.26 -9.68 -9.22
CA GLN A 78 -6.87 -8.47 -8.71
C GLN A 78 -5.90 -7.32 -8.83
N ARG A 79 -6.41 -6.14 -9.09
CA ARG A 79 -5.57 -4.99 -9.42
C ARG A 79 -5.98 -3.75 -8.63
N PHE A 80 -5.05 -3.21 -7.87
CA PHE A 80 -5.30 -1.99 -7.10
C PHE A 80 -4.46 -0.85 -7.65
N ARG A 81 -5.09 0.28 -7.93
CA ARG A 81 -4.36 1.45 -8.39
C ARG A 81 -3.73 2.17 -7.21
N LEU A 82 -2.43 1.96 -7.02
CA LEU A 82 -1.72 2.47 -5.84
C LEU A 82 -1.85 3.98 -5.71
N SER A 83 -2.12 4.66 -6.82
CA SER A 83 -2.26 6.11 -6.82
C SER A 83 -3.42 6.56 -5.92
N ASP A 84 -4.32 5.63 -5.57
CA ASP A 84 -5.41 5.95 -4.67
C ASP A 84 -5.73 4.77 -3.75
N GLY A 85 -5.65 3.56 -4.28
CA GLY A 85 -5.96 2.38 -3.49
C GLY A 85 -7.21 1.66 -3.98
N LEU A 86 -7.83 2.23 -5.01
CA LEU A 86 -9.05 1.66 -5.56
C LEU A 86 -8.73 0.44 -6.43
N CYS A 87 -9.56 -0.58 -6.29
CA CYS A 87 -9.42 -1.82 -7.05
C CYS A 87 -10.39 -1.79 -8.23
N MET A 88 -10.07 -2.52 -9.28
CA MET A 88 -10.94 -2.55 -10.45
C MET A 88 -12.09 -3.54 -10.24
N GLU A 89 -11.79 -4.70 -9.66
CA GLU A 89 -12.78 -5.74 -9.48
C GLU A 89 -13.47 -5.63 -8.12
N ASP A 90 -12.76 -5.05 -7.16
CA ASP A 90 -13.31 -4.79 -5.82
C ASP A 90 -13.82 -3.35 -5.75
N GLU A 91 -13.86 -2.71 -6.92
CA GLU A 91 -14.06 -1.27 -7.09
C GLU A 91 -14.96 -0.62 -6.03
N GLN A 92 -16.24 -1.01 -6.00
CA GLN A 92 -17.24 -0.34 -5.17
C GLN A 92 -16.90 -0.42 -3.68
N PHE A 93 -16.18 -1.45 -3.28
CA PHE A 93 -15.78 -1.60 -1.89
C PHE A 93 -14.30 -1.97 -1.83
N SER A 94 -13.47 -1.01 -2.22
CA SER A 94 -12.04 -1.19 -2.22
C SER A 94 -11.46 -0.97 -0.82
N VAL A 95 -10.14 -0.87 -0.74
CA VAL A 95 -9.46 -0.83 0.54
C VAL A 95 -9.25 0.61 1.03
N LYS A 96 -8.95 0.75 2.32
CA LYS A 96 -8.66 2.05 2.92
C LYS A 96 -7.26 2.50 2.53
N HIS A 97 -7.19 3.67 1.91
CA HIS A 97 -5.92 4.30 1.59
C HIS A 97 -5.44 5.12 2.79
N TYR A 98 -4.28 4.76 3.30
CA TYR A 98 -3.72 5.45 4.44
C TYR A 98 -2.79 6.56 3.97
N GLU A 99 -2.83 7.67 4.67
CA GLU A 99 -2.03 8.82 4.32
C GLU A 99 -0.61 8.62 4.83
N ALA A 100 0.31 8.38 3.91
CA ALA A 100 1.69 8.07 4.26
C ALA A 100 2.65 9.15 3.77
N ARG A 101 3.77 9.30 4.47
CA ARG A 101 4.81 10.23 4.06
C ARG A 101 6.17 9.73 4.51
N VAL A 102 7.21 10.13 3.79
CA VAL A 102 8.57 9.80 4.15
C VAL A 102 9.20 10.99 4.89
N LYS A 103 9.27 10.87 6.20
CA LYS A 103 9.78 11.93 7.05
C LYS A 103 11.27 11.73 7.29
N ASP A 104 12.10 12.43 6.51
CA ASP A 104 13.56 12.39 6.67
C ASP A 104 14.10 10.96 6.49
N GLY A 105 13.31 10.10 5.86
CA GLY A 105 13.73 8.73 5.65
C GLY A 105 12.89 7.75 6.45
N VAL A 106 12.07 8.27 7.34
CA VAL A 106 11.20 7.44 8.18
C VAL A 106 9.77 7.44 7.63
N VAL A 107 9.19 6.25 7.46
CA VAL A 107 7.84 6.14 6.93
C VAL A 107 6.81 6.37 8.03
N GLN A 108 5.97 7.36 7.86
CA GLN A 108 4.92 7.63 8.84
C GLN A 108 3.55 7.35 8.24
N LEU A 109 2.67 6.76 9.03
CA LEU A 109 1.32 6.45 8.57
C LEU A 109 0.28 7.25 9.35
N ARG A 110 -0.62 7.87 8.62
CA ARG A 110 -1.78 8.52 9.21
C ARG A 110 -3.04 7.76 8.81
N GLY A 111 -3.72 7.21 9.79
CA GLY A 111 -4.93 6.47 9.52
C GLY A 111 -5.75 6.24 10.77
N GLY A 112 -7.04 6.00 10.59
CA GLY A 112 -7.91 5.76 11.72
C GLY A 112 -8.60 7.02 12.19
N SER A 113 -7.85 7.84 12.93
CA SER A 113 -8.38 9.09 13.45
C SER A 113 -7.34 10.19 13.31
N MET A 4 -7.34 15.41 14.65
CA MET A 4 -6.59 14.13 14.78
C MET A 4 -5.88 13.82 13.48
N SER A 5 -4.78 13.08 13.56
CA SER A 5 -4.11 12.59 12.38
C SER A 5 -3.48 11.24 12.65
N GLN A 6 -2.67 11.18 13.72
CA GLN A 6 -1.90 10.00 14.05
C GLN A 6 -0.94 9.64 12.92
N TRP A 7 0.17 10.35 12.85
CA TRP A 7 1.24 10.01 11.94
C TRP A 7 2.22 9.09 12.64
N LYS A 8 1.99 7.79 12.53
CA LYS A 8 2.84 6.84 13.22
C LYS A 8 3.94 6.33 12.30
N ASP A 9 5.16 6.36 12.81
CA ASP A 9 6.30 5.84 12.08
C ASP A 9 6.23 4.32 12.06
N ILE A 10 6.53 3.73 10.92
CA ILE A 10 6.55 2.30 10.77
C ILE A 10 7.98 1.80 10.80
N CYS A 11 8.71 2.16 9.76
CA CYS A 11 10.10 1.80 9.62
C CYS A 11 10.76 2.82 8.70
N LYS A 12 12.06 2.72 8.54
CA LYS A 12 12.76 3.61 7.64
C LYS A 12 12.47 3.21 6.20
N ILE A 13 12.58 4.18 5.30
CA ILE A 13 12.42 3.91 3.88
C ILE A 13 13.64 3.14 3.37
N ASP A 14 14.66 3.10 4.22
CA ASP A 14 15.88 2.33 3.97
C ASP A 14 15.57 0.83 4.01
N ASP A 15 14.55 0.47 4.78
CA ASP A 15 14.16 -0.93 4.95
C ASP A 15 13.37 -1.41 3.73
N ILE A 16 12.66 -0.50 3.10
CA ILE A 16 11.83 -0.82 1.95
C ILE A 16 12.48 -0.35 0.66
N LEU A 17 13.06 -1.29 -0.08
CA LEU A 17 13.73 -0.97 -1.34
C LEU A 17 12.70 -0.57 -2.40
N PRO A 18 13.11 0.19 -3.43
CA PRO A 18 12.23 0.53 -4.54
C PRO A 18 11.72 -0.70 -5.28
N GLU A 19 10.49 -0.63 -5.79
CA GLU A 19 9.86 -1.75 -6.48
C GLU A 19 9.57 -2.90 -5.52
N THR A 20 9.34 -2.56 -4.26
CA THR A 20 9.12 -3.57 -3.23
C THR A 20 7.87 -3.25 -2.41
N GLY A 21 7.15 -4.28 -2.02
CA GLY A 21 6.00 -4.11 -1.15
C GLY A 21 6.10 -5.04 0.05
N VAL A 22 5.85 -4.51 1.23
CA VAL A 22 5.97 -5.29 2.46
C VAL A 22 4.71 -5.16 3.31
N CYS A 23 4.63 -5.96 4.35
CA CYS A 23 3.52 -5.90 5.29
C CYS A 23 3.93 -5.07 6.51
N ALA A 24 3.08 -4.12 6.87
CA ALA A 24 3.38 -3.24 7.99
C ALA A 24 2.21 -3.21 8.97
N LEU A 25 2.47 -2.65 10.14
CA LEU A 25 1.45 -2.53 11.17
C LEU A 25 1.36 -1.10 11.66
N LEU A 26 0.18 -0.50 11.51
CA LEU A 26 -0.07 0.84 11.98
C LEU A 26 -0.74 0.77 13.35
N GLY A 27 0.07 0.66 14.38
CA GLY A 27 -0.46 0.45 15.72
C GLY A 27 -0.86 -1.00 15.90
N ASP A 28 -2.08 -1.33 15.54
CA ASP A 28 -2.52 -2.71 15.50
C ASP A 28 -3.17 -3.02 14.15
N GLU A 29 -3.31 -2.00 13.32
CA GLU A 29 -3.96 -2.13 12.01
C GLU A 29 -2.98 -2.69 10.99
N GLN A 30 -3.47 -3.58 10.13
CA GLN A 30 -2.63 -4.18 9.10
C GLN A 30 -2.60 -3.31 7.85
N VAL A 31 -1.41 -2.91 7.45
CA VAL A 31 -1.24 -2.05 6.29
C VAL A 31 -0.20 -2.63 5.33
N ALA A 32 -0.47 -2.55 4.04
CA ALA A 32 0.48 -2.99 3.04
C ALA A 32 1.17 -1.77 2.44
N ILE A 33 2.48 -1.67 2.63
CA ILE A 33 3.23 -0.52 2.13
C ILE A 33 4.00 -0.90 0.87
N PHE A 34 3.74 -0.16 -0.20
CA PHE A 34 4.42 -0.39 -1.46
C PHE A 34 5.25 0.81 -1.83
N ARG A 35 6.51 0.58 -2.15
CA ARG A 35 7.36 1.63 -2.67
C ARG A 35 7.67 1.34 -4.14
N PRO A 36 6.96 2.01 -5.03
CA PRO A 36 7.15 1.87 -6.47
C PRO A 36 8.29 2.73 -6.99
N TYR A 37 8.42 3.93 -6.44
CA TYR A 37 9.40 4.88 -6.92
C TYR A 37 10.72 4.73 -6.18
N HIS A 38 11.78 5.23 -6.79
CA HIS A 38 13.09 5.27 -6.16
C HIS A 38 13.13 6.40 -5.13
N SER A 39 12.16 7.29 -5.22
CA SER A 39 12.08 8.44 -4.34
C SER A 39 11.31 8.09 -3.06
N ASP A 40 10.88 9.14 -2.35
CA ASP A 40 10.17 8.99 -1.08
C ASP A 40 8.68 8.79 -1.30
N GLN A 41 8.28 8.55 -2.54
CA GLN A 41 6.88 8.35 -2.87
C GLN A 41 6.45 6.91 -2.60
N VAL A 42 5.86 6.69 -1.44
CA VAL A 42 5.36 5.39 -1.07
C VAL A 42 3.84 5.39 -0.94
N PHE A 43 3.22 4.24 -1.10
CA PHE A 43 1.77 4.13 -1.02
C PHE A 43 1.38 3.04 -0.04
N ALA A 44 0.32 3.28 0.73
CA ALA A 44 -0.10 2.34 1.75
C ALA A 44 -1.61 2.10 1.69
N ILE A 45 -2.00 0.83 1.68
CA ILE A 45 -3.40 0.45 1.67
C ILE A 45 -3.64 -0.73 2.61
N SER A 46 -4.89 -1.10 2.82
CA SER A 46 -5.20 -2.28 3.60
C SER A 46 -4.69 -3.52 2.89
N ASN A 47 -4.08 -4.43 3.63
CA ASN A 47 -3.38 -5.59 3.05
C ASN A 47 -4.32 -6.74 2.74
N ILE A 48 -5.57 -6.63 3.16
CA ILE A 48 -6.53 -7.71 2.97
C ILE A 48 -7.58 -7.34 1.93
N ASP A 49 -7.69 -8.16 0.89
CA ASP A 49 -8.70 -7.97 -0.15
C ASP A 49 -10.10 -8.04 0.42
N PRO A 50 -10.97 -7.09 0.08
CA PRO A 50 -12.40 -7.19 0.39
C PRO A 50 -13.10 -8.05 -0.67
N PHE A 51 -12.38 -8.29 -1.77
CA PHE A 51 -12.91 -9.04 -2.90
C PHE A 51 -12.66 -10.53 -2.75
N PHE A 52 -11.39 -10.90 -2.57
CA PHE A 52 -11.03 -12.31 -2.51
C PHE A 52 -10.59 -12.71 -1.09
N GLU A 53 -10.17 -11.72 -0.32
CA GLU A 53 -9.74 -11.91 1.07
C GLU A 53 -8.42 -12.69 1.17
N SER A 54 -7.33 -12.02 0.83
CA SER A 54 -5.99 -12.55 1.04
C SER A 54 -5.33 -11.76 2.16
N SER A 55 -4.28 -12.32 2.75
CA SER A 55 -3.64 -11.68 3.89
C SER A 55 -2.56 -10.68 3.45
N VAL A 56 -1.93 -10.95 2.31
CA VAL A 56 -0.88 -10.06 1.84
C VAL A 56 -1.11 -9.65 0.39
N LEU A 57 -1.14 -8.35 0.15
CA LEU A 57 -1.16 -7.79 -1.19
C LEU A 57 0.26 -7.50 -1.64
N SER A 58 1.19 -7.64 -0.70
CA SER A 58 2.59 -7.29 -0.93
C SER A 58 3.29 -8.33 -1.80
N ARG A 59 2.56 -9.35 -2.22
CA ARG A 59 3.10 -10.41 -3.03
C ARG A 59 2.67 -10.24 -4.48
N GLY A 60 2.67 -8.99 -4.94
CA GLY A 60 2.25 -8.67 -6.28
C GLY A 60 3.21 -7.71 -6.96
N LEU A 61 3.10 -7.60 -8.28
CA LEU A 61 4.00 -6.76 -9.05
C LEU A 61 3.37 -5.40 -9.30
N ILE A 62 4.17 -4.35 -9.20
CA ILE A 62 3.68 -3.00 -9.42
C ILE A 62 3.88 -2.60 -10.89
N ALA A 63 2.79 -2.28 -11.55
CA ALA A 63 2.83 -1.94 -12.97
C ALA A 63 2.03 -0.66 -13.22
N GLU A 64 2.23 -0.05 -14.38
CA GLU A 64 1.54 1.18 -14.71
C GLU A 64 0.37 0.93 -15.64
N HIS A 65 -0.80 1.44 -15.24
CA HIS A 65 -2.00 1.36 -16.07
C HIS A 65 -1.92 2.38 -17.19
N GLN A 66 -1.61 3.61 -16.80
CA GLN A 66 -1.41 4.72 -17.73
C GLN A 66 -1.20 5.99 -16.90
N GLY A 67 0.00 6.17 -16.40
CA GLY A 67 0.26 7.23 -15.45
C GLY A 67 -0.02 6.79 -14.02
N GLU A 68 -0.99 5.89 -13.87
CA GLU A 68 -1.37 5.36 -12.57
C GLU A 68 -0.54 4.14 -12.23
N LEU A 69 -0.22 3.98 -10.96
CA LEU A 69 0.50 2.80 -10.50
C LEU A 69 -0.46 1.81 -9.87
N TRP A 70 -0.53 0.62 -10.43
CA TRP A 70 -1.40 -0.42 -9.96
C TRP A 70 -0.59 -1.62 -9.48
N VAL A 71 -1.01 -2.22 -8.39
CA VAL A 71 -0.38 -3.44 -7.93
C VAL A 71 -1.18 -4.64 -8.41
N ALA A 72 -0.51 -5.54 -9.11
CA ALA A 72 -1.16 -6.72 -9.65
C ALA A 72 -0.63 -7.98 -8.99
N SER A 73 -1.44 -8.58 -8.14
CA SER A 73 -1.06 -9.78 -7.43
C SER A 73 -1.31 -11.01 -8.31
N PRO A 74 -0.23 -11.77 -8.61
CA PRO A 74 -0.34 -12.96 -9.45
C PRO A 74 -1.05 -14.11 -8.75
N LEU A 75 -1.53 -13.85 -7.53
CA LEU A 75 -2.29 -14.84 -6.79
C LEU A 75 -3.60 -15.15 -7.51
N LYS A 76 -4.54 -14.20 -7.48
CA LYS A 76 -5.81 -14.39 -8.16
C LYS A 76 -6.15 -13.19 -9.03
N LYS A 77 -5.09 -12.48 -9.48
CA LYS A 77 -5.20 -11.46 -10.51
C LYS A 77 -5.91 -10.20 -10.01
N GLN A 78 -5.86 -9.96 -8.70
CA GLN A 78 -6.44 -8.76 -8.13
C GLN A 78 -5.57 -7.54 -8.43
N ARG A 79 -6.21 -6.43 -8.75
CA ARG A 79 -5.49 -5.20 -9.09
C ARG A 79 -5.98 -4.04 -8.24
N PHE A 80 -5.04 -3.29 -7.68
CA PHE A 80 -5.37 -2.15 -6.84
C PHE A 80 -4.60 -0.92 -7.28
N ARG A 81 -5.29 0.22 -7.37
CA ARG A 81 -4.66 1.49 -7.68
C ARG A 81 -4.10 2.09 -6.40
N LEU A 82 -2.78 2.17 -6.33
CA LEU A 82 -2.08 2.53 -5.09
C LEU A 82 -2.43 3.95 -4.61
N SER A 83 -2.81 4.81 -5.54
CA SER A 83 -3.04 6.20 -5.23
C SER A 83 -4.28 6.42 -4.35
N ASP A 84 -5.40 5.82 -4.72
CA ASP A 84 -6.65 6.06 -4.01
C ASP A 84 -7.15 4.81 -3.30
N GLY A 85 -6.64 3.66 -3.69
CA GLY A 85 -7.04 2.41 -3.07
C GLY A 85 -8.16 1.73 -3.81
N LEU A 86 -8.41 2.16 -5.04
CA LEU A 86 -9.44 1.54 -5.87
C LEU A 86 -9.01 0.17 -6.34
N CYS A 87 -9.91 -0.79 -6.25
CA CYS A 87 -9.67 -2.10 -6.80
C CYS A 87 -10.38 -2.21 -8.14
N MET A 88 -9.70 -2.78 -9.12
CA MET A 88 -10.29 -2.91 -10.45
C MET A 88 -11.45 -3.89 -10.43
N GLU A 89 -11.33 -4.92 -9.61
CA GLU A 89 -12.34 -5.95 -9.48
C GLU A 89 -13.38 -5.56 -8.44
N ASP A 90 -12.89 -5.11 -7.28
CA ASP A 90 -13.73 -4.81 -6.13
C ASP A 90 -14.20 -3.35 -6.13
N GLU A 91 -14.00 -2.65 -7.25
CA GLU A 91 -14.38 -1.23 -7.41
C GLU A 91 -15.70 -0.84 -6.73
N GLN A 92 -16.60 -1.82 -6.56
CA GLN A 92 -17.83 -1.63 -5.77
C GLN A 92 -17.54 -1.01 -4.40
N PHE A 93 -16.44 -1.42 -3.76
CA PHE A 93 -16.09 -0.91 -2.44
C PHE A 93 -14.61 -0.53 -2.38
N SER A 94 -13.74 -1.47 -2.77
CA SER A 94 -12.29 -1.27 -2.79
C SER A 94 -11.70 -1.24 -1.38
N VAL A 95 -10.38 -1.06 -1.28
CA VAL A 95 -9.69 -1.15 0.00
C VAL A 95 -9.59 0.21 0.69
N LYS A 96 -8.94 0.22 1.84
CA LYS A 96 -8.76 1.44 2.62
C LYS A 96 -7.37 2.02 2.35
N HIS A 97 -7.33 3.23 1.83
CA HIS A 97 -6.06 3.89 1.53
C HIS A 97 -5.58 4.71 2.73
N TYR A 98 -4.30 4.57 3.03
CA TYR A 98 -3.69 5.35 4.11
C TYR A 98 -2.78 6.42 3.53
N GLU A 99 -2.72 7.57 4.18
CA GLU A 99 -1.83 8.63 3.75
C GLU A 99 -0.42 8.38 4.27
N ALA A 100 0.52 8.24 3.35
CA ALA A 100 1.88 7.90 3.71
C ALA A 100 2.84 9.05 3.41
N ARG A 101 3.73 9.33 4.34
CA ARG A 101 4.77 10.31 4.12
C ARG A 101 6.10 9.76 4.63
N VAL A 102 7.18 10.10 3.97
CA VAL A 102 8.50 9.71 4.42
C VAL A 102 9.14 10.87 5.16
N LYS A 103 9.12 10.77 6.49
CA LYS A 103 9.60 11.84 7.34
C LYS A 103 11.03 11.56 7.78
N ASP A 104 11.97 12.33 7.25
CA ASP A 104 13.37 12.23 7.66
C ASP A 104 13.93 10.85 7.34
N GLY A 105 13.35 10.20 6.34
CA GLY A 105 13.76 8.86 5.97
C GLY A 105 12.96 7.78 6.65
N VAL A 106 11.95 8.17 7.43
CA VAL A 106 11.13 7.22 8.15
C VAL A 106 9.69 7.24 7.60
N VAL A 107 9.17 6.06 7.26
CA VAL A 107 7.83 5.96 6.70
C VAL A 107 6.78 6.16 7.79
N GLN A 108 5.94 7.17 7.64
CA GLN A 108 4.84 7.41 8.57
C GLN A 108 3.51 7.29 7.86
N LEU A 109 2.53 6.75 8.56
CA LEU A 109 1.20 6.55 7.99
C LEU A 109 0.15 7.29 8.79
N ARG A 110 -0.79 7.92 8.10
CA ARG A 110 -1.95 8.53 8.74
C ARG A 110 -3.21 7.82 8.31
N GLY A 111 -3.88 7.19 9.26
CA GLY A 111 -5.11 6.48 8.96
C GLY A 111 -5.66 5.76 10.18
N GLY A 112 -6.45 6.46 10.96
CA GLY A 112 -7.03 5.89 12.15
C GLY A 112 -8.53 5.75 12.03
N SER A 113 -9.09 6.52 11.10
CA SER A 113 -10.51 6.47 10.81
C SER A 113 -10.74 6.90 9.37
N MET A 4 -7.53 11.48 14.21
CA MET A 4 -6.66 12.67 14.36
C MET A 4 -5.41 12.51 13.50
N SER A 5 -4.33 12.02 14.12
CA SER A 5 -3.07 11.83 13.43
C SER A 5 -2.13 10.98 14.25
N GLN A 6 -2.03 9.71 13.88
CA GLN A 6 -1.04 8.83 14.49
C GLN A 6 -0.08 8.31 13.42
N TRP A 7 1.00 9.03 13.22
CA TRP A 7 1.99 8.66 12.22
C TRP A 7 2.90 7.58 12.78
N LYS A 8 2.54 6.33 12.55
CA LYS A 8 3.29 5.21 13.07
C LYS A 8 4.56 4.99 12.27
N ASP A 9 5.70 5.16 12.92
CA ASP A 9 6.99 4.87 12.31
C ASP A 9 7.07 3.39 11.95
N ILE A 10 7.09 3.09 10.66
CA ILE A 10 7.13 1.71 10.19
C ILE A 10 8.58 1.24 10.10
N CYS A 11 9.30 1.79 9.14
CA CYS A 11 10.71 1.48 8.94
C CYS A 11 11.34 2.63 8.19
N LYS A 12 12.64 2.58 7.94
CA LYS A 12 13.30 3.65 7.22
C LYS A 12 13.23 3.44 5.72
N ILE A 13 13.44 4.51 4.97
CA ILE A 13 13.39 4.48 3.51
C ILE A 13 14.55 3.63 2.96
N ASP A 14 15.48 3.30 3.84
CA ASP A 14 16.59 2.41 3.49
C ASP A 14 16.08 0.97 3.37
N ASP A 15 14.95 0.69 4.00
CA ASP A 15 14.35 -0.63 3.98
C ASP A 15 13.48 -0.83 2.74
N ILE A 16 12.68 0.18 2.44
CA ILE A 16 11.78 0.11 1.29
C ILE A 16 12.42 0.77 0.07
N LEU A 17 12.94 -0.06 -0.83
CA LEU A 17 13.57 0.41 -2.04
C LEU A 17 12.54 0.65 -3.15
N PRO A 18 12.93 1.25 -4.30
CA PRO A 18 12.02 1.47 -5.44
C PRO A 18 11.32 0.18 -5.89
N GLU A 19 10.03 0.30 -6.18
CA GLU A 19 9.18 -0.83 -6.54
C GLU A 19 9.29 -1.93 -5.49
N THR A 20 8.89 -1.60 -4.28
CA THR A 20 8.95 -2.53 -3.18
C THR A 20 7.77 -2.32 -2.24
N GLY A 21 7.15 -3.41 -1.80
CA GLY A 21 6.02 -3.30 -0.91
C GLY A 21 6.22 -4.12 0.35
N VAL A 22 5.95 -3.51 1.49
CA VAL A 22 6.14 -4.19 2.77
C VAL A 22 4.81 -4.32 3.51
N CYS A 23 4.82 -5.11 4.57
CA CYS A 23 3.64 -5.28 5.40
C CYS A 23 3.81 -4.48 6.69
N ALA A 24 2.80 -3.68 7.02
CA ALA A 24 2.85 -2.85 8.21
C ALA A 24 1.60 -3.06 9.06
N LEU A 25 1.77 -3.03 10.36
CA LEU A 25 0.65 -3.21 11.27
C LEU A 25 0.28 -1.87 11.92
N LEU A 26 -0.85 -1.34 11.51
CA LEU A 26 -1.36 -0.09 12.08
C LEU A 26 -2.32 -0.42 13.21
N GLY A 27 -1.80 -0.51 14.42
CA GLY A 27 -2.61 -0.93 15.55
C GLY A 27 -2.92 -2.41 15.47
N ASP A 28 -4.03 -2.75 14.83
CA ASP A 28 -4.39 -4.14 14.60
C ASP A 28 -4.73 -4.36 13.13
N GLU A 29 -4.62 -3.30 12.34
CA GLU A 29 -4.95 -3.33 10.93
C GLU A 29 -3.72 -3.58 10.08
N GLN A 30 -3.79 -4.57 9.20
CA GLN A 30 -2.71 -4.82 8.27
C GLN A 30 -2.77 -3.82 7.12
N VAL A 31 -1.67 -3.10 6.92
CA VAL A 31 -1.59 -2.12 5.86
C VAL A 31 -0.40 -2.43 4.95
N ALA A 32 -0.61 -2.30 3.65
CA ALA A 32 0.45 -2.56 2.69
C ALA A 32 1.05 -1.26 2.19
N ILE A 33 2.33 -1.08 2.44
CA ILE A 33 3.03 0.12 2.00
C ILE A 33 3.87 -0.18 0.78
N PHE A 34 3.50 0.42 -0.34
CA PHE A 34 4.21 0.22 -1.59
C PHE A 34 4.93 1.49 -2.00
N ARG A 35 6.20 1.35 -2.33
CA ARG A 35 6.95 2.44 -2.93
C ARG A 35 7.06 2.19 -4.43
N PRO A 36 6.20 2.85 -5.23
CA PRO A 36 6.18 2.67 -6.67
C PRO A 36 7.01 3.70 -7.41
N TYR A 37 7.57 4.64 -6.67
CA TYR A 37 8.40 5.68 -7.24
C TYR A 37 9.87 5.43 -6.90
N HIS A 38 10.74 5.94 -7.75
CA HIS A 38 12.17 5.86 -7.51
C HIS A 38 12.54 6.84 -6.40
N SER A 39 11.70 7.85 -6.22
CA SER A 39 11.88 8.85 -5.19
C SER A 39 11.29 8.38 -3.86
N ASP A 40 11.10 9.30 -2.93
CA ASP A 40 10.66 8.98 -1.57
C ASP A 40 9.13 8.87 -1.50
N GLN A 41 8.48 8.78 -2.64
CA GLN A 41 7.02 8.73 -2.69
C GLN A 41 6.51 7.32 -2.46
N VAL A 42 5.87 7.12 -1.31
CA VAL A 42 5.31 5.84 -0.94
C VAL A 42 3.80 5.96 -0.73
N PHE A 43 3.08 4.86 -0.94
CA PHE A 43 1.62 4.85 -0.75
C PHE A 43 1.21 3.65 0.08
N ALA A 44 0.19 3.83 0.90
CA ALA A 44 -0.29 2.76 1.76
C ALA A 44 -1.76 2.46 1.47
N ILE A 45 -2.08 1.18 1.39
CA ILE A 45 -3.45 0.73 1.22
C ILE A 45 -3.73 -0.43 2.18
N SER A 46 -5.00 -0.72 2.42
CA SER A 46 -5.37 -1.84 3.27
C SER A 46 -4.77 -3.12 2.72
N ASN A 47 -4.16 -3.91 3.59
CA ASN A 47 -3.42 -5.10 3.17
C ASN A 47 -4.32 -6.33 3.21
N ILE A 48 -5.62 -6.09 3.36
CA ILE A 48 -6.62 -7.14 3.33
C ILE A 48 -7.72 -6.77 2.32
N ASP A 49 -8.16 -7.72 1.50
CA ASP A 49 -9.28 -7.48 0.59
C ASP A 49 -10.59 -7.45 1.34
N PRO A 50 -11.41 -6.40 1.14
CA PRO A 50 -12.67 -6.23 1.85
C PRO A 50 -13.79 -7.12 1.34
N PHE A 51 -14.07 -7.06 0.04
CA PHE A 51 -15.18 -7.81 -0.54
C PHE A 51 -14.70 -9.19 -0.95
N PHE A 52 -13.51 -9.24 -1.55
CA PHE A 52 -12.94 -10.48 -2.03
C PHE A 52 -12.49 -11.35 -0.86
N GLU A 53 -12.16 -10.68 0.25
CA GLU A 53 -11.70 -11.34 1.46
C GLU A 53 -10.39 -12.09 1.20
N SER A 54 -9.32 -11.34 1.18
CA SER A 54 -8.00 -11.88 0.92
C SER A 54 -7.01 -11.27 1.88
N SER A 55 -5.85 -11.88 2.01
CA SER A 55 -4.86 -11.44 2.97
C SER A 55 -3.87 -10.46 2.34
N VAL A 56 -2.61 -10.60 2.71
CA VAL A 56 -1.58 -9.61 2.42
C VAL A 56 -1.25 -9.48 0.93
N LEU A 57 -1.28 -8.25 0.46
CA LEU A 57 -1.02 -7.91 -0.93
C LEU A 57 0.46 -7.57 -1.16
N SER A 58 1.22 -7.49 -0.06
CA SER A 58 2.62 -7.02 -0.10
C SER A 58 3.55 -7.97 -0.86
N ARG A 59 3.02 -9.05 -1.41
CA ARG A 59 3.83 -10.02 -2.12
C ARG A 59 3.54 -9.98 -3.62
N GLY A 60 3.37 -8.78 -4.14
CA GLY A 60 3.03 -8.61 -5.54
C GLY A 60 3.88 -7.54 -6.21
N LEU A 61 3.87 -7.53 -7.54
CA LEU A 61 4.72 -6.62 -8.31
C LEU A 61 3.99 -5.32 -8.60
N ILE A 62 4.74 -4.29 -8.97
CA ILE A 62 4.16 -3.00 -9.31
C ILE A 62 4.29 -2.75 -10.81
N ALA A 63 3.17 -2.43 -11.45
CA ALA A 63 3.15 -2.22 -12.89
C ALA A 63 2.41 -0.94 -13.24
N GLU A 64 3.12 -0.02 -13.88
CA GLU A 64 2.53 1.21 -14.38
C GLU A 64 1.86 0.94 -15.73
N HIS A 65 0.58 1.26 -15.85
CA HIS A 65 -0.13 1.05 -17.11
C HIS A 65 0.20 2.16 -18.11
N GLN A 66 -0.50 3.27 -18.01
CA GLN A 66 -0.31 4.39 -18.91
C GLN A 66 0.24 5.58 -18.16
N GLY A 67 0.12 5.54 -16.85
CA GLY A 67 0.53 6.63 -16.00
C GLY A 67 0.17 6.39 -14.55
N GLU A 68 -0.86 5.56 -14.35
CA GLU A 68 -1.28 5.18 -13.01
C GLU A 68 -0.51 3.94 -12.57
N LEU A 69 -0.23 3.88 -11.28
CA LEU A 69 0.59 2.82 -10.72
C LEU A 69 -0.30 1.75 -10.08
N TRP A 70 -0.24 0.56 -10.63
CA TRP A 70 -1.04 -0.56 -10.13
C TRP A 70 -0.14 -1.62 -9.53
N VAL A 71 -0.57 -2.20 -8.42
CA VAL A 71 0.11 -3.35 -7.85
C VAL A 71 -0.64 -4.62 -8.22
N ALA A 72 0.10 -5.62 -8.66
CA ALA A 72 -0.51 -6.85 -9.14
C ALA A 72 -0.23 -8.02 -8.20
N SER A 73 -1.29 -8.54 -7.61
CA SER A 73 -1.19 -9.67 -6.71
C SER A 73 -1.32 -10.97 -7.50
N PRO A 74 -0.29 -11.84 -7.44
CA PRO A 74 -0.26 -13.11 -8.18
C PRO A 74 -1.34 -14.09 -7.71
N LEU A 75 -2.07 -13.69 -6.68
CA LEU A 75 -3.16 -14.49 -6.12
C LEU A 75 -4.20 -14.80 -7.21
N LYS A 76 -4.65 -13.77 -7.90
CA LYS A 76 -5.69 -13.90 -8.90
C LYS A 76 -5.41 -12.99 -10.10
N LYS A 77 -4.14 -12.61 -10.25
CA LYS A 77 -3.75 -11.60 -11.24
C LYS A 77 -4.46 -10.29 -10.88
N GLN A 78 -4.55 -10.09 -9.58
CA GLN A 78 -5.34 -9.04 -8.97
C GLN A 78 -4.66 -7.69 -9.14
N ARG A 79 -5.46 -6.64 -9.34
CA ARG A 79 -4.91 -5.33 -9.68
C ARG A 79 -5.46 -4.23 -8.76
N PHE A 80 -4.55 -3.54 -8.08
CA PHE A 80 -4.91 -2.41 -7.23
C PHE A 80 -4.25 -1.13 -7.71
N ARG A 81 -5.02 -0.07 -7.82
CA ARG A 81 -4.46 1.24 -8.12
C ARG A 81 -4.02 1.88 -6.82
N LEU A 82 -2.77 1.65 -6.44
CA LEU A 82 -2.25 2.02 -5.12
C LEU A 82 -2.24 3.53 -4.89
N SER A 83 -2.37 4.29 -5.98
CA SER A 83 -2.45 5.74 -5.90
C SER A 83 -3.77 6.17 -5.28
N ASP A 84 -4.75 5.28 -5.29
CA ASP A 84 -6.10 5.60 -4.85
C ASP A 84 -6.64 4.56 -3.86
N GLY A 85 -6.47 3.29 -4.19
CA GLY A 85 -7.00 2.24 -3.35
C GLY A 85 -7.98 1.36 -4.10
N LEU A 86 -8.41 1.84 -5.28
CA LEU A 86 -9.30 1.08 -6.13
C LEU A 86 -8.72 -0.27 -6.49
N CYS A 87 -9.55 -1.29 -6.39
CA CYS A 87 -9.21 -2.61 -6.88
C CYS A 87 -10.00 -2.87 -8.15
N MET A 88 -9.42 -3.59 -9.09
CA MET A 88 -10.08 -3.83 -10.37
C MET A 88 -11.17 -4.91 -10.23
N GLU A 89 -10.90 -5.94 -9.46
CA GLU A 89 -11.88 -7.00 -9.22
C GLU A 89 -12.73 -6.70 -7.98
N ASP A 90 -12.11 -6.19 -6.94
CA ASP A 90 -12.82 -5.81 -5.70
C ASP A 90 -13.46 -4.42 -5.87
N GLU A 91 -13.43 -3.94 -7.12
CA GLU A 91 -13.94 -2.63 -7.53
C GLU A 91 -15.18 -2.16 -6.76
N GLN A 92 -16.03 -3.10 -6.35
CA GLN A 92 -17.25 -2.78 -5.62
C GLN A 92 -16.94 -2.02 -4.33
N PHE A 93 -15.87 -2.40 -3.65
CA PHE A 93 -15.48 -1.77 -2.39
C PHE A 93 -14.10 -1.14 -2.51
N SER A 94 -13.12 -1.94 -2.90
CA SER A 94 -11.72 -1.54 -2.98
C SER A 94 -11.12 -1.38 -1.58
N VAL A 95 -9.81 -1.27 -1.51
CA VAL A 95 -9.13 -1.27 -0.21
C VAL A 95 -8.98 0.14 0.33
N LYS A 96 -9.06 0.25 1.65
CA LYS A 96 -8.98 1.52 2.35
C LYS A 96 -7.58 2.13 2.16
N HIS A 97 -7.54 3.33 1.62
CA HIS A 97 -6.27 4.01 1.36
C HIS A 97 -5.79 4.73 2.61
N TYR A 98 -4.48 4.70 2.83
CA TYR A 98 -3.89 5.30 4.02
C TYR A 98 -2.88 6.36 3.63
N GLU A 99 -2.53 7.22 4.60
CA GLU A 99 -1.63 8.33 4.35
C GLU A 99 -0.22 7.97 4.81
N ALA A 100 0.71 7.96 3.87
CA ALA A 100 2.09 7.60 4.17
C ALA A 100 3.03 8.74 3.80
N ARG A 101 4.10 8.89 4.57
CA ARG A 101 5.10 9.91 4.31
C ARG A 101 6.48 9.44 4.76
N VAL A 102 7.52 10.12 4.29
CA VAL A 102 8.88 9.82 4.72
C VAL A 102 9.41 10.97 5.58
N LYS A 103 9.58 10.70 6.86
CA LYS A 103 10.02 11.70 7.82
C LYS A 103 11.38 11.35 8.39
N ASP A 104 12.38 12.19 8.15
CA ASP A 104 13.74 11.96 8.66
C ASP A 104 14.34 10.70 8.03
N GLY A 105 13.68 10.22 6.98
CA GLY A 105 14.09 8.99 6.35
C GLY A 105 13.29 7.81 6.88
N VAL A 106 12.25 8.09 7.66
CA VAL A 106 11.42 7.04 8.24
C VAL A 106 10.03 7.06 7.62
N VAL A 107 9.57 5.89 7.18
CA VAL A 107 8.24 5.77 6.60
C VAL A 107 7.19 5.78 7.70
N GLN A 108 6.37 6.81 7.71
CA GLN A 108 5.31 6.93 8.70
C GLN A 108 3.97 6.69 8.07
N LEU A 109 3.09 6.06 8.82
CA LEU A 109 1.77 5.71 8.34
C LEU A 109 0.69 6.33 9.23
N ARG A 110 -0.14 7.18 8.64
CA ARG A 110 -1.30 7.72 9.34
C ARG A 110 -2.57 7.15 8.73
N GLY A 111 -3.34 6.45 9.53
CA GLY A 111 -4.55 5.85 9.03
C GLY A 111 -5.78 6.31 9.78
N GLY A 112 -6.81 6.69 9.03
CA GLY A 112 -8.05 7.08 9.65
C GLY A 112 -8.90 5.88 10.02
N SER A 113 -8.31 4.99 10.80
CA SER A 113 -8.97 3.77 11.22
C SER A 113 -9.04 3.72 12.74
N MET A 4 -5.91 14.19 15.68
CA MET A 4 -6.43 13.00 14.97
C MET A 4 -5.51 12.60 13.82
N SER A 5 -4.27 13.08 13.87
CA SER A 5 -3.29 12.73 12.86
C SER A 5 -2.24 11.77 13.41
N GLN A 6 -2.67 10.54 13.70
CA GLN A 6 -1.77 9.53 14.20
C GLN A 6 -0.87 9.02 13.07
N TRP A 7 0.22 9.73 12.85
CA TRP A 7 1.24 9.29 11.92
C TRP A 7 2.22 8.37 12.63
N LYS A 8 2.02 7.07 12.48
CA LYS A 8 2.87 6.10 13.15
C LYS A 8 4.21 6.01 12.44
N ASP A 9 5.28 6.12 13.21
CA ASP A 9 6.64 6.04 12.70
C ASP A 9 7.00 4.58 12.45
N ILE A 10 6.89 4.14 11.19
CA ILE A 10 7.09 2.73 10.86
C ILE A 10 8.57 2.40 10.80
N CYS A 11 9.18 2.71 9.66
CA CYS A 11 10.58 2.41 9.43
C CYS A 11 11.16 3.41 8.45
N LYS A 12 12.48 3.43 8.30
CA LYS A 12 13.11 4.38 7.40
C LYS A 12 12.94 3.92 5.95
N ILE A 13 12.84 4.89 5.04
CA ILE A 13 12.68 4.62 3.62
C ILE A 13 13.92 3.89 3.09
N ASP A 14 14.99 3.97 3.86
CA ASP A 14 16.25 3.29 3.56
C ASP A 14 16.05 1.77 3.57
N ASP A 15 15.11 1.30 4.38
CA ASP A 15 14.85 -0.13 4.53
C ASP A 15 14.10 -0.68 3.33
N ILE A 16 12.98 -0.05 3.02
CA ILE A 16 12.14 -0.46 1.91
C ILE A 16 12.78 -0.05 0.59
N LEU A 17 13.24 -1.02 -0.16
CA LEU A 17 13.94 -0.77 -1.42
C LEU A 17 12.95 -0.34 -2.50
N PRO A 18 13.43 0.36 -3.54
CA PRO A 18 12.61 0.75 -4.70
C PRO A 18 11.95 -0.47 -5.35
N GLU A 19 10.66 -0.33 -5.68
CA GLU A 19 9.85 -1.41 -6.24
C GLU A 19 9.70 -2.56 -5.25
N THR A 20 9.42 -2.22 -3.99
CA THR A 20 9.22 -3.22 -2.96
C THR A 20 8.01 -2.87 -2.10
N GLY A 21 7.17 -3.86 -1.86
CA GLY A 21 6.05 -3.69 -0.94
C GLY A 21 6.18 -4.62 0.24
N VAL A 22 5.94 -4.10 1.43
CA VAL A 22 6.17 -4.87 2.65
C VAL A 22 4.94 -4.87 3.56
N CYS A 23 4.93 -5.80 4.52
CA CYS A 23 3.84 -5.91 5.47
C CYS A 23 4.16 -5.12 6.74
N ALA A 24 3.28 -4.19 7.09
CA ALA A 24 3.44 -3.42 8.30
C ALA A 24 2.14 -3.41 9.09
N LEU A 25 2.25 -3.43 10.41
CA LEU A 25 1.05 -3.45 11.25
C LEU A 25 0.79 -2.07 11.84
N LEU A 26 -0.30 -1.46 11.43
CA LEU A 26 -0.71 -0.18 11.97
C LEU A 26 -1.68 -0.41 13.11
N GLY A 27 -1.15 -0.68 14.29
CA GLY A 27 -1.98 -0.98 15.43
C GLY A 27 -2.63 -2.34 15.29
N ASP A 28 -3.86 -2.35 14.81
CA ASP A 28 -4.60 -3.61 14.62
C ASP A 28 -4.80 -3.89 13.13
N GLU A 29 -4.41 -2.93 12.30
CA GLU A 29 -4.66 -3.03 10.87
C GLU A 29 -3.42 -3.49 10.11
N GLN A 30 -3.62 -4.36 9.14
CA GLN A 30 -2.53 -4.85 8.30
C GLN A 30 -2.35 -3.94 7.10
N VAL A 31 -1.26 -3.21 7.07
CA VAL A 31 -1.01 -2.24 6.02
C VAL A 31 0.12 -2.71 5.10
N ALA A 32 -0.09 -2.57 3.80
CA ALA A 32 0.93 -2.90 2.84
C ALA A 32 1.56 -1.62 2.31
N ILE A 33 2.81 -1.38 2.70
CA ILE A 33 3.53 -0.21 2.25
C ILE A 33 4.25 -0.53 0.95
N PHE A 34 3.77 0.05 -0.15
CA PHE A 34 4.37 -0.16 -1.45
C PHE A 34 5.21 1.04 -1.86
N ARG A 35 6.47 0.80 -2.15
CA ARG A 35 7.32 1.83 -2.74
C ARG A 35 7.52 1.50 -4.22
N PRO A 36 6.77 2.17 -5.09
CA PRO A 36 6.82 1.92 -6.53
C PRO A 36 7.95 2.68 -7.24
N TYR A 37 8.18 3.92 -6.81
CA TYR A 37 9.19 4.75 -7.44
C TYR A 37 10.52 4.64 -6.70
N HIS A 38 11.58 5.11 -7.35
CA HIS A 38 12.90 5.05 -6.77
C HIS A 38 13.08 6.18 -5.76
N SER A 39 12.27 7.21 -5.89
CA SER A 39 12.32 8.35 -4.99
C SER A 39 11.50 8.08 -3.72
N ASP A 40 11.32 9.11 -2.90
CA ASP A 40 10.55 9.00 -1.67
C ASP A 40 9.04 9.04 -1.95
N GLN A 41 8.56 8.00 -2.60
CA GLN A 41 7.15 7.88 -2.92
C GLN A 41 6.61 6.55 -2.41
N VAL A 42 5.82 6.60 -1.36
CA VAL A 42 5.24 5.40 -0.79
C VAL A 42 3.71 5.50 -0.78
N PHE A 43 3.07 4.38 -1.09
CA PHE A 43 1.62 4.31 -1.07
C PHE A 43 1.20 3.10 -0.25
N ALA A 44 0.25 3.31 0.65
CA ALA A 44 -0.14 2.27 1.58
C ALA A 44 -1.61 1.92 1.47
N ILE A 45 -1.89 0.64 1.31
CA ILE A 45 -3.25 0.14 1.28
C ILE A 45 -3.40 -1.01 2.27
N SER A 46 -4.61 -1.53 2.41
CA SER A 46 -4.83 -2.68 3.26
C SER A 46 -4.09 -3.89 2.72
N ASN A 47 -3.28 -4.51 3.55
CA ASN A 47 -2.47 -5.66 3.14
C ASN A 47 -3.35 -6.88 2.96
N ILE A 48 -4.46 -6.92 3.67
CA ILE A 48 -5.42 -8.00 3.54
C ILE A 48 -6.68 -7.46 2.88
N ASP A 49 -7.14 -8.14 1.84
CA ASP A 49 -8.38 -7.77 1.17
C ASP A 49 -9.56 -8.47 1.81
N PRO A 50 -10.50 -7.69 2.37
CA PRO A 50 -11.67 -8.23 3.05
C PRO A 50 -12.91 -8.34 2.15
N PHE A 51 -12.79 -7.94 0.89
CA PHE A 51 -13.92 -7.98 -0.02
C PHE A 51 -13.93 -9.32 -0.76
N PHE A 52 -12.84 -9.59 -1.45
CA PHE A 52 -12.70 -10.84 -2.19
C PHE A 52 -12.04 -11.88 -1.29
N GLU A 53 -11.63 -11.40 -0.11
CA GLU A 53 -10.95 -12.22 0.89
C GLU A 53 -9.63 -12.75 0.36
N SER A 54 -8.66 -11.87 0.28
CA SER A 54 -7.34 -12.21 -0.21
C SER A 54 -6.32 -12.01 0.90
N SER A 55 -5.23 -12.76 0.84
CA SER A 55 -4.16 -12.65 1.83
C SER A 55 -3.28 -11.43 1.56
N VAL A 56 -1.99 -11.55 1.84
CA VAL A 56 -1.07 -10.42 1.73
C VAL A 56 -0.87 -9.99 0.28
N LEU A 57 -1.08 -8.71 0.03
CA LEU A 57 -0.94 -8.17 -1.32
C LEU A 57 0.50 -7.76 -1.59
N SER A 58 1.33 -7.84 -0.55
CA SER A 58 2.75 -7.50 -0.65
C SER A 58 3.49 -8.45 -1.60
N ARG A 59 2.92 -9.63 -1.79
CA ARG A 59 3.53 -10.64 -2.67
C ARG A 59 3.11 -10.42 -4.13
N GLY A 60 3.07 -9.17 -4.56
CA GLY A 60 2.55 -8.87 -5.87
C GLY A 60 3.43 -7.89 -6.63
N LEU A 61 3.21 -7.79 -7.94
CA LEU A 61 4.06 -7.00 -8.81
C LEU A 61 3.46 -5.62 -9.04
N ILE A 62 4.33 -4.62 -9.17
CA ILE A 62 3.90 -3.25 -9.37
C ILE A 62 4.24 -2.79 -10.78
N ALA A 63 3.25 -2.20 -11.44
CA ALA A 63 3.44 -1.71 -12.81
C ALA A 63 2.77 -0.34 -12.97
N GLU A 64 3.18 0.38 -14.00
CA GLU A 64 2.62 1.70 -14.26
C GLU A 64 2.09 1.75 -15.69
N HIS A 65 0.91 2.32 -15.88
CA HIS A 65 0.34 2.42 -17.21
C HIS A 65 0.66 3.79 -17.82
N GLN A 66 0.32 4.84 -17.09
CA GLN A 66 0.59 6.20 -17.52
C GLN A 66 0.53 7.14 -16.32
N GLY A 67 1.55 7.08 -15.48
CA GLY A 67 1.55 7.88 -14.27
C GLY A 67 0.73 7.26 -13.16
N GLU A 68 -0.27 6.47 -13.55
CA GLU A 68 -1.10 5.77 -12.60
C GLU A 68 -0.49 4.41 -12.26
N LEU A 69 -0.48 4.09 -10.98
CA LEU A 69 0.22 2.90 -10.49
C LEU A 69 -0.75 1.77 -10.20
N TRP A 70 -0.44 0.59 -10.73
CA TRP A 70 -1.27 -0.57 -10.53
C TRP A 70 -0.44 -1.74 -10.00
N VAL A 71 -0.98 -2.43 -9.01
CA VAL A 71 -0.32 -3.61 -8.46
C VAL A 71 -1.13 -4.86 -8.80
N ALA A 72 -0.46 -5.85 -9.38
CA ALA A 72 -1.12 -7.09 -9.75
C ALA A 72 -0.81 -8.18 -8.74
N SER A 73 -1.82 -8.62 -8.04
CA SER A 73 -1.66 -9.63 -7.02
C SER A 73 -1.81 -11.04 -7.60
N PRO A 74 -0.72 -11.84 -7.54
CA PRO A 74 -0.70 -13.21 -8.05
C PRO A 74 -1.46 -14.18 -7.14
N LEU A 75 -2.38 -13.64 -6.36
CA LEU A 75 -3.24 -14.44 -5.50
C LEU A 75 -4.40 -14.98 -6.30
N LYS A 76 -4.63 -14.35 -7.45
CA LYS A 76 -5.70 -14.73 -8.35
C LYS A 76 -5.39 -14.16 -9.74
N LYS A 77 -5.75 -12.91 -9.92
CA LYS A 77 -5.46 -12.16 -11.14
C LYS A 77 -5.93 -10.72 -10.93
N GLN A 78 -6.04 -10.37 -9.66
CA GLN A 78 -6.66 -9.11 -9.24
C GLN A 78 -5.65 -7.97 -9.26
N ARG A 79 -6.10 -6.81 -9.66
CA ARG A 79 -5.24 -5.64 -9.73
C ARG A 79 -5.82 -4.49 -8.92
N PHE A 80 -4.94 -3.86 -8.14
CA PHE A 80 -5.32 -2.76 -7.27
C PHE A 80 -4.57 -1.50 -7.67
N ARG A 81 -5.23 -0.37 -7.53
CA ARG A 81 -4.60 0.91 -7.75
C ARG A 81 -4.09 1.44 -6.42
N LEU A 82 -2.86 1.10 -6.08
CA LEU A 82 -2.31 1.36 -4.76
C LEU A 82 -2.14 2.85 -4.46
N SER A 83 -2.24 3.67 -5.49
CA SER A 83 -2.07 5.11 -5.32
C SER A 83 -3.17 5.69 -4.43
N ASP A 84 -4.42 5.36 -4.72
CA ASP A 84 -5.53 5.88 -3.95
C ASP A 84 -6.33 4.76 -3.30
N GLY A 85 -5.85 3.53 -3.45
CA GLY A 85 -6.48 2.40 -2.78
C GLY A 85 -7.73 1.92 -3.50
N LEU A 86 -7.70 1.94 -4.82
CA LEU A 86 -8.84 1.51 -5.62
C LEU A 86 -8.65 0.08 -6.08
N CYS A 87 -9.74 -0.66 -6.16
CA CYS A 87 -9.71 -1.98 -6.77
C CYS A 87 -10.31 -1.91 -8.17
N MET A 88 -9.78 -2.66 -9.12
CA MET A 88 -10.33 -2.62 -10.47
C MET A 88 -11.76 -3.13 -10.53
N GLU A 89 -11.99 -4.34 -10.04
CA GLU A 89 -13.32 -4.95 -10.10
C GLU A 89 -14.19 -4.46 -8.93
N ASP A 90 -13.58 -4.37 -7.77
CA ASP A 90 -14.25 -4.01 -6.52
C ASP A 90 -14.39 -2.49 -6.41
N GLU A 91 -14.09 -1.82 -7.51
CA GLU A 91 -13.98 -0.34 -7.62
C GLU A 91 -14.94 0.43 -6.71
N GLN A 92 -16.23 0.09 -6.76
CA GLN A 92 -17.25 0.84 -6.05
C GLN A 92 -17.01 0.86 -4.53
N PHE A 93 -16.34 -0.17 -4.04
CA PHE A 93 -16.08 -0.29 -2.61
C PHE A 93 -14.57 -0.15 -2.34
N SER A 94 -13.80 -1.05 -2.94
CA SER A 94 -12.34 -1.06 -2.81
C SER A 94 -11.89 -1.30 -1.37
N VAL A 95 -10.57 -1.33 -1.17
CA VAL A 95 -9.99 -1.55 0.14
C VAL A 95 -9.68 -0.22 0.82
N LYS A 96 -9.18 -0.28 2.04
CA LYS A 96 -8.89 0.93 2.80
C LYS A 96 -7.59 1.58 2.33
N HIS A 97 -7.67 2.85 1.98
CA HIS A 97 -6.49 3.62 1.62
C HIS A 97 -5.88 4.26 2.85
N TYR A 98 -4.60 4.05 3.06
CA TYR A 98 -3.89 4.66 4.16
C TYR A 98 -3.07 5.82 3.65
N GLU A 99 -3.08 6.92 4.39
CA GLU A 99 -2.33 8.09 4.00
C GLU A 99 -0.91 8.03 4.54
N ALA A 100 0.04 8.00 3.63
CA ALA A 100 1.44 7.83 3.99
C ALA A 100 2.27 9.04 3.57
N ARG A 101 3.39 9.23 4.24
CA ARG A 101 4.32 10.31 3.91
C ARG A 101 5.72 9.92 4.32
N VAL A 102 6.72 10.52 3.70
CA VAL A 102 8.10 10.29 4.08
C VAL A 102 8.59 11.43 4.98
N LYS A 103 8.67 11.15 6.26
CA LYS A 103 9.09 12.14 7.26
C LYS A 103 10.59 12.08 7.47
N ASP A 104 11.31 12.93 6.73
CA ASP A 104 12.75 13.08 6.88
C ASP A 104 13.49 11.76 6.60
N GLY A 105 12.85 10.89 5.83
CA GLY A 105 13.46 9.63 5.51
C GLY A 105 12.81 8.45 6.21
N VAL A 106 11.74 8.71 6.94
CA VAL A 106 11.01 7.65 7.63
C VAL A 106 9.58 7.56 7.11
N VAL A 107 9.06 6.34 6.97
CA VAL A 107 7.72 6.13 6.45
C VAL A 107 6.67 6.30 7.54
N GLN A 108 5.83 7.31 7.39
CA GLN A 108 4.77 7.56 8.35
C GLN A 108 3.43 7.13 7.78
N LEU A 109 2.60 6.50 8.60
CA LEU A 109 1.28 6.07 8.18
C LEU A 109 0.20 6.69 9.04
N ARG A 110 -0.73 7.38 8.41
CA ARG A 110 -1.92 7.86 9.10
C ARG A 110 -3.14 7.09 8.61
N GLY A 111 -3.62 6.19 9.45
CA GLY A 111 -4.80 5.42 9.12
C GLY A 111 -5.84 5.51 10.21
N GLY A 112 -6.06 4.40 10.91
CA GLY A 112 -6.99 4.39 12.01
C GLY A 112 -6.36 3.89 13.29
N SER A 113 -6.83 4.42 14.41
CA SER A 113 -6.35 4.00 15.71
C SER A 113 -7.48 4.13 16.73
N MET A 4 -7.03 9.98 12.20
CA MET A 4 -6.17 10.65 13.20
C MET A 4 -4.77 10.82 12.61
N SER A 5 -4.24 12.02 12.72
CA SER A 5 -2.94 12.35 12.14
C SER A 5 -1.78 11.86 13.01
N GLN A 6 -1.93 10.69 13.61
CA GLN A 6 -0.85 10.09 14.35
C GLN A 6 0.05 9.32 13.40
N TRP A 7 0.87 10.05 12.67
CA TRP A 7 1.80 9.48 11.71
C TRP A 7 2.80 8.55 12.40
N LYS A 8 2.58 7.24 12.27
CA LYS A 8 3.44 6.25 12.88
C LYS A 8 4.78 6.17 12.17
N ASP A 9 5.85 6.13 12.96
CA ASP A 9 7.19 5.93 12.43
C ASP A 9 7.43 4.44 12.19
N ILE A 10 7.43 4.02 10.94
CA ILE A 10 7.57 2.61 10.62
C ILE A 10 9.04 2.22 10.52
N CYS A 11 9.68 2.64 9.44
CA CYS A 11 11.06 2.30 9.20
C CYS A 11 11.62 3.28 8.19
N LYS A 12 12.92 3.27 8.00
CA LYS A 12 13.55 4.16 7.04
C LYS A 12 13.20 3.77 5.61
N ILE A 13 13.14 4.77 4.73
CA ILE A 13 12.83 4.53 3.33
C ILE A 13 14.00 3.81 2.66
N ASP A 14 15.13 3.79 3.34
CA ASP A 14 16.30 3.05 2.88
C ASP A 14 16.03 1.55 2.93
N ASP A 15 15.13 1.14 3.81
CA ASP A 15 14.80 -0.27 3.98
C ASP A 15 13.89 -0.74 2.85
N ILE A 16 12.93 0.10 2.49
CA ILE A 16 11.98 -0.23 1.43
C ILE A 16 12.52 0.24 0.08
N LEU A 17 12.90 -0.71 -0.76
CA LEU A 17 13.44 -0.40 -2.08
C LEU A 17 12.30 -0.08 -3.06
N PRO A 18 12.62 0.49 -4.23
CA PRO A 18 11.62 0.73 -5.28
C PRO A 18 10.94 -0.56 -5.74
N GLU A 19 9.65 -0.44 -6.05
CA GLU A 19 8.83 -1.59 -6.45
C GLU A 19 8.72 -2.62 -5.33
N THR A 20 8.83 -2.16 -4.09
CA THR A 20 8.81 -3.09 -2.96
C THR A 20 7.66 -2.76 -2.00
N GLY A 21 6.99 -3.79 -1.54
CA GLY A 21 5.94 -3.62 -0.56
C GLY A 21 6.25 -4.42 0.69
N VAL A 22 5.92 -3.89 1.85
CA VAL A 22 6.18 -4.56 3.12
C VAL A 22 4.95 -4.51 4.01
N CYS A 23 4.87 -5.44 4.95
CA CYS A 23 3.72 -5.52 5.86
C CYS A 23 4.03 -4.82 7.18
N ALA A 24 3.11 -3.97 7.62
CA ALA A 24 3.23 -3.29 8.89
C ALA A 24 1.90 -3.31 9.61
N LEU A 25 1.84 -2.76 10.81
CA LEU A 25 0.60 -2.73 11.58
C LEU A 25 0.23 -1.32 11.97
N LEU A 26 -1.06 -1.00 11.87
CA LEU A 26 -1.55 0.31 12.24
C LEU A 26 -2.90 0.18 12.95
N GLY A 27 -2.88 0.27 14.26
CA GLY A 27 -4.09 0.07 15.04
C GLY A 27 -4.35 -1.40 15.29
N ASP A 28 -5.29 -1.95 14.54
CA ASP A 28 -5.56 -3.39 14.60
C ASP A 28 -5.58 -3.97 13.19
N GLU A 29 -5.33 -3.11 12.21
CA GLU A 29 -5.34 -3.52 10.82
C GLU A 29 -3.93 -3.68 10.29
N GLN A 30 -3.74 -4.65 9.41
CA GLN A 30 -2.45 -4.86 8.77
C GLN A 30 -2.35 -3.99 7.53
N VAL A 31 -1.30 -3.19 7.47
CA VAL A 31 -1.11 -2.22 6.42
C VAL A 31 0.03 -2.65 5.51
N ALA A 32 -0.21 -2.58 4.20
CA ALA A 32 0.81 -2.90 3.23
C ALA A 32 1.43 -1.62 2.69
N ILE A 33 2.70 -1.42 2.97
CA ILE A 33 3.40 -0.23 2.55
C ILE A 33 4.12 -0.49 1.23
N PHE A 34 3.66 0.14 0.17
CA PHE A 34 4.26 -0.06 -1.13
C PHE A 34 5.05 1.16 -1.57
N ARG A 35 6.30 0.95 -1.91
CA ARG A 35 7.08 1.99 -2.56
C ARG A 35 7.14 1.68 -4.05
N PRO A 36 6.30 2.35 -4.85
CA PRO A 36 6.19 2.09 -6.28
C PRO A 36 7.21 2.87 -7.10
N TYR A 37 7.46 4.11 -6.72
CA TYR A 37 8.38 4.96 -7.44
C TYR A 37 9.79 4.81 -6.89
N HIS A 38 10.77 5.28 -7.65
CA HIS A 38 12.17 5.16 -7.27
C HIS A 38 12.53 6.25 -6.26
N SER A 39 11.61 7.19 -6.07
CA SER A 39 11.84 8.30 -5.18
C SER A 39 11.14 8.06 -3.84
N ASP A 40 10.83 9.14 -3.14
CA ASP A 40 10.21 9.07 -1.80
C ASP A 40 8.70 8.86 -1.89
N GLN A 41 8.18 8.77 -3.10
CA GLN A 41 6.76 8.59 -3.31
C GLN A 41 6.32 7.19 -2.88
N VAL A 42 5.64 7.10 -1.74
CA VAL A 42 5.19 5.84 -1.19
C VAL A 42 3.70 5.87 -0.89
N PHE A 43 3.06 4.70 -0.90
CA PHE A 43 1.63 4.60 -0.62
C PHE A 43 1.35 3.37 0.23
N ALA A 44 0.32 3.45 1.06
CA ALA A 44 -0.06 2.33 1.90
C ALA A 44 -1.55 2.06 1.85
N ILE A 45 -1.92 0.80 1.83
CA ILE A 45 -3.32 0.37 1.84
C ILE A 45 -3.49 -0.83 2.75
N SER A 46 -4.73 -1.25 2.97
CA SER A 46 -4.99 -2.43 3.78
C SER A 46 -4.41 -3.66 3.09
N ASN A 47 -3.72 -4.49 3.86
CA ASN A 47 -2.96 -5.62 3.31
C ASN A 47 -3.88 -6.82 3.03
N ILE A 48 -5.17 -6.63 3.18
CA ILE A 48 -6.13 -7.73 3.03
C ILE A 48 -6.95 -7.61 1.74
N ASP A 49 -7.00 -8.70 0.98
CA ASP A 49 -7.92 -8.81 -0.14
C ASP A 49 -9.21 -9.47 0.35
N PRO A 50 -10.33 -8.73 0.32
CA PRO A 50 -11.59 -9.21 0.87
C PRO A 50 -12.39 -10.07 -0.09
N PHE A 51 -11.90 -10.26 -1.31
CA PHE A 51 -12.64 -11.03 -2.30
C PHE A 51 -12.23 -12.50 -2.24
N PHE A 52 -10.93 -12.75 -2.42
CA PHE A 52 -10.41 -14.11 -2.42
C PHE A 52 -9.86 -14.45 -1.04
N GLU A 53 -9.86 -13.45 -0.17
CA GLU A 53 -9.45 -13.61 1.22
C GLU A 53 -7.97 -13.95 1.33
N SER A 54 -7.14 -13.11 0.74
CA SER A 54 -5.70 -13.26 0.89
C SER A 54 -5.19 -12.23 1.90
N SER A 55 -4.42 -12.70 2.86
CA SER A 55 -4.00 -11.88 3.99
C SER A 55 -2.85 -10.94 3.63
N VAL A 56 -2.22 -11.14 2.49
CA VAL A 56 -1.18 -10.22 2.06
C VAL A 56 -1.40 -9.73 0.63
N LEU A 57 -1.46 -8.42 0.48
CA LEU A 57 -1.36 -7.78 -0.83
C LEU A 57 0.09 -7.43 -1.10
N SER A 58 0.86 -7.40 -0.02
CA SER A 58 2.28 -7.08 -0.06
C SER A 58 3.07 -8.12 -0.86
N ARG A 59 2.44 -9.25 -1.13
CA ARG A 59 3.07 -10.33 -1.88
C ARG A 59 2.64 -10.27 -3.34
N GLY A 60 2.57 -9.06 -3.88
CA GLY A 60 2.10 -8.88 -5.23
C GLY A 60 2.99 -7.93 -6.00
N LEU A 61 2.86 -7.93 -7.31
CA LEU A 61 3.73 -7.16 -8.17
C LEU A 61 3.10 -5.82 -8.53
N ILE A 62 3.95 -4.82 -8.74
CA ILE A 62 3.47 -3.51 -9.13
C ILE A 62 3.52 -3.37 -10.65
N ALA A 63 2.36 -3.18 -11.25
CA ALA A 63 2.24 -3.06 -12.69
C ALA A 63 1.68 -1.70 -13.07
N GLU A 64 2.35 -1.05 -14.00
CA GLU A 64 1.95 0.28 -14.46
C GLU A 64 0.75 0.20 -15.41
N HIS A 65 0.20 1.34 -15.76
CA HIS A 65 -0.88 1.43 -16.74
C HIS A 65 -0.75 2.73 -17.54
N GLN A 66 -1.30 3.81 -17.00
CA GLN A 66 -1.17 5.13 -17.62
C GLN A 66 -0.71 6.14 -16.59
N GLY A 67 0.58 6.08 -16.26
CA GLY A 67 1.14 6.92 -15.22
C GLY A 67 0.85 6.37 -13.83
N GLU A 68 -0.15 5.49 -13.78
CA GLU A 68 -0.58 4.90 -12.52
C GLU A 68 0.22 3.64 -12.24
N LEU A 69 0.54 3.43 -10.98
CA LEU A 69 1.20 2.20 -10.57
C LEU A 69 0.27 1.37 -9.72
N TRP A 70 -0.23 0.28 -10.30
CA TRP A 70 -1.20 -0.59 -9.64
C TRP A 70 -0.48 -1.77 -9.00
N VAL A 71 -1.01 -2.27 -7.90
CA VAL A 71 -0.50 -3.50 -7.33
C VAL A 71 -1.41 -4.65 -7.75
N ALA A 72 -0.81 -5.70 -8.31
CA ALA A 72 -1.57 -6.82 -8.82
C ALA A 72 -1.33 -8.07 -7.99
N SER A 73 -2.41 -8.63 -7.48
CA SER A 73 -2.34 -9.86 -6.71
C SER A 73 -2.18 -11.06 -7.66
N PRO A 74 -1.02 -11.74 -7.60
CA PRO A 74 -0.70 -12.84 -8.51
C PRO A 74 -1.58 -14.07 -8.31
N LEU A 75 -2.41 -14.02 -7.26
CA LEU A 75 -3.34 -15.09 -6.97
C LEU A 75 -4.36 -15.21 -8.10
N LYS A 76 -4.77 -14.07 -8.65
CA LYS A 76 -5.66 -14.05 -9.79
C LYS A 76 -5.37 -12.87 -10.71
N LYS A 77 -6.14 -11.79 -10.58
CA LYS A 77 -6.07 -10.69 -11.55
C LYS A 77 -6.41 -9.34 -10.93
N GLN A 78 -6.44 -9.27 -9.60
CA GLN A 78 -6.86 -8.04 -8.91
C GLN A 78 -5.79 -6.95 -9.01
N ARG A 79 -6.20 -5.78 -9.48
CA ARG A 79 -5.32 -4.62 -9.49
C ARG A 79 -5.85 -3.55 -8.53
N PHE A 80 -4.98 -3.06 -7.66
CA PHE A 80 -5.33 -1.98 -6.75
C PHE A 80 -4.45 -0.77 -7.04
N ARG A 81 -5.06 0.39 -7.25
CA ARG A 81 -4.29 1.59 -7.53
C ARG A 81 -3.85 2.21 -6.22
N LEU A 82 -2.53 2.24 -6.02
CA LEU A 82 -1.93 2.67 -4.75
C LEU A 82 -2.29 4.10 -4.39
N SER A 83 -2.65 4.89 -5.40
CA SER A 83 -3.00 6.29 -5.21
C SER A 83 -4.20 6.44 -4.27
N ASP A 84 -5.32 5.82 -4.63
CA ASP A 84 -6.55 5.97 -3.87
C ASP A 84 -6.82 4.77 -2.99
N GLY A 85 -6.33 3.61 -3.42
CA GLY A 85 -6.73 2.36 -2.80
C GLY A 85 -7.91 1.77 -3.52
N LEU A 86 -8.09 2.23 -4.76
CA LEU A 86 -9.21 1.81 -5.58
C LEU A 86 -8.90 0.49 -6.29
N CYS A 87 -9.90 -0.36 -6.38
CA CYS A 87 -9.79 -1.58 -7.16
C CYS A 87 -10.12 -1.29 -8.62
N MET A 88 -9.45 -1.97 -9.53
CA MET A 88 -9.65 -1.74 -10.96
C MET A 88 -11.11 -1.95 -11.36
N GLU A 89 -11.55 -3.20 -11.38
CA GLU A 89 -12.94 -3.50 -11.75
C GLU A 89 -13.83 -3.55 -10.50
N ASP A 90 -13.21 -3.86 -9.37
CA ASP A 90 -13.91 -4.01 -8.09
C ASP A 90 -14.08 -2.67 -7.40
N GLU A 91 -13.79 -1.59 -8.13
CA GLU A 91 -13.81 -0.20 -7.64
C GLU A 91 -14.93 0.11 -6.64
N GLN A 92 -16.10 -0.49 -6.80
CA GLN A 92 -17.24 -0.22 -5.92
C GLN A 92 -16.94 -0.66 -4.49
N PHE A 93 -16.01 -1.57 -4.33
CA PHE A 93 -15.61 -2.03 -3.01
C PHE A 93 -14.41 -1.22 -2.53
N SER A 94 -13.25 -1.50 -3.14
CA SER A 94 -12.00 -0.82 -2.80
C SER A 94 -11.57 -1.07 -1.36
N VAL A 95 -10.41 -0.55 -1.00
CA VAL A 95 -9.87 -0.70 0.33
C VAL A 95 -9.63 0.67 0.96
N LYS A 96 -9.27 0.69 2.24
CA LYS A 96 -9.01 1.95 2.91
C LYS A 96 -7.55 2.36 2.69
N HIS A 97 -7.35 3.61 2.31
CA HIS A 97 -6.02 4.12 2.02
C HIS A 97 -5.38 4.66 3.28
N TYR A 98 -4.09 4.47 3.40
CA TYR A 98 -3.33 5.01 4.53
C TYR A 98 -2.27 5.96 4.00
N GLU A 99 -2.27 7.17 4.53
CA GLU A 99 -1.38 8.21 4.04
C GLU A 99 0.06 7.93 4.48
N ALA A 100 0.96 7.90 3.51
CA ALA A 100 2.36 7.62 3.79
C ALA A 100 3.26 8.72 3.24
N ARG A 101 4.28 9.07 4.02
CA ARG A 101 5.27 10.05 3.58
C ARG A 101 6.61 9.79 4.26
N VAL A 102 7.66 10.41 3.75
CA VAL A 102 8.99 10.22 4.31
C VAL A 102 9.34 11.38 5.27
N LYS A 103 9.53 11.03 6.53
CA LYS A 103 9.87 12.00 7.56
C LYS A 103 11.23 11.69 8.16
N ASP A 104 12.22 12.54 7.89
CA ASP A 104 13.56 12.34 8.43
C ASP A 104 14.13 11.00 7.93
N GLY A 105 13.65 10.60 6.75
CA GLY A 105 14.07 9.35 6.17
C GLY A 105 13.19 8.19 6.60
N VAL A 106 12.26 8.46 7.51
CA VAL A 106 11.42 7.41 8.06
C VAL A 106 10.05 7.41 7.39
N VAL A 107 9.57 6.24 7.04
CA VAL A 107 8.25 6.10 6.43
C VAL A 107 7.17 6.28 7.49
N GLN A 108 6.33 7.29 7.31
CA GLN A 108 5.25 7.58 8.24
C GLN A 108 3.93 7.06 7.69
N LEU A 109 3.09 6.55 8.59
CA LEU A 109 1.76 6.08 8.21
C LEU A 109 0.68 6.79 9.01
N ARG A 110 -0.25 7.40 8.30
CA ARG A 110 -1.44 7.98 8.91
C ARG A 110 -2.67 7.23 8.42
N GLY A 111 -3.45 6.70 9.34
CA GLY A 111 -4.62 5.94 8.95
C GLY A 111 -5.92 6.58 9.42
N GLY A 112 -7.02 6.11 8.87
CA GLY A 112 -8.31 6.68 9.19
C GLY A 112 -8.58 7.96 8.43
N SER A 113 -8.82 9.03 9.16
CA SER A 113 -8.97 10.36 8.57
C SER A 113 -8.52 11.42 9.57
N MET A 4 -8.59 9.04 14.68
CA MET A 4 -7.36 8.37 15.15
C MET A 4 -6.22 8.60 14.16
N SER A 5 -5.56 9.73 14.30
CA SER A 5 -4.53 10.14 13.37
C SER A 5 -3.14 9.83 13.91
N GLN A 6 -3.02 8.67 14.53
CA GLN A 6 -1.75 8.22 15.07
C GLN A 6 -0.74 7.95 13.96
N TRP A 7 0.12 8.93 13.70
CA TRP A 7 1.22 8.76 12.76
C TRP A 7 2.25 7.81 13.36
N LYS A 8 2.20 6.56 12.95
CA LYS A 8 3.10 5.56 13.49
C LYS A 8 4.34 5.42 12.62
N ASP A 9 5.49 5.74 13.21
CA ASP A 9 6.78 5.45 12.58
C ASP A 9 6.91 3.96 12.29
N ILE A 10 6.81 3.60 11.02
CA ILE A 10 6.85 2.19 10.63
C ILE A 10 8.28 1.70 10.56
N CYS A 11 8.99 2.19 9.57
CA CYS A 11 10.37 1.81 9.32
C CYS A 11 11.03 2.89 8.48
N LYS A 12 12.34 2.83 8.33
CA LYS A 12 13.04 3.82 7.54
C LYS A 12 12.98 3.47 6.06
N ILE A 13 13.03 4.49 5.21
CA ILE A 13 12.95 4.32 3.77
C ILE A 13 14.19 3.58 3.25
N ASP A 14 15.16 3.40 4.14
CA ASP A 14 16.38 2.67 3.83
C ASP A 14 16.09 1.18 3.70
N ASP A 15 14.99 0.72 4.29
CA ASP A 15 14.61 -0.68 4.24
C ASP A 15 13.71 -0.94 3.03
N ILE A 16 12.82 -0.01 2.75
CA ILE A 16 11.89 -0.15 1.65
C ILE A 16 12.55 0.23 0.33
N LEU A 17 12.99 -0.78 -0.40
CA LEU A 17 13.66 -0.59 -1.68
C LEU A 17 12.67 -0.20 -2.77
N PRO A 18 13.15 0.29 -3.91
CA PRO A 18 12.29 0.63 -5.06
C PRO A 18 11.44 -0.56 -5.52
N GLU A 19 10.20 -0.26 -5.91
CA GLU A 19 9.23 -1.28 -6.36
C GLU A 19 8.95 -2.31 -5.25
N THR A 20 9.08 -1.89 -4.01
CA THR A 20 8.86 -2.79 -2.88
C THR A 20 7.71 -2.30 -2.00
N GLY A 21 6.75 -3.17 -1.76
CA GLY A 21 5.71 -2.88 -0.81
C GLY A 21 5.91 -3.67 0.47
N VAL A 22 5.76 -3.00 1.61
CA VAL A 22 5.98 -3.64 2.90
C VAL A 22 4.68 -3.74 3.70
N CYS A 23 4.74 -4.44 4.83
CA CYS A 23 3.56 -4.62 5.67
C CYS A 23 3.69 -3.80 6.96
N ALA A 24 2.85 -2.79 7.08
CA ALA A 24 2.83 -1.94 8.26
C ALA A 24 1.66 -2.30 9.15
N LEU A 25 1.95 -2.73 10.36
CA LEU A 25 0.91 -3.08 11.31
C LEU A 25 0.44 -1.84 12.07
N LEU A 26 -0.76 -1.40 11.75
CA LEU A 26 -1.40 -0.30 12.45
C LEU A 26 -2.53 -0.87 13.31
N GLY A 27 -2.28 -1.00 14.60
CA GLY A 27 -3.24 -1.67 15.47
C GLY A 27 -3.22 -3.16 15.20
N ASP A 28 -4.23 -3.63 14.48
CA ASP A 28 -4.24 -5.01 14.00
C ASP A 28 -4.54 -5.02 12.51
N GLU A 29 -4.71 -3.82 11.95
CA GLU A 29 -5.01 -3.67 10.54
C GLU A 29 -3.72 -3.59 9.74
N GLN A 30 -3.57 -4.50 8.78
CA GLN A 30 -2.37 -4.57 7.98
C GLN A 30 -2.39 -3.54 6.87
N VAL A 31 -1.44 -2.63 6.90
CA VAL A 31 -1.29 -1.62 5.87
C VAL A 31 -0.21 -2.03 4.88
N ALA A 32 -0.52 -1.94 3.59
CA ALA A 32 0.46 -2.23 2.56
C ALA A 32 1.05 -0.94 2.02
N ILE A 33 2.30 -0.70 2.37
CA ILE A 33 2.99 0.52 1.95
C ILE A 33 3.89 0.21 0.76
N PHE A 34 3.45 0.60 -0.41
CA PHE A 34 4.19 0.33 -1.64
C PHE A 34 5.04 1.52 -2.04
N ARG A 35 6.33 1.29 -2.20
CA ARG A 35 7.20 2.25 -2.85
C ARG A 35 7.36 1.79 -4.29
N PRO A 36 6.61 2.39 -5.22
CA PRO A 36 6.56 1.96 -6.60
C PRO A 36 7.55 2.69 -7.51
N TYR A 37 8.28 3.63 -6.94
CA TYR A 37 9.28 4.37 -7.69
C TYR A 37 10.62 4.33 -6.97
N HIS A 38 11.63 4.91 -7.60
CA HIS A 38 12.96 4.97 -7.01
C HIS A 38 13.04 6.14 -6.05
N SER A 39 12.02 6.98 -6.10
CA SER A 39 11.93 8.15 -5.24
C SER A 39 11.25 7.81 -3.92
N ASP A 40 10.93 8.83 -3.13
CA ASP A 40 10.32 8.63 -1.81
C ASP A 40 8.80 8.62 -1.89
N GLN A 41 8.27 8.38 -3.08
CA GLN A 41 6.82 8.29 -3.27
C GLN A 41 6.31 6.95 -2.77
N VAL A 42 5.49 6.98 -1.73
CA VAL A 42 4.97 5.75 -1.14
C VAL A 42 3.44 5.81 -1.09
N PHE A 43 2.81 4.69 -1.38
CA PHE A 43 1.36 4.61 -1.36
C PHE A 43 0.91 3.47 -0.46
N ALA A 44 0.09 3.80 0.52
CA ALA A 44 -0.36 2.83 1.50
C ALA A 44 -1.83 2.46 1.30
N ILE A 45 -2.08 1.17 1.14
CA ILE A 45 -3.45 0.68 0.99
C ILE A 45 -3.68 -0.48 1.95
N SER A 46 -4.83 -1.13 1.82
CA SER A 46 -5.13 -2.30 2.63
C SER A 46 -4.26 -3.48 2.19
N ASN A 47 -3.53 -4.07 3.13
CA ASN A 47 -2.60 -5.16 2.80
C ASN A 47 -3.35 -6.47 2.63
N ILE A 48 -4.52 -6.56 3.25
CA ILE A 48 -5.38 -7.73 3.14
C ILE A 48 -6.59 -7.37 2.28
N ASP A 49 -6.90 -8.22 1.30
CA ASP A 49 -8.04 -8.01 0.42
C ASP A 49 -9.35 -8.18 1.21
N PRO A 50 -10.30 -7.23 1.05
CA PRO A 50 -11.58 -7.26 1.76
C PRO A 50 -12.70 -7.98 0.97
N PHE A 51 -12.84 -7.62 -0.30
CA PHE A 51 -13.96 -8.11 -1.13
C PHE A 51 -13.81 -9.61 -1.43
N PHE A 52 -12.62 -9.99 -1.83
CA PHE A 52 -12.32 -11.36 -2.22
C PHE A 52 -11.65 -12.07 -1.05
N GLU A 53 -10.98 -11.28 -0.23
CA GLU A 53 -10.21 -11.75 0.92
C GLU A 53 -9.00 -12.54 0.45
N SER A 54 -7.84 -11.96 0.67
CA SER A 54 -6.59 -12.57 0.27
C SER A 54 -5.51 -12.23 1.27
N SER A 55 -4.29 -12.68 1.00
CA SER A 55 -3.18 -12.40 1.89
C SER A 55 -2.53 -11.06 1.55
N VAL A 56 -1.31 -10.87 2.02
CA VAL A 56 -0.61 -9.61 1.89
C VAL A 56 -0.23 -9.32 0.45
N LEU A 57 -0.37 -8.05 0.06
CA LEU A 57 -0.02 -7.61 -1.28
C LEU A 57 1.47 -7.26 -1.36
N SER A 58 2.13 -7.35 -0.21
CA SER A 58 3.57 -7.09 -0.10
C SER A 58 4.37 -8.09 -0.95
N ARG A 59 3.74 -9.21 -1.28
CA ARG A 59 4.36 -10.25 -2.08
C ARG A 59 3.81 -10.20 -3.51
N GLY A 60 3.62 -8.99 -4.03
CA GLY A 60 3.04 -8.83 -5.35
C GLY A 60 3.79 -7.83 -6.20
N LEU A 61 3.54 -7.85 -7.50
CA LEU A 61 4.32 -7.07 -8.45
C LEU A 61 3.62 -5.76 -8.79
N ILE A 62 4.41 -4.73 -9.02
CA ILE A 62 3.87 -3.42 -9.38
C ILE A 62 3.99 -3.20 -10.88
N ALA A 63 2.86 -2.94 -11.52
CA ALA A 63 2.83 -2.68 -12.95
C ALA A 63 2.20 -1.31 -13.21
N GLU A 64 2.06 -0.93 -14.46
CA GLU A 64 1.47 0.35 -14.80
C GLU A 64 0.20 0.16 -15.61
N HIS A 65 -0.80 0.97 -15.31
CA HIS A 65 -2.01 1.02 -16.11
C HIS A 65 -1.73 1.81 -17.37
N GLN A 66 -1.34 3.06 -17.17
CA GLN A 66 -0.95 3.98 -18.24
C GLN A 66 -0.81 5.36 -17.62
N GLY A 67 0.33 5.62 -17.00
CA GLY A 67 0.51 6.83 -16.22
C GLY A 67 0.44 6.54 -14.73
N GLU A 68 -0.63 5.86 -14.31
CA GLU A 68 -0.77 5.43 -12.92
C GLU A 68 -0.30 3.99 -12.75
N LEU A 69 0.28 3.71 -11.59
CA LEU A 69 0.77 2.37 -11.29
C LEU A 69 -0.27 1.58 -10.52
N TRP A 70 -0.41 0.31 -10.88
CA TRP A 70 -1.35 -0.60 -10.24
C TRP A 70 -0.60 -1.86 -9.80
N VAL A 71 -1.01 -2.45 -8.69
CA VAL A 71 -0.34 -3.63 -8.19
C VAL A 71 -1.09 -4.90 -8.63
N ALA A 72 -0.33 -5.88 -9.11
CA ALA A 72 -0.91 -7.13 -9.57
C ALA A 72 -0.63 -8.24 -8.57
N SER A 73 -1.68 -8.93 -8.16
CA SER A 73 -1.54 -9.98 -7.17
C SER A 73 -1.22 -11.32 -7.83
N PRO A 74 -0.16 -11.98 -7.37
CA PRO A 74 0.16 -13.35 -7.78
C PRO A 74 -0.60 -14.37 -6.92
N LEU A 75 -1.28 -13.86 -5.89
CA LEU A 75 -2.10 -14.70 -5.03
C LEU A 75 -3.38 -15.04 -5.76
N LYS A 76 -3.98 -14.03 -6.36
CA LYS A 76 -5.11 -14.19 -7.25
C LYS A 76 -5.03 -13.10 -8.32
N LYS A 77 -5.23 -13.48 -9.57
CA LYS A 77 -5.10 -12.55 -10.68
C LYS A 77 -6.12 -11.41 -10.54
N GLN A 78 -5.63 -10.27 -10.07
CA GLN A 78 -6.46 -9.12 -9.77
C GLN A 78 -5.56 -7.91 -9.53
N ARG A 79 -6.07 -6.71 -9.78
CA ARG A 79 -5.23 -5.51 -9.70
C ARG A 79 -5.85 -4.44 -8.79
N PHE A 80 -4.96 -3.74 -8.07
CA PHE A 80 -5.36 -2.69 -7.15
C PHE A 80 -4.69 -1.37 -7.55
N ARG A 81 -5.43 -0.28 -7.47
CA ARG A 81 -4.90 1.04 -7.77
C ARG A 81 -4.05 1.54 -6.60
N LEU A 82 -2.78 1.81 -6.85
CA LEU A 82 -1.87 2.22 -5.78
C LEU A 82 -2.13 3.65 -5.32
N SER A 83 -2.25 4.55 -6.28
CA SER A 83 -2.40 5.98 -5.98
C SER A 83 -3.62 6.24 -5.09
N ASP A 84 -4.74 5.60 -5.43
CA ASP A 84 -6.02 5.88 -4.77
C ASP A 84 -6.43 4.75 -3.84
N GLY A 85 -6.36 3.51 -4.32
CA GLY A 85 -6.78 2.39 -3.51
C GLY A 85 -7.94 1.63 -4.13
N LEU A 86 -8.41 2.15 -5.25
CA LEU A 86 -9.45 1.50 -6.02
C LEU A 86 -9.03 0.09 -6.46
N CYS A 87 -9.53 -0.92 -5.77
CA CYS A 87 -9.41 -2.28 -6.28
C CYS A 87 -10.41 -2.42 -7.41
N MET A 88 -9.94 -2.86 -8.58
CA MET A 88 -10.77 -2.83 -9.77
C MET A 88 -12.01 -3.73 -9.63
N GLU A 89 -11.92 -4.76 -8.80
CA GLU A 89 -13.05 -5.66 -8.56
C GLU A 89 -13.88 -5.22 -7.35
N ASP A 90 -13.34 -4.27 -6.59
CA ASP A 90 -14.00 -3.73 -5.40
C ASP A 90 -14.51 -2.33 -5.69
N GLU A 91 -14.47 -1.96 -6.97
CA GLU A 91 -14.78 -0.61 -7.46
C GLU A 91 -15.87 0.13 -6.65
N GLN A 92 -16.88 -0.59 -6.20
CA GLN A 92 -17.99 0.01 -5.47
C GLN A 92 -17.50 0.67 -4.17
N PHE A 93 -16.68 -0.03 -3.40
CA PHE A 93 -16.27 0.47 -2.10
C PHE A 93 -14.77 0.76 -2.05
N SER A 94 -13.98 -0.11 -2.70
CA SER A 94 -12.52 0.01 -2.72
C SER A 94 -11.92 -0.35 -1.36
N VAL A 95 -10.61 -0.22 -1.24
CA VAL A 95 -9.93 -0.54 0.01
C VAL A 95 -9.66 0.73 0.81
N LYS A 96 -9.15 0.55 2.02
CA LYS A 96 -8.85 1.69 2.88
C LYS A 96 -7.46 2.22 2.56
N HIS A 97 -7.42 3.41 1.97
CA HIS A 97 -6.15 4.04 1.61
C HIS A 97 -5.62 4.85 2.79
N TYR A 98 -4.42 4.51 3.23
CA TYR A 98 -3.81 5.16 4.37
C TYR A 98 -2.87 6.27 3.92
N GLU A 99 -2.51 7.14 4.84
CA GLU A 99 -1.63 8.25 4.57
C GLU A 99 -0.21 7.94 5.03
N ALA A 100 0.71 7.81 4.08
CA ALA A 100 2.09 7.51 4.41
C ALA A 100 3.01 8.61 3.90
N ARG A 101 4.04 8.90 4.67
CA ARG A 101 5.01 9.92 4.28
C ARG A 101 6.39 9.54 4.81
N VAL A 102 7.42 9.99 4.10
CA VAL A 102 8.80 9.72 4.51
C VAL A 102 9.34 10.91 5.30
N LYS A 103 9.19 10.84 6.62
CA LYS A 103 9.62 11.93 7.49
C LYS A 103 11.02 11.66 8.02
N ASP A 104 11.98 12.48 7.61
CA ASP A 104 13.38 12.33 8.04
C ASP A 104 13.94 10.99 7.55
N GLY A 105 13.30 10.40 6.56
CA GLY A 105 13.70 9.09 6.09
C GLY A 105 12.94 7.97 6.77
N VAL A 106 11.96 8.33 7.59
CA VAL A 106 11.14 7.35 8.30
C VAL A 106 9.71 7.37 7.76
N VAL A 107 9.22 6.20 7.38
CA VAL A 107 7.87 6.08 6.85
C VAL A 107 6.85 6.11 7.97
N GLN A 108 6.07 7.17 8.02
CA GLN A 108 5.01 7.28 9.01
C GLN A 108 3.68 6.97 8.38
N LEU A 109 2.84 6.24 9.10
CA LEU A 109 1.56 5.82 8.58
C LEU A 109 0.43 6.37 9.43
N ARG A 110 -0.51 7.06 8.79
CA ARG A 110 -1.71 7.55 9.45
C ARG A 110 -2.94 6.90 8.85
N GLY A 111 -3.87 6.49 9.69
CA GLY A 111 -5.11 5.92 9.22
C GLY A 111 -6.27 6.19 10.15
N GLY A 112 -6.62 5.19 10.94
CA GLY A 112 -7.72 5.34 11.88
C GLY A 112 -7.80 4.14 12.79
N SER A 113 -6.67 3.80 13.38
CA SER A 113 -6.58 2.63 14.22
C SER A 113 -5.82 2.95 15.50
N MET A 4 -4.07 16.10 16.29
CA MET A 4 -3.80 14.66 16.43
C MET A 4 -3.92 13.98 15.06
N SER A 5 -2.89 13.23 14.69
CA SER A 5 -2.84 12.58 13.38
C SER A 5 -2.46 11.11 13.50
N GLN A 6 -1.81 10.77 14.63
CA GLN A 6 -1.43 9.39 14.93
C GLN A 6 -0.47 8.83 13.88
N TRP A 7 0.53 9.62 13.51
CA TRP A 7 1.57 9.14 12.60
C TRP A 7 2.45 8.11 13.31
N LYS A 8 2.31 6.86 12.92
CA LYS A 8 3.16 5.82 13.48
C LYS A 8 4.31 5.53 12.53
N ASP A 9 5.53 5.65 13.04
CA ASP A 9 6.71 5.26 12.27
C ASP A 9 6.72 3.75 12.10
N ILE A 10 7.04 3.29 10.91
CA ILE A 10 7.12 1.87 10.63
C ILE A 10 8.57 1.44 10.58
N CYS A 11 9.27 1.92 9.56
CA CYS A 11 10.68 1.67 9.38
C CYS A 11 11.24 2.76 8.48
N LYS A 12 12.49 2.67 8.11
CA LYS A 12 13.09 3.66 7.23
C LYS A 12 12.76 3.32 5.79
N ILE A 13 12.65 4.34 4.95
CA ILE A 13 12.31 4.15 3.55
C ILE A 13 13.48 3.51 2.80
N ASP A 14 14.66 3.60 3.40
CA ASP A 14 15.86 2.99 2.85
C ASP A 14 15.71 1.47 2.82
N ASP A 15 14.94 0.95 3.76
CA ASP A 15 14.67 -0.48 3.85
C ASP A 15 13.79 -0.95 2.71
N ILE A 16 13.02 -0.03 2.15
CA ILE A 16 12.10 -0.34 1.07
C ILE A 16 12.66 0.14 -0.26
N LEU A 17 13.13 -0.80 -1.07
CA LEU A 17 13.66 -0.48 -2.38
C LEU A 17 12.53 -0.06 -3.33
N PRO A 18 12.84 0.67 -4.40
CA PRO A 18 11.86 1.03 -5.42
C PRO A 18 11.24 -0.22 -6.05
N GLU A 19 9.94 -0.15 -6.34
CA GLU A 19 9.19 -1.25 -6.93
C GLU A 19 9.01 -2.39 -5.91
N THR A 20 9.06 -2.06 -4.62
CA THR A 20 8.92 -3.06 -3.58
C THR A 20 7.74 -2.75 -2.66
N GLY A 21 7.07 -3.80 -2.20
CA GLY A 21 5.98 -3.64 -1.26
C GLY A 21 6.22 -4.44 0.00
N VAL A 22 5.81 -3.91 1.14
CA VAL A 22 6.05 -4.56 2.42
C VAL A 22 4.79 -4.52 3.29
N CYS A 23 4.84 -5.17 4.45
CA CYS A 23 3.73 -5.22 5.37
C CYS A 23 4.04 -4.38 6.62
N ALA A 24 3.03 -3.71 7.14
CA ALA A 24 3.18 -2.91 8.34
C ALA A 24 1.95 -3.04 9.23
N LEU A 25 2.10 -2.70 10.50
CA LEU A 25 1.00 -2.75 11.45
C LEU A 25 0.64 -1.35 11.95
N LEU A 26 -0.60 -0.97 11.75
CA LEU A 26 -1.10 0.31 12.24
C LEU A 26 -2.30 0.04 13.14
N GLY A 27 -2.08 0.13 14.44
CA GLY A 27 -3.14 -0.17 15.38
C GLY A 27 -3.47 -1.64 15.41
N ASP A 28 -4.54 -2.01 14.74
CA ASP A 28 -4.92 -3.42 14.60
C ASP A 28 -5.04 -3.79 13.13
N GLU A 29 -4.95 -2.78 12.29
CA GLU A 29 -5.10 -2.95 10.85
C GLU A 29 -3.74 -3.17 10.19
N GLN A 30 -3.64 -4.22 9.39
CA GLN A 30 -2.44 -4.51 8.65
C GLN A 30 -2.40 -3.66 7.38
N VAL A 31 -1.35 -2.89 7.24
CA VAL A 31 -1.23 -1.93 6.14
C VAL A 31 -0.13 -2.38 5.18
N ALA A 32 -0.39 -2.25 3.89
CA ALA A 32 0.58 -2.61 2.88
C ALA A 32 1.25 -1.35 2.33
N ILE A 33 2.56 -1.25 2.55
CA ILE A 33 3.31 -0.10 2.09
C ILE A 33 4.03 -0.44 0.78
N PHE A 34 3.64 0.24 -0.28
CA PHE A 34 4.26 0.03 -1.57
C PHE A 34 5.05 1.27 -1.99
N ARG A 35 6.32 1.08 -2.29
CA ARG A 35 7.14 2.14 -2.84
C ARG A 35 7.49 1.82 -4.27
N PRO A 36 6.77 2.43 -5.23
CA PRO A 36 7.01 2.20 -6.64
C PRO A 36 8.03 3.17 -7.23
N TYR A 37 8.01 4.41 -6.76
CA TYR A 37 8.88 5.44 -7.32
C TYR A 37 10.23 5.49 -6.60
N HIS A 38 11.16 6.21 -7.18
CA HIS A 38 12.50 6.34 -6.62
C HIS A 38 12.53 7.47 -5.60
N SER A 39 11.51 8.32 -5.65
CA SER A 39 11.37 9.40 -4.69
C SER A 39 10.94 8.86 -3.33
N ASP A 40 10.60 9.75 -2.40
CA ASP A 40 10.20 9.34 -1.06
C ASP A 40 8.69 9.10 -1.00
N GLN A 41 8.04 9.19 -2.14
CA GLN A 41 6.60 9.02 -2.20
C GLN A 41 6.22 7.54 -2.15
N VAL A 42 5.64 7.14 -1.02
CA VAL A 42 5.18 5.78 -0.82
C VAL A 42 3.67 5.77 -0.68
N PHE A 43 3.05 4.63 -0.89
CA PHE A 43 1.61 4.53 -0.80
C PHE A 43 1.22 3.38 0.11
N ALA A 44 0.28 3.64 1.01
CA ALA A 44 -0.14 2.65 1.99
C ALA A 44 -1.63 2.37 1.88
N ILE A 45 -1.95 1.12 1.60
CA ILE A 45 -3.34 0.69 1.53
C ILE A 45 -3.57 -0.48 2.48
N SER A 46 -4.80 -0.93 2.60
CA SER A 46 -5.11 -2.08 3.43
C SER A 46 -4.40 -3.31 2.88
N ASN A 47 -3.76 -4.07 3.76
CA ASN A 47 -2.97 -5.22 3.35
C ASN A 47 -3.85 -6.47 3.30
N ILE A 48 -5.10 -6.33 3.71
CA ILE A 48 -6.01 -7.45 3.81
C ILE A 48 -6.88 -7.58 2.55
N ASP A 49 -6.85 -8.75 1.94
CA ASP A 49 -7.70 -9.05 0.81
C ASP A 49 -9.02 -9.64 1.30
N PRO A 50 -10.16 -9.06 0.88
CA PRO A 50 -11.48 -9.50 1.31
C PRO A 50 -12.06 -10.61 0.45
N PHE A 51 -11.40 -10.93 -0.66
CA PHE A 51 -11.93 -11.90 -1.61
C PHE A 51 -11.57 -13.32 -1.21
N PHE A 52 -10.28 -13.55 -0.96
CA PHE A 52 -9.80 -14.86 -0.52
C PHE A 52 -9.46 -14.80 0.96
N GLU A 53 -9.62 -13.62 1.54
CA GLU A 53 -9.30 -13.39 2.95
C GLU A 53 -7.82 -13.61 3.19
N SER A 54 -7.00 -12.83 2.50
CA SER A 54 -5.55 -12.96 2.58
C SER A 54 -4.98 -11.87 3.46
N SER A 55 -3.96 -12.21 4.23
CA SER A 55 -3.39 -11.28 5.19
C SER A 55 -2.41 -10.31 4.53
N VAL A 56 -1.85 -10.69 3.38
CA VAL A 56 -0.92 -9.82 2.70
C VAL A 56 -1.27 -9.60 1.23
N LEU A 57 -1.42 -8.33 0.86
CA LEU A 57 -1.52 -7.92 -0.53
C LEU A 57 -0.13 -7.57 -1.07
N SER A 58 0.83 -7.43 -0.15
CA SER A 58 2.19 -7.04 -0.48
C SER A 58 2.94 -8.16 -1.21
N ARG A 59 2.27 -9.29 -1.39
CA ARG A 59 2.84 -10.42 -2.10
C ARG A 59 2.43 -10.35 -3.57
N GLY A 60 2.46 -9.15 -4.12
CA GLY A 60 2.03 -8.94 -5.48
C GLY A 60 3.00 -8.05 -6.24
N LEU A 61 2.88 -8.03 -7.56
CA LEU A 61 3.82 -7.31 -8.41
C LEU A 61 3.25 -5.97 -8.84
N ILE A 62 4.11 -4.97 -8.95
CA ILE A 62 3.70 -3.65 -9.40
C ILE A 62 3.83 -3.56 -10.92
N ALA A 63 2.76 -3.14 -11.58
CA ALA A 63 2.74 -3.04 -13.03
C ALA A 63 1.91 -1.83 -13.47
N GLU A 64 2.38 -1.12 -14.47
CA GLU A 64 1.70 0.07 -14.95
C GLU A 64 0.70 -0.29 -16.04
N HIS A 65 -0.50 0.27 -15.96
CA HIS A 65 -1.48 0.13 -17.03
C HIS A 65 -1.25 1.26 -18.03
N GLN A 66 -1.60 2.48 -17.62
CA GLN A 66 -1.36 3.67 -18.43
C GLN A 66 -1.16 4.88 -17.52
N GLY A 67 0.10 5.23 -17.26
CA GLY A 67 0.40 6.39 -16.45
C GLY A 67 0.33 6.09 -14.96
N GLU A 68 -0.74 5.42 -14.55
CA GLU A 68 -0.95 5.07 -13.16
C GLU A 68 -0.31 3.72 -12.88
N LEU A 69 0.35 3.62 -11.73
CA LEU A 69 0.97 2.36 -11.32
C LEU A 69 -0.03 1.50 -10.54
N TRP A 70 -0.14 0.25 -10.92
CA TRP A 70 -1.08 -0.67 -10.32
C TRP A 70 -0.35 -1.83 -9.67
N VAL A 71 -1.00 -2.51 -8.74
CA VAL A 71 -0.45 -3.69 -8.12
C VAL A 71 -1.30 -4.92 -8.47
N ALA A 72 -0.65 -6.01 -8.85
CA ALA A 72 -1.34 -7.20 -9.28
C ALA A 72 -1.18 -8.32 -8.27
N SER A 73 -2.30 -8.74 -7.69
CA SER A 73 -2.32 -9.84 -6.73
C SER A 73 -2.43 -11.17 -7.48
N PRO A 74 -1.48 -12.08 -7.23
CA PRO A 74 -1.42 -13.38 -7.90
C PRO A 74 -2.46 -14.37 -7.39
N LEU A 75 -3.34 -13.91 -6.50
CA LEU A 75 -4.40 -14.75 -5.96
C LEU A 75 -5.39 -15.16 -7.05
N LYS A 76 -5.95 -14.18 -7.73
CA LYS A 76 -6.87 -14.43 -8.83
C LYS A 76 -6.73 -13.34 -9.89
N LYS A 77 -5.53 -12.76 -9.95
CA LYS A 77 -5.23 -11.67 -10.90
C LYS A 77 -6.08 -10.45 -10.57
N GLN A 78 -5.86 -9.92 -9.37
CA GLN A 78 -6.56 -8.73 -8.91
C GLN A 78 -5.65 -7.51 -9.07
N ARG A 79 -6.15 -6.45 -9.68
CA ARG A 79 -5.32 -5.28 -9.90
C ARG A 79 -5.88 -4.05 -9.18
N PHE A 80 -5.06 -3.47 -8.32
CA PHE A 80 -5.42 -2.28 -7.58
C PHE A 80 -4.55 -1.10 -7.99
N ARG A 81 -5.10 0.10 -7.93
CA ARG A 81 -4.37 1.30 -8.32
C ARG A 81 -3.70 1.94 -7.11
N LEU A 82 -2.39 2.09 -7.17
CA LEU A 82 -1.60 2.58 -6.03
C LEU A 82 -1.76 4.09 -5.85
N SER A 83 -2.40 4.74 -6.81
CA SER A 83 -2.61 6.19 -6.75
C SER A 83 -3.38 6.59 -5.49
N ASP A 84 -4.24 5.69 -5.02
CA ASP A 84 -5.00 5.92 -3.80
C ASP A 84 -5.24 4.59 -3.09
N GLY A 85 -6.10 3.78 -3.68
CA GLY A 85 -6.43 2.49 -3.10
C GLY A 85 -7.67 1.92 -3.76
N LEU A 86 -7.72 2.07 -5.07
CA LEU A 86 -8.88 1.66 -5.83
C LEU A 86 -8.65 0.33 -6.52
N CYS A 87 -9.70 -0.44 -6.70
CA CYS A 87 -9.62 -1.66 -7.48
C CYS A 87 -10.08 -1.38 -8.90
N MET A 88 -9.53 -2.11 -9.86
CA MET A 88 -9.82 -1.86 -11.27
C MET A 88 -11.33 -2.01 -11.54
N GLU A 89 -11.86 -3.20 -11.33
CA GLU A 89 -13.27 -3.46 -11.60
C GLU A 89 -14.12 -3.14 -10.37
N ASP A 90 -13.53 -3.35 -9.20
CA ASP A 90 -14.23 -3.19 -7.93
C ASP A 90 -14.29 -1.73 -7.51
N GLU A 91 -13.91 -0.84 -8.43
CA GLU A 91 -13.89 0.62 -8.22
C GLU A 91 -15.03 1.12 -7.30
N GLN A 92 -16.22 0.54 -7.44
CA GLN A 92 -17.37 0.91 -6.63
C GLN A 92 -17.09 0.73 -5.14
N PHE A 93 -16.43 -0.37 -4.79
CA PHE A 93 -16.15 -0.70 -3.40
C PHE A 93 -14.71 -1.23 -3.28
N SER A 94 -13.77 -0.33 -3.18
CA SER A 94 -12.35 -0.69 -3.11
C SER A 94 -11.85 -0.72 -1.66
N VAL A 95 -10.52 -0.73 -1.51
CA VAL A 95 -9.92 -0.90 -0.19
C VAL A 95 -9.62 0.44 0.49
N LYS A 96 -9.09 0.36 1.71
CA LYS A 96 -8.86 1.53 2.54
C LYS A 96 -7.47 2.13 2.25
N HIS A 97 -7.43 3.45 2.12
CA HIS A 97 -6.18 4.15 1.86
C HIS A 97 -5.71 4.89 3.12
N TYR A 98 -4.46 4.65 3.49
CA TYR A 98 -3.87 5.32 4.64
C TYR A 98 -2.87 6.36 4.16
N GLU A 99 -2.75 7.47 4.88
CA GLU A 99 -1.83 8.53 4.50
C GLU A 99 -0.42 8.18 4.92
N ALA A 100 0.55 8.43 4.07
CA ALA A 100 1.93 8.08 4.34
C ALA A 100 2.86 9.27 4.14
N ARG A 101 3.93 9.30 4.93
CA ARG A 101 4.94 10.34 4.78
C ARG A 101 6.32 9.77 5.13
N VAL A 102 7.36 10.43 4.65
CA VAL A 102 8.71 10.06 4.99
C VAL A 102 9.37 11.15 5.80
N LYS A 103 9.60 10.87 7.07
CA LYS A 103 10.15 11.85 7.98
C LYS A 103 11.50 11.39 8.49
N ASP A 104 12.53 12.16 8.16
CA ASP A 104 13.91 11.83 8.55
C ASP A 104 14.31 10.51 7.91
N GLY A 105 13.67 10.19 6.80
CA GLY A 105 13.91 8.92 6.14
C GLY A 105 13.08 7.80 6.70
N VAL A 106 12.14 8.12 7.59
CA VAL A 106 11.31 7.11 8.23
C VAL A 106 9.88 7.18 7.72
N VAL A 107 9.34 6.02 7.36
CA VAL A 107 7.98 5.93 6.85
C VAL A 107 6.98 6.00 8.00
N GLN A 108 6.18 7.06 8.03
CA GLN A 108 5.16 7.20 9.05
C GLN A 108 3.77 7.10 8.41
N LEU A 109 2.88 6.39 9.06
CA LEU A 109 1.54 6.18 8.54
C LEU A 109 0.49 6.88 9.39
N ARG A 110 -0.48 7.49 8.72
CA ARG A 110 -1.59 8.14 9.38
C ARG A 110 -2.89 7.55 8.86
N GLY A 111 -3.85 7.39 9.75
CA GLY A 111 -5.15 6.90 9.35
C GLY A 111 -5.94 6.36 10.51
N GLY A 112 -5.53 5.20 10.97
CA GLY A 112 -6.25 4.53 12.04
C GLY A 112 -7.53 3.92 11.53
N SER A 113 -8.46 3.67 12.42
CA SER A 113 -9.73 3.10 12.04
C SER A 113 -10.67 4.20 11.53
N MET A 4 -8.55 6.65 14.11
CA MET A 4 -8.42 8.09 13.81
C MET A 4 -7.02 8.39 13.28
N SER A 5 -6.76 9.64 12.95
CA SER A 5 -5.48 10.06 12.41
C SER A 5 -4.38 10.03 13.46
N GLN A 6 -3.48 9.06 13.35
CA GLN A 6 -2.31 9.01 14.20
C GLN A 6 -1.11 8.47 13.42
N TRP A 7 -0.12 9.33 13.23
CA TRP A 7 1.09 8.96 12.50
C TRP A 7 1.89 7.92 13.25
N LYS A 8 2.02 6.75 12.66
CA LYS A 8 2.80 5.68 13.24
C LYS A 8 4.20 5.63 12.64
N ASP A 9 5.20 5.72 13.51
CA ASP A 9 6.59 5.58 13.11
C ASP A 9 6.89 4.10 12.88
N ILE A 10 6.90 3.69 11.62
CA ILE A 10 7.04 2.29 11.29
C ILE A 10 8.52 1.89 11.23
N CYS A 11 9.12 2.16 10.09
CA CYS A 11 10.51 1.85 9.83
C CYS A 11 11.07 2.92 8.94
N LYS A 12 12.22 2.69 8.34
CA LYS A 12 12.82 3.70 7.49
C LYS A 12 12.54 3.38 6.04
N ILE A 13 12.64 4.37 5.17
CA ILE A 13 12.41 4.18 3.75
C ILE A 13 13.59 3.41 3.15
N ASP A 14 14.64 3.27 3.96
CA ASP A 14 15.81 2.48 3.60
C ASP A 14 15.47 1.00 3.64
N ASP A 15 14.40 0.67 4.36
CA ASP A 15 13.95 -0.71 4.50
C ASP A 15 13.13 -1.14 3.28
N ILE A 16 12.64 -0.17 2.53
CA ILE A 16 11.75 -0.44 1.41
C ILE A 16 12.43 -0.08 0.08
N LEU A 17 12.48 -1.05 -0.82
CA LEU A 17 13.15 -0.86 -2.11
C LEU A 17 12.17 -0.30 -3.14
N PRO A 18 12.69 0.20 -4.27
CA PRO A 18 11.84 0.67 -5.38
C PRO A 18 10.98 -0.47 -5.94
N GLU A 19 9.70 -0.17 -6.13
CA GLU A 19 8.72 -1.13 -6.64
C GLU A 19 8.59 -2.36 -5.73
N THR A 20 8.56 -2.13 -4.42
CA THR A 20 8.36 -3.22 -3.47
C THR A 20 7.35 -2.81 -2.40
N GLY A 21 6.75 -3.81 -1.77
CA GLY A 21 5.79 -3.55 -0.72
C GLY A 21 6.02 -4.44 0.49
N VAL A 22 5.79 -3.89 1.67
CA VAL A 22 5.97 -4.64 2.92
C VAL A 22 4.68 -4.62 3.74
N CYS A 23 4.63 -5.43 4.79
CA CYS A 23 3.46 -5.49 5.66
C CYS A 23 3.78 -4.87 7.02
N ALA A 24 2.92 -3.95 7.45
CA ALA A 24 3.10 -3.28 8.74
C ALA A 24 1.80 -3.31 9.54
N LEU A 25 1.92 -3.21 10.85
CA LEU A 25 0.75 -3.25 11.73
C LEU A 25 0.51 -1.88 12.36
N LEU A 26 -0.58 -1.25 11.97
CA LEU A 26 -0.99 0.03 12.53
C LEU A 26 -2.19 -0.18 13.44
N GLY A 27 -1.94 -0.29 14.74
CA GLY A 27 -3.01 -0.64 15.66
C GLY A 27 -3.46 -2.07 15.44
N ASP A 28 -4.57 -2.24 14.74
CA ASP A 28 -5.02 -3.55 14.30
C ASP A 28 -5.17 -3.54 12.79
N GLU A 29 -4.75 -2.45 12.18
CA GLU A 29 -4.85 -2.29 10.74
C GLU A 29 -3.64 -2.93 10.06
N GLN A 30 -3.90 -3.96 9.29
CA GLN A 30 -2.86 -4.61 8.52
C GLN A 30 -2.60 -3.79 7.25
N VAL A 31 -1.51 -3.03 7.27
CA VAL A 31 -1.22 -2.08 6.21
C VAL A 31 -0.09 -2.57 5.33
N ALA A 32 -0.26 -2.40 4.03
CA ALA A 32 0.78 -2.73 3.08
C ALA A 32 1.44 -1.45 2.58
N ILE A 33 2.70 -1.27 2.93
CA ILE A 33 3.43 -0.09 2.54
C ILE A 33 4.14 -0.33 1.22
N PHE A 34 3.64 0.28 0.16
CA PHE A 34 4.22 0.09 -1.16
C PHE A 34 5.06 1.29 -1.54
N ARG A 35 6.29 1.03 -1.97
CA ARG A 35 7.09 2.05 -2.61
C ARG A 35 7.08 1.77 -4.11
N PRO A 36 6.25 2.50 -4.85
CA PRO A 36 6.08 2.29 -6.29
C PRO A 36 7.05 3.11 -7.12
N TYR A 37 7.43 4.27 -6.61
CA TYR A 37 8.37 5.14 -7.30
C TYR A 37 9.76 4.96 -6.72
N HIS A 38 10.77 5.27 -7.50
CA HIS A 38 12.16 5.10 -7.06
C HIS A 38 12.51 6.16 -6.02
N SER A 39 11.70 7.21 -5.97
CA SER A 39 11.93 8.33 -5.06
C SER A 39 11.24 8.09 -3.71
N ASP A 40 10.90 9.19 -3.03
CA ASP A 40 10.32 9.14 -1.69
C ASP A 40 8.79 8.96 -1.74
N GLN A 41 8.26 8.86 -2.95
CA GLN A 41 6.81 8.77 -3.13
C GLN A 41 6.32 7.36 -2.82
N VAL A 42 5.72 7.20 -1.65
CA VAL A 42 5.22 5.89 -1.22
C VAL A 42 3.71 5.93 -0.99
N PHE A 43 3.08 4.77 -1.07
CA PHE A 43 1.64 4.65 -0.88
C PHE A 43 1.32 3.46 0.02
N ALA A 44 0.43 3.66 0.97
CA ALA A 44 0.04 2.59 1.87
C ALA A 44 -1.45 2.31 1.78
N ILE A 45 -1.81 1.05 1.65
CA ILE A 45 -3.20 0.64 1.59
C ILE A 45 -3.40 -0.63 2.42
N SER A 46 -4.62 -1.12 2.50
CA SER A 46 -4.90 -2.36 3.18
C SER A 46 -4.27 -3.53 2.42
N ASN A 47 -3.56 -4.40 3.12
CA ASN A 47 -2.86 -5.51 2.47
C ASN A 47 -3.82 -6.66 2.18
N ILE A 48 -4.95 -6.64 2.85
CA ILE A 48 -5.99 -7.65 2.66
C ILE A 48 -7.21 -7.03 2.00
N ASP A 49 -7.53 -7.51 0.81
CA ASP A 49 -8.73 -7.07 0.10
C ASP A 49 -9.98 -7.61 0.80
N PRO A 50 -10.98 -6.74 1.00
CA PRO A 50 -12.16 -7.03 1.83
C PRO A 50 -13.09 -8.11 1.26
N PHE A 51 -13.46 -7.97 -0.01
CA PHE A 51 -14.45 -8.86 -0.61
C PHE A 51 -13.76 -10.04 -1.26
N PHE A 52 -12.65 -9.76 -1.92
CA PHE A 52 -11.89 -10.79 -2.63
C PHE A 52 -11.15 -11.69 -1.63
N GLU A 53 -10.78 -11.12 -0.49
CA GLU A 53 -10.18 -11.84 0.63
C GLU A 53 -8.87 -12.54 0.26
N SER A 54 -7.91 -11.75 -0.16
CA SER A 54 -6.55 -12.23 -0.31
C SER A 54 -5.73 -11.71 0.87
N SER A 55 -4.58 -12.30 1.12
CA SER A 55 -3.84 -12.00 2.34
C SER A 55 -2.79 -10.91 2.15
N VAL A 56 -2.00 -11.04 1.11
CA VAL A 56 -0.90 -10.11 0.90
C VAL A 56 -0.88 -9.52 -0.51
N LEU A 57 -0.90 -8.19 -0.58
CA LEU A 57 -0.70 -7.49 -1.84
C LEU A 57 0.77 -7.16 -2.01
N SER A 58 1.49 -7.17 -0.90
CA SER A 58 2.89 -6.77 -0.85
C SER A 58 3.79 -7.67 -1.69
N ARG A 59 3.38 -8.91 -1.86
CA ARG A 59 4.16 -9.89 -2.61
C ARG A 59 3.74 -9.91 -4.08
N GLY A 60 3.48 -8.73 -4.63
CA GLY A 60 3.06 -8.62 -6.00
C GLY A 60 3.81 -7.52 -6.74
N LEU A 61 3.74 -7.54 -8.06
CA LEU A 61 4.49 -6.59 -8.88
C LEU A 61 3.67 -5.35 -9.16
N ILE A 62 4.35 -4.24 -9.35
CA ILE A 62 3.71 -2.97 -9.66
C ILE A 62 3.94 -2.63 -11.14
N ALA A 63 2.85 -2.49 -11.87
CA ALA A 63 2.95 -2.24 -13.31
C ALA A 63 2.21 -0.96 -13.70
N GLU A 64 2.67 -0.35 -14.78
CA GLU A 64 2.04 0.86 -15.29
C GLU A 64 0.87 0.48 -16.19
N HIS A 65 -0.30 1.03 -15.90
CA HIS A 65 -1.49 0.76 -16.69
C HIS A 65 -1.55 1.72 -17.89
N GLN A 66 -1.92 2.97 -17.63
CA GLN A 66 -1.97 3.99 -18.67
C GLN A 66 -1.28 5.25 -18.15
N GLY A 67 -0.59 5.10 -17.04
CA GLY A 67 0.06 6.22 -16.38
C GLY A 67 0.02 6.07 -14.89
N GLU A 68 -1.03 5.41 -14.41
CA GLU A 68 -1.17 5.10 -13.00
C GLU A 68 -0.58 3.74 -12.70
N LEU A 69 -0.06 3.57 -11.49
CA LEU A 69 0.60 2.34 -11.10
C LEU A 69 -0.37 1.39 -10.41
N TRP A 70 -0.50 0.21 -10.97
CA TRP A 70 -1.35 -0.83 -10.40
C TRP A 70 -0.50 -1.98 -9.88
N VAL A 71 -0.79 -2.42 -8.67
CA VAL A 71 -0.10 -3.56 -8.10
C VAL A 71 -0.92 -4.82 -8.33
N ALA A 72 -0.26 -5.90 -8.70
CA ALA A 72 -0.95 -7.15 -8.99
C ALA A 72 -0.30 -8.31 -8.25
N SER A 73 -1.06 -8.93 -7.37
CA SER A 73 -0.59 -10.08 -6.63
C SER A 73 -0.74 -11.34 -7.49
N PRO A 74 0.27 -12.23 -7.46
CA PRO A 74 0.32 -13.44 -8.30
C PRO A 74 -0.66 -14.53 -7.85
N LEU A 75 -1.69 -14.14 -7.11
CA LEU A 75 -2.69 -15.09 -6.65
C LEU A 75 -3.76 -15.29 -7.73
N LYS A 76 -4.75 -14.40 -7.75
CA LYS A 76 -5.82 -14.48 -8.74
C LYS A 76 -5.74 -13.31 -9.71
N LYS A 77 -4.52 -12.78 -9.89
CA LYS A 77 -4.26 -11.67 -10.82
C LYS A 77 -5.01 -10.41 -10.38
N GLN A 78 -5.20 -10.28 -9.07
CA GLN A 78 -5.92 -9.13 -8.50
C GLN A 78 -5.19 -7.83 -8.78
N ARG A 79 -5.95 -6.78 -9.05
CA ARG A 79 -5.39 -5.51 -9.50
C ARG A 79 -5.81 -4.35 -8.59
N PHE A 80 -4.82 -3.67 -8.01
CA PHE A 80 -5.09 -2.54 -7.12
C PHE A 80 -4.38 -1.28 -7.61
N ARG A 81 -5.12 -0.18 -7.66
CA ARG A 81 -4.56 1.10 -8.08
C ARG A 81 -3.99 1.84 -6.88
N LEU A 82 -2.66 1.85 -6.79
CA LEU A 82 -1.96 2.40 -5.63
C LEU A 82 -2.22 3.90 -5.47
N SER A 83 -2.60 4.55 -6.56
CA SER A 83 -2.78 5.99 -6.57
C SER A 83 -3.80 6.45 -5.53
N ASP A 84 -4.98 5.80 -5.50
CA ASP A 84 -6.04 6.22 -4.60
C ASP A 84 -6.56 5.07 -3.74
N GLY A 85 -6.10 3.85 -4.04
CA GLY A 85 -6.49 2.71 -3.23
C GLY A 85 -7.66 1.95 -3.81
N LEU A 86 -8.02 2.26 -5.05
CA LEU A 86 -9.12 1.56 -5.71
C LEU A 86 -8.71 0.17 -6.14
N CYS A 87 -9.56 -0.80 -5.90
CA CYS A 87 -9.36 -2.15 -6.41
C CYS A 87 -10.16 -2.30 -7.69
N MET A 88 -9.73 -3.19 -8.57
CA MET A 88 -10.49 -3.43 -9.79
C MET A 88 -11.61 -4.41 -9.50
N GLU A 89 -11.27 -5.46 -8.76
CA GLU A 89 -12.24 -6.50 -8.41
C GLU A 89 -13.17 -6.03 -7.29
N ASP A 90 -12.58 -5.43 -6.26
CA ASP A 90 -13.32 -4.96 -5.10
C ASP A 90 -13.84 -3.53 -5.32
N GLU A 91 -13.74 -3.03 -6.55
CA GLU A 91 -13.91 -1.60 -6.88
C GLU A 91 -14.95 -0.85 -6.03
N GLN A 92 -16.14 -1.42 -5.85
CA GLN A 92 -17.19 -0.74 -5.10
C GLN A 92 -16.79 -0.47 -3.66
N PHE A 93 -15.97 -1.35 -3.10
CA PHE A 93 -15.51 -1.22 -1.72
C PHE A 93 -14.07 -0.72 -1.69
N SER A 94 -13.19 -1.49 -2.34
CA SER A 94 -11.76 -1.19 -2.40
C SER A 94 -11.13 -1.20 -1.01
N VAL A 95 -9.87 -0.80 -0.94
CA VAL A 95 -9.15 -0.76 0.33
C VAL A 95 -8.98 0.67 0.80
N LYS A 96 -8.57 0.85 2.04
CA LYS A 96 -8.40 2.18 2.59
C LYS A 96 -7.05 2.75 2.22
N HIS A 97 -7.06 3.98 1.72
CA HIS A 97 -5.84 4.68 1.36
C HIS A 97 -5.26 5.36 2.59
N TYR A 98 -4.13 4.88 3.03
CA TYR A 98 -3.46 5.44 4.20
C TYR A 98 -2.36 6.38 3.75
N GLU A 99 -2.25 7.51 4.43
CA GLU A 99 -1.27 8.52 4.08
C GLU A 99 0.10 8.13 4.62
N ALA A 100 1.02 7.89 3.72
CA ALA A 100 2.38 7.53 4.08
C ALA A 100 3.33 8.65 3.72
N ARG A 101 4.18 9.02 4.67
CA ARG A 101 5.15 10.08 4.43
C ARG A 101 6.53 9.65 4.88
N VAL A 102 7.54 10.32 4.35
CA VAL A 102 8.92 10.04 4.69
C VAL A 102 9.47 11.14 5.57
N LYS A 103 9.45 10.90 6.87
CA LYS A 103 9.90 11.88 7.84
C LYS A 103 11.35 11.62 8.23
N ASP A 104 12.25 12.46 7.72
CA ASP A 104 13.69 12.34 7.99
C ASP A 104 14.27 11.07 7.36
N GLY A 105 13.43 10.35 6.63
CA GLY A 105 13.82 9.06 6.10
C GLY A 105 13.08 7.91 6.75
N VAL A 106 12.15 8.25 7.63
CA VAL A 106 11.34 7.26 8.33
C VAL A 106 9.92 7.22 7.73
N VAL A 107 9.39 6.02 7.54
CA VAL A 107 8.05 5.86 7.00
C VAL A 107 7.02 6.03 8.11
N GLN A 108 6.19 7.04 7.99
CA GLN A 108 5.11 7.22 8.95
C GLN A 108 3.76 7.06 8.27
N LEU A 109 2.89 6.29 8.89
CA LEU A 109 1.57 6.00 8.34
C LEU A 109 0.48 6.71 9.12
N ARG A 110 -0.47 7.26 8.39
CA ARG A 110 -1.67 7.83 8.99
C ARG A 110 -2.90 7.16 8.39
N GLY A 111 -3.62 6.42 9.21
CA GLY A 111 -4.80 5.74 8.74
C GLY A 111 -5.48 4.97 9.84
N GLY A 112 -6.29 4.00 9.45
CA GLY A 112 -7.01 3.20 10.41
C GLY A 112 -8.45 3.64 10.53
N SER A 113 -9.23 2.92 11.31
CA SER A 113 -10.63 3.29 11.54
C SER A 113 -10.72 4.25 12.72
N MET A 4 -4.74 14.58 15.92
CA MET A 4 -5.67 13.99 14.91
C MET A 4 -4.91 13.26 13.82
N SER A 5 -3.59 13.29 13.89
CA SER A 5 -2.77 12.62 12.89
C SER A 5 -1.69 11.77 13.57
N GLN A 6 -2.08 10.57 13.99
CA GLN A 6 -1.15 9.66 14.63
C GLN A 6 -0.26 9.00 13.58
N TRP A 7 0.80 9.68 13.20
CA TRP A 7 1.76 9.14 12.25
C TRP A 7 2.55 8.00 12.89
N LYS A 8 2.18 6.78 12.55
CA LYS A 8 2.83 5.60 13.08
C LYS A 8 4.08 5.31 12.27
N ASP A 9 5.24 5.51 12.87
CA ASP A 9 6.50 5.24 12.21
C ASP A 9 6.75 3.74 12.16
N ILE A 10 6.94 3.22 10.96
CA ILE A 10 7.09 1.79 10.75
C ILE A 10 8.56 1.40 10.75
N CYS A 11 9.21 1.67 9.64
CA CYS A 11 10.63 1.40 9.47
C CYS A 11 11.22 2.53 8.66
N LYS A 12 12.44 2.38 8.19
CA LYS A 12 13.06 3.42 7.41
C LYS A 12 12.74 3.25 5.93
N ILE A 13 12.83 4.34 5.17
CA ILE A 13 12.57 4.31 3.74
C ILE A 13 13.67 3.53 3.02
N ASP A 14 14.74 3.27 3.75
CA ASP A 14 15.84 2.46 3.24
C ASP A 14 15.44 0.99 3.22
N ASP A 15 14.55 0.62 4.13
CA ASP A 15 13.99 -0.73 4.17
C ASP A 15 13.15 -0.99 2.94
N ILE A 16 12.48 0.05 2.48
CA ILE A 16 11.60 -0.05 1.33
C ILE A 16 12.27 0.57 0.11
N LEU A 17 12.95 -0.26 -0.65
CA LEU A 17 13.62 0.19 -1.86
C LEU A 17 12.58 0.53 -2.95
N PRO A 18 13.01 1.21 -4.04
CA PRO A 18 12.11 1.55 -5.15
C PRO A 18 11.34 0.34 -5.69
N GLU A 19 10.08 0.57 -6.04
CA GLU A 19 9.17 -0.46 -6.55
C GLU A 19 9.09 -1.64 -5.59
N THR A 20 8.91 -1.35 -4.31
CA THR A 20 8.86 -2.38 -3.29
C THR A 20 7.66 -2.17 -2.37
N GLY A 21 6.96 -3.25 -2.07
CA GLY A 21 5.85 -3.19 -1.15
C GLY A 21 6.05 -4.11 0.04
N VAL A 22 5.92 -3.56 1.24
CA VAL A 22 6.14 -4.34 2.45
C VAL A 22 4.86 -4.42 3.28
N CYS A 23 4.74 -5.48 4.03
CA CYS A 23 3.57 -5.69 4.88
C CYS A 23 3.82 -5.19 6.29
N ALA A 24 3.01 -4.24 6.72
CA ALA A 24 3.15 -3.67 8.05
C ALA A 24 1.82 -3.67 8.80
N LEU A 25 1.87 -3.41 10.08
CA LEU A 25 0.67 -3.34 10.90
C LEU A 25 0.51 -1.95 11.49
N LEU A 26 -0.71 -1.44 11.47
CA LEU A 26 -1.01 -0.15 12.06
C LEU A 26 -2.13 -0.31 13.07
N GLY A 27 -1.76 -0.47 14.33
CA GLY A 27 -2.73 -0.66 15.38
C GLY A 27 -3.36 -2.03 15.33
N ASP A 28 -4.43 -2.15 14.57
CA ASP A 28 -5.10 -3.44 14.37
C ASP A 28 -5.27 -3.71 12.88
N GLU A 29 -5.00 -2.70 12.06
CA GLU A 29 -5.21 -2.81 10.63
C GLU A 29 -3.95 -3.33 9.95
N GLN A 30 -4.14 -4.03 8.86
CA GLN A 30 -3.04 -4.58 8.09
C GLN A 30 -2.76 -3.67 6.90
N VAL A 31 -1.67 -2.93 6.97
CA VAL A 31 -1.38 -1.92 5.98
C VAL A 31 -0.23 -2.34 5.07
N ALA A 32 -0.45 -2.27 3.77
CA ALA A 32 0.59 -2.56 2.80
C ALA A 32 1.25 -1.27 2.35
N ILE A 33 2.54 -1.17 2.57
CA ILE A 33 3.28 0.03 2.22
C ILE A 33 4.01 -0.16 0.91
N PHE A 34 3.70 0.68 -0.07
CA PHE A 34 4.24 0.52 -1.40
C PHE A 34 5.01 1.76 -1.82
N ARG A 35 6.28 1.59 -2.12
CA ARG A 35 7.08 2.65 -2.69
C ARG A 35 7.12 2.44 -4.20
N PRO A 36 6.29 3.18 -4.94
CA PRO A 36 6.11 2.99 -6.38
C PRO A 36 7.06 3.83 -7.22
N TYR A 37 7.92 4.58 -6.57
CA TYR A 37 8.88 5.42 -7.26
C TYR A 37 10.26 5.26 -6.65
N HIS A 38 11.25 5.93 -7.23
CA HIS A 38 12.60 5.89 -6.68
C HIS A 38 12.77 7.02 -5.68
N SER A 39 11.76 7.88 -5.62
CA SER A 39 11.78 9.06 -4.78
C SER A 39 11.25 8.76 -3.37
N ASP A 40 10.84 9.81 -2.67
CA ASP A 40 10.38 9.70 -1.29
C ASP A 40 8.87 9.45 -1.23
N GLN A 41 8.26 9.22 -2.38
CA GLN A 41 6.82 9.03 -2.42
C GLN A 41 6.45 7.59 -2.10
N VAL A 42 5.68 7.40 -1.03
CA VAL A 42 5.23 6.08 -0.64
C VAL A 42 3.71 6.10 -0.46
N PHE A 43 3.05 5.01 -0.79
CA PHE A 43 1.61 4.90 -0.62
C PHE A 43 1.30 3.74 0.30
N ALA A 44 0.17 3.81 0.98
CA ALA A 44 -0.26 2.74 1.86
C ALA A 44 -1.71 2.39 1.59
N ILE A 45 -2.00 1.09 1.52
CA ILE A 45 -3.35 0.62 1.31
C ILE A 45 -3.63 -0.61 2.17
N SER A 46 -4.84 -1.13 2.10
CA SER A 46 -5.19 -2.36 2.81
C SER A 46 -4.31 -3.51 2.33
N ASN A 47 -3.67 -4.20 3.27
CA ASN A 47 -2.69 -5.23 2.95
C ASN A 47 -3.35 -6.57 2.62
N ILE A 48 -4.48 -6.83 3.24
CA ILE A 48 -5.19 -8.09 3.03
C ILE A 48 -6.25 -7.89 1.94
N ASP A 49 -6.39 -8.88 1.05
CA ASP A 49 -7.49 -8.86 0.06
C ASP A 49 -8.82 -8.76 0.80
N PRO A 50 -9.45 -7.58 0.77
CA PRO A 50 -10.58 -7.25 1.65
C PRO A 50 -11.75 -8.22 1.53
N PHE A 51 -12.38 -8.23 0.36
CA PHE A 51 -13.59 -9.02 0.18
C PHE A 51 -13.25 -10.45 -0.26
N PHE A 52 -12.00 -10.67 -0.62
CA PHE A 52 -11.58 -11.98 -1.14
C PHE A 52 -11.03 -12.87 -0.02
N GLU A 53 -10.67 -12.25 1.11
CA GLU A 53 -10.22 -12.97 2.30
C GLU A 53 -8.88 -13.68 2.08
N SER A 54 -8.02 -13.05 1.30
CA SER A 54 -6.71 -13.64 1.01
C SER A 54 -5.62 -12.97 1.83
N SER A 55 -4.37 -13.18 1.46
CA SER A 55 -3.24 -12.76 2.26
C SER A 55 -2.74 -11.37 1.85
N VAL A 56 -1.46 -11.13 2.07
CA VAL A 56 -0.85 -9.82 1.90
C VAL A 56 -0.64 -9.47 0.42
N LEU A 57 -0.99 -8.23 0.07
CA LEU A 57 -0.78 -7.71 -1.27
C LEU A 57 0.68 -7.39 -1.49
N SER A 58 1.46 -7.41 -0.40
CA SER A 58 2.89 -7.16 -0.46
C SER A 58 3.61 -8.27 -1.23
N ARG A 59 2.92 -9.38 -1.44
CA ARG A 59 3.45 -10.47 -2.24
C ARG A 59 2.91 -10.36 -3.68
N GLY A 60 2.86 -9.14 -4.18
CA GLY A 60 2.31 -8.91 -5.50
C GLY A 60 3.18 -7.97 -6.31
N LEU A 61 2.95 -7.94 -7.61
CA LEU A 61 3.78 -7.17 -8.51
C LEU A 61 3.12 -5.85 -8.87
N ILE A 62 3.93 -4.85 -9.17
CA ILE A 62 3.45 -3.55 -9.59
C ILE A 62 3.63 -3.39 -11.10
N ALA A 63 2.54 -3.18 -11.80
CA ALA A 63 2.56 -3.04 -13.25
C ALA A 63 1.90 -1.73 -13.66
N GLU A 64 2.49 -1.05 -14.63
CA GLU A 64 1.99 0.24 -15.06
C GLU A 64 0.91 0.07 -16.12
N HIS A 65 -0.23 0.72 -15.91
CA HIS A 65 -1.29 0.72 -16.89
C HIS A 65 -0.95 1.70 -18.01
N GLN A 66 -0.71 2.94 -17.60
CA GLN A 66 -0.29 4.02 -18.50
C GLN A 66 -0.21 5.29 -17.68
N GLY A 67 0.95 5.50 -17.06
CA GLY A 67 1.11 6.60 -16.12
C GLY A 67 0.63 6.20 -14.73
N GLU A 68 -0.36 5.33 -14.67
CA GLU A 68 -0.89 4.82 -13.42
C GLU A 68 -0.13 3.58 -12.99
N LEU A 69 0.16 3.47 -11.71
CA LEU A 69 0.86 2.32 -11.17
C LEU A 69 -0.11 1.41 -10.40
N TRP A 70 -0.33 0.21 -10.91
CA TRP A 70 -1.26 -0.73 -10.30
C TRP A 70 -0.50 -1.91 -9.69
N VAL A 71 -0.98 -2.41 -8.57
CA VAL A 71 -0.40 -3.59 -7.96
C VAL A 71 -1.39 -4.75 -8.06
N ALA A 72 -0.91 -5.96 -8.27
CA ALA A 72 -1.78 -7.11 -8.43
C ALA A 72 -1.35 -8.27 -7.54
N SER A 73 -2.29 -8.80 -6.78
CA SER A 73 -2.03 -9.97 -5.95
C SER A 73 -2.17 -11.23 -6.78
N PRO A 74 -1.09 -12.03 -6.89
CA PRO A 74 -1.07 -13.23 -7.74
C PRO A 74 -1.98 -14.34 -7.22
N LEU A 75 -2.69 -14.06 -6.13
CA LEU A 75 -3.63 -15.02 -5.57
C LEU A 75 -4.91 -15.06 -6.38
N LYS A 76 -5.26 -13.94 -7.00
CA LYS A 76 -6.42 -13.88 -7.89
C LYS A 76 -6.09 -13.09 -9.15
N LYS A 77 -5.00 -12.33 -9.08
CA LYS A 77 -4.59 -11.41 -10.15
C LYS A 77 -5.58 -10.26 -10.25
N GLN A 78 -5.98 -9.76 -9.08
CA GLN A 78 -6.85 -8.60 -8.99
C GLN A 78 -5.99 -7.33 -9.00
N ARG A 79 -6.49 -6.30 -9.66
CA ARG A 79 -5.72 -5.07 -9.85
C ARG A 79 -6.12 -4.00 -8.84
N PHE A 80 -5.14 -3.55 -8.07
CA PHE A 80 -5.33 -2.49 -7.09
C PHE A 80 -4.51 -1.27 -7.49
N ARG A 81 -5.15 -0.13 -7.65
CA ARG A 81 -4.44 1.10 -7.94
C ARG A 81 -4.01 1.76 -6.64
N LEU A 82 -2.74 1.57 -6.28
CA LEU A 82 -2.21 2.03 -4.99
C LEU A 82 -2.20 3.56 -4.89
N SER A 83 -2.43 4.23 -6.01
CA SER A 83 -2.48 5.67 -6.05
C SER A 83 -3.65 6.20 -5.21
N ASP A 84 -4.83 5.64 -5.42
CA ASP A 84 -6.04 6.09 -4.74
C ASP A 84 -6.64 4.98 -3.87
N GLY A 85 -6.42 3.75 -4.27
CA GLY A 85 -6.93 2.62 -3.52
C GLY A 85 -8.07 1.92 -4.22
N LEU A 86 -8.26 2.23 -5.50
CA LEU A 86 -9.35 1.62 -6.26
C LEU A 86 -8.94 0.26 -6.81
N CYS A 87 -9.84 -0.70 -6.72
CA CYS A 87 -9.64 -2.00 -7.34
C CYS A 87 -10.46 -2.05 -8.62
N MET A 88 -9.86 -2.53 -9.70
CA MET A 88 -10.54 -2.54 -11.00
C MET A 88 -11.64 -3.60 -11.03
N GLU A 89 -11.45 -4.68 -10.29
CA GLU A 89 -12.45 -5.75 -10.22
C GLU A 89 -13.41 -5.53 -9.05
N ASP A 90 -12.89 -4.94 -7.99
CA ASP A 90 -13.59 -4.84 -6.71
C ASP A 90 -14.09 -3.42 -6.45
N GLU A 91 -14.02 -2.57 -7.49
CA GLU A 91 -14.27 -1.12 -7.40
C GLU A 91 -15.40 -0.71 -6.43
N GLN A 92 -16.43 -1.54 -6.29
CA GLN A 92 -17.54 -1.23 -5.38
C GLN A 92 -17.03 -1.07 -3.94
N PHE A 93 -16.04 -1.86 -3.56
CA PHE A 93 -15.47 -1.78 -2.22
C PHE A 93 -14.04 -1.23 -2.27
N SER A 94 -13.17 -1.94 -2.98
CA SER A 94 -11.76 -1.56 -3.10
C SER A 94 -11.04 -1.57 -1.76
N VAL A 95 -9.82 -1.04 -1.73
CA VAL A 95 -9.06 -0.94 -0.50
C VAL A 95 -9.03 0.50 -0.02
N LYS A 96 -8.67 0.72 1.22
CA LYS A 96 -8.61 2.08 1.74
C LYS A 96 -7.21 2.66 1.58
N HIS A 97 -7.16 3.93 1.21
CA HIS A 97 -5.89 4.61 1.06
C HIS A 97 -5.47 5.21 2.40
N TYR A 98 -4.21 5.01 2.74
CA TYR A 98 -3.64 5.60 3.93
C TYR A 98 -2.50 6.52 3.53
N GLU A 99 -2.33 7.62 4.25
CA GLU A 99 -1.31 8.60 3.90
C GLU A 99 0.02 8.24 4.53
N ALA A 100 1.09 8.49 3.80
CA ALA A 100 2.43 8.15 4.27
C ALA A 100 3.37 9.34 4.11
N ARG A 101 4.38 9.42 4.96
CA ARG A 101 5.40 10.44 4.84
C ARG A 101 6.75 9.87 5.26
N VAL A 102 7.81 10.48 4.78
CA VAL A 102 9.16 10.07 5.16
C VAL A 102 9.75 11.10 6.12
N LYS A 103 9.76 10.76 7.40
CA LYS A 103 10.27 11.65 8.43
C LYS A 103 11.73 11.33 8.70
N ASP A 104 12.61 12.22 8.24
CA ASP A 104 14.07 12.07 8.36
C ASP A 104 14.56 10.68 7.95
N GLY A 105 13.80 10.01 7.09
CA GLY A 105 14.19 8.70 6.62
C GLY A 105 13.30 7.59 7.12
N VAL A 106 12.41 7.90 8.05
CA VAL A 106 11.52 6.91 8.62
C VAL A 106 10.12 7.01 8.01
N VAL A 107 9.57 5.88 7.61
CA VAL A 107 8.24 5.84 7.00
C VAL A 107 7.16 5.92 8.07
N GLN A 108 6.31 6.92 7.97
CA GLN A 108 5.21 7.08 8.91
C GLN A 108 3.88 7.05 8.19
N LEU A 109 2.93 6.33 8.76
CA LEU A 109 1.61 6.18 8.16
C LEU A 109 0.54 6.87 9.00
N ARG A 110 -0.37 7.56 8.34
CA ARG A 110 -1.54 8.12 8.99
C ARG A 110 -2.80 7.45 8.44
N GLY A 111 -3.39 6.59 9.24
CA GLY A 111 -4.57 5.88 8.82
C GLY A 111 -5.43 5.45 9.99
N GLY A 112 -6.46 4.66 9.70
CA GLY A 112 -7.37 4.22 10.73
C GLY A 112 -8.73 3.90 10.14
N SER A 113 -9.77 3.97 10.95
CA SER A 113 -11.13 3.69 10.50
C SER A 113 -11.62 4.83 9.60
N MET A 4 -8.62 12.27 14.82
CA MET A 4 -7.23 12.03 15.29
C MET A 4 -6.27 11.97 14.12
N SER A 5 -4.99 12.18 14.39
CA SER A 5 -3.96 12.04 13.39
C SER A 5 -2.66 11.57 14.03
N GLN A 6 -2.36 10.29 13.85
CA GLN A 6 -1.13 9.73 14.36
C GLN A 6 -0.25 9.27 13.22
N TRP A 7 0.75 10.07 12.88
CA TRP A 7 1.75 9.66 11.92
C TRP A 7 2.71 8.68 12.57
N LYS A 8 2.32 7.42 12.60
CA LYS A 8 3.12 6.39 13.25
C LYS A 8 4.27 5.96 12.35
N ASP A 9 5.45 5.85 12.94
CA ASP A 9 6.60 5.34 12.21
C ASP A 9 6.46 3.85 12.01
N ILE A 10 6.84 3.38 10.84
CA ILE A 10 6.77 1.97 10.53
C ILE A 10 8.16 1.39 10.36
N CYS A 11 8.81 1.76 9.28
CA CYS A 11 10.14 1.28 8.97
C CYS A 11 10.96 2.38 8.30
N LYS A 12 12.23 2.12 8.08
CA LYS A 12 13.10 3.10 7.43
C LYS A 12 13.06 2.87 5.93
N ILE A 13 12.97 3.95 5.16
CA ILE A 13 12.80 3.86 3.70
C ILE A 13 14.04 3.24 3.04
N ASP A 14 15.14 3.21 3.78
CA ASP A 14 16.39 2.65 3.29
C ASP A 14 16.30 1.14 3.10
N ASP A 15 15.41 0.51 3.85
CA ASP A 15 15.24 -0.94 3.77
C ASP A 15 14.36 -1.33 2.59
N ILE A 16 13.39 -0.48 2.29
CA ILE A 16 12.44 -0.76 1.22
C ILE A 16 12.98 -0.31 -0.13
N LEU A 17 13.40 -1.29 -0.94
CA LEU A 17 13.95 -1.01 -2.26
C LEU A 17 12.86 -0.57 -3.23
N PRO A 18 13.24 -0.01 -4.39
CA PRO A 18 12.29 0.40 -5.43
C PRO A 18 11.40 -0.75 -5.88
N GLU A 19 10.11 -0.46 -6.02
CA GLU A 19 9.13 -1.44 -6.47
C GLU A 19 9.00 -2.59 -5.48
N THR A 20 8.97 -2.25 -4.20
CA THR A 20 8.87 -3.24 -3.14
C THR A 20 7.75 -2.87 -2.19
N GLY A 21 7.01 -3.87 -1.73
CA GLY A 21 5.95 -3.63 -0.77
C GLY A 21 6.14 -4.43 0.50
N VAL A 22 5.78 -3.84 1.63
CA VAL A 22 5.91 -4.49 2.92
C VAL A 22 4.58 -4.55 3.65
N CYS A 23 4.46 -5.45 4.61
CA CYS A 23 3.25 -5.57 5.39
C CYS A 23 3.45 -5.00 6.79
N ALA A 24 2.53 -4.16 7.23
CA ALA A 24 2.64 -3.54 8.54
C ALA A 24 1.30 -3.54 9.24
N LEU A 25 1.33 -3.31 10.55
CA LEU A 25 0.11 -3.24 11.35
C LEU A 25 0.01 -1.85 11.96
N LEU A 26 -1.08 -1.14 11.67
CA LEU A 26 -1.28 0.21 12.18
C LEU A 26 -2.39 0.20 13.23
N GLY A 27 -1.99 0.05 14.48
CA GLY A 27 -2.94 0.06 15.58
C GLY A 27 -3.80 -1.20 15.63
N ASP A 28 -4.85 -1.21 14.82
CA ASP A 28 -5.83 -2.29 14.84
C ASP A 28 -5.94 -2.94 13.45
N GLU A 29 -5.53 -2.20 12.43
CA GLU A 29 -5.79 -2.60 11.06
C GLU A 29 -4.50 -2.86 10.29
N GLN A 30 -4.60 -3.75 9.31
CA GLN A 30 -3.44 -4.17 8.52
C GLN A 30 -3.20 -3.21 7.35
N VAL A 31 -1.98 -2.72 7.25
CA VAL A 31 -1.63 -1.73 6.23
C VAL A 31 -0.47 -2.23 5.38
N ALA A 32 -0.64 -2.16 4.07
CA ALA A 32 0.41 -2.55 3.14
C ALA A 32 1.11 -1.33 2.57
N ILE A 33 2.43 -1.28 2.73
CA ILE A 33 3.19 -0.14 2.29
C ILE A 33 3.97 -0.46 1.04
N PHE A 34 3.70 0.26 -0.03
CA PHE A 34 4.37 0.03 -1.31
C PHE A 34 5.25 1.21 -1.66
N ARG A 35 6.51 0.95 -1.97
CA ARG A 35 7.38 1.98 -2.51
C ARG A 35 7.57 1.75 -4.00
N PRO A 36 6.84 2.49 -4.84
CA PRO A 36 6.95 2.38 -6.28
C PRO A 36 7.97 3.35 -6.87
N TYR A 37 8.22 4.44 -6.16
CA TYR A 37 9.19 5.43 -6.58
C TYR A 37 10.43 5.35 -5.72
N HIS A 38 11.59 5.24 -6.35
CA HIS A 38 12.86 5.20 -5.63
C HIS A 38 13.29 6.60 -5.16
N SER A 39 12.33 7.48 -4.99
CA SER A 39 12.60 8.79 -4.42
C SER A 39 12.12 8.84 -2.97
N ASP A 40 10.91 9.36 -2.76
CA ASP A 40 10.37 9.52 -1.41
C ASP A 40 8.85 9.38 -1.41
N GLN A 41 8.33 8.79 -2.47
CA GLN A 41 6.89 8.63 -2.62
C GLN A 41 6.50 7.18 -2.39
N VAL A 42 5.71 6.96 -1.34
CA VAL A 42 5.24 5.63 -0.98
C VAL A 42 3.73 5.65 -0.77
N PHE A 43 3.08 4.52 -1.01
CA PHE A 43 1.64 4.42 -0.85
C PHE A 43 1.28 3.34 0.16
N ALA A 44 0.19 3.54 0.88
CA ALA A 44 -0.24 2.58 1.88
C ALA A 44 -1.74 2.34 1.77
N ILE A 45 -2.12 1.08 1.71
CA ILE A 45 -3.52 0.69 1.64
C ILE A 45 -3.79 -0.46 2.58
N SER A 46 -5.03 -0.95 2.59
CA SER A 46 -5.37 -2.12 3.38
C SER A 46 -4.58 -3.34 2.89
N ASN A 47 -3.90 -4.01 3.82
CA ASN A 47 -2.99 -5.11 3.47
C ASN A 47 -3.72 -6.39 3.09
N ILE A 48 -4.90 -6.58 3.65
CA ILE A 48 -5.67 -7.80 3.44
C ILE A 48 -6.69 -7.61 2.32
N ASP A 49 -6.78 -8.58 1.41
CA ASP A 49 -7.84 -8.59 0.40
C ASP A 49 -9.20 -8.61 1.08
N PRO A 50 -10.06 -7.62 0.80
CA PRO A 50 -11.35 -7.46 1.47
C PRO A 50 -12.30 -8.63 1.23
N PHE A 51 -12.86 -8.72 0.02
CA PHE A 51 -13.85 -9.74 -0.28
C PHE A 51 -13.22 -11.00 -0.85
N PHE A 52 -12.05 -10.84 -1.46
CA PHE A 52 -11.34 -11.98 -2.04
C PHE A 52 -10.68 -12.81 -0.94
N GLU A 53 -10.34 -12.14 0.16
CA GLU A 53 -9.73 -12.77 1.34
C GLU A 53 -8.38 -13.40 1.02
N SER A 54 -7.32 -12.65 1.27
CA SER A 54 -5.97 -13.14 1.16
C SER A 54 -5.10 -12.41 2.18
N SER A 55 -3.85 -12.82 2.31
CA SER A 55 -3.02 -12.33 3.39
C SER A 55 -2.23 -11.07 3.02
N VAL A 56 -1.54 -11.13 1.91
CA VAL A 56 -0.60 -10.08 1.55
C VAL A 56 -0.81 -9.55 0.13
N LEU A 57 -1.01 -8.24 0.03
CA LEU A 57 -1.03 -7.57 -1.27
C LEU A 57 0.36 -7.06 -1.62
N SER A 58 1.28 -7.16 -0.67
CA SER A 58 2.62 -6.61 -0.82
C SER A 58 3.55 -7.54 -1.60
N ARG A 59 3.03 -8.67 -2.05
CA ARG A 59 3.83 -9.64 -2.77
C ARG A 59 3.45 -9.68 -4.24
N GLY A 60 3.21 -8.51 -4.82
CA GLY A 60 2.82 -8.43 -6.20
C GLY A 60 3.58 -7.34 -6.93
N LEU A 61 3.56 -7.36 -8.25
CA LEU A 61 4.36 -6.44 -9.04
C LEU A 61 3.59 -5.17 -9.36
N ILE A 62 4.29 -4.05 -9.31
CA ILE A 62 3.70 -2.75 -9.63
C ILE A 62 4.01 -2.39 -11.09
N ALA A 63 2.97 -2.09 -11.85
CA ALA A 63 3.15 -1.77 -13.26
C ALA A 63 2.36 -0.52 -13.64
N GLU A 64 2.84 0.17 -14.66
CA GLU A 64 2.16 1.33 -15.18
C GLU A 64 1.38 0.93 -16.43
N HIS A 65 0.22 1.52 -16.64
CA HIS A 65 -0.64 1.11 -17.75
C HIS A 65 -1.40 2.28 -18.37
N GLN A 66 -1.53 3.40 -17.65
CA GLN A 66 -2.36 4.50 -18.13
C GLN A 66 -2.18 5.77 -17.29
N GLY A 67 -1.02 5.92 -16.69
CA GLY A 67 -0.75 7.04 -15.82
C GLY A 67 -1.13 6.71 -14.39
N GLU A 68 -1.34 5.42 -14.13
CA GLU A 68 -1.76 4.95 -12.81
C GLU A 68 -0.94 3.75 -12.41
N LEU A 69 -0.62 3.68 -11.13
CA LEU A 69 0.19 2.58 -10.61
C LEU A 69 -0.67 1.40 -10.21
N TRP A 70 -0.68 0.39 -11.07
CA TRP A 70 -1.46 -0.81 -10.82
C TRP A 70 -0.57 -1.92 -10.26
N VAL A 71 -0.91 -2.42 -9.10
CA VAL A 71 -0.20 -3.54 -8.52
C VAL A 71 -1.00 -4.82 -8.76
N ALA A 72 -0.31 -5.83 -9.26
CA ALA A 72 -0.97 -7.09 -9.59
C ALA A 72 -0.40 -8.22 -8.75
N SER A 73 -1.24 -8.74 -7.87
CA SER A 73 -0.88 -9.90 -7.07
C SER A 73 -1.01 -11.18 -7.91
N PRO A 74 0.06 -11.97 -8.00
CA PRO A 74 0.11 -13.17 -8.86
C PRO A 74 -0.72 -14.33 -8.32
N LEU A 75 -1.53 -14.07 -7.29
CA LEU A 75 -2.38 -15.09 -6.71
C LEU A 75 -3.43 -15.55 -7.71
N LYS A 76 -4.31 -14.64 -8.10
CA LYS A 76 -5.33 -14.93 -9.10
C LYS A 76 -5.45 -13.80 -10.09
N LYS A 77 -4.38 -13.01 -10.20
CA LYS A 77 -4.32 -11.86 -11.09
C LYS A 77 -5.36 -10.82 -10.69
N GLN A 78 -5.05 -10.07 -9.64
CA GLN A 78 -5.92 -9.03 -9.15
C GLN A 78 -5.26 -7.67 -9.32
N ARG A 79 -6.00 -6.71 -9.86
CA ARG A 79 -5.46 -5.40 -10.19
C ARG A 79 -5.91 -4.35 -9.16
N PHE A 80 -4.94 -3.81 -8.43
CA PHE A 80 -5.22 -2.76 -7.46
C PHE A 80 -4.50 -1.48 -7.83
N ARG A 81 -5.19 -0.35 -7.80
CA ARG A 81 -4.57 0.92 -8.09
C ARG A 81 -4.05 1.55 -6.79
N LEU A 82 -2.80 1.29 -6.46
CA LEU A 82 -2.25 1.70 -5.18
C LEU A 82 -2.02 3.20 -5.10
N SER A 83 -2.10 3.87 -6.24
CA SER A 83 -1.93 5.31 -6.30
C SER A 83 -3.16 6.03 -5.76
N ASP A 84 -4.17 5.25 -5.37
CA ASP A 84 -5.42 5.80 -4.89
C ASP A 84 -6.08 4.87 -3.87
N GLY A 85 -6.09 3.58 -4.19
CA GLY A 85 -6.71 2.61 -3.30
C GLY A 85 -7.81 1.83 -3.99
N LEU A 86 -8.29 2.38 -5.11
CA LEU A 86 -9.34 1.74 -5.88
C LEU A 86 -8.94 0.34 -6.33
N CYS A 87 -9.80 -0.62 -6.04
CA CYS A 87 -9.59 -1.98 -6.46
C CYS A 87 -10.50 -2.28 -7.65
N MET A 88 -9.94 -2.73 -8.76
CA MET A 88 -10.74 -2.92 -9.97
C MET A 88 -11.77 -4.04 -9.81
N GLU A 89 -11.53 -4.93 -8.85
CA GLU A 89 -12.47 -6.01 -8.56
C GLU A 89 -13.60 -5.53 -7.65
N ASP A 90 -13.22 -4.83 -6.60
CA ASP A 90 -14.14 -4.48 -5.52
C ASP A 90 -14.58 -3.03 -5.60
N GLU A 91 -14.26 -2.38 -6.72
CA GLU A 91 -14.41 -0.92 -6.92
C GLU A 91 -15.62 -0.28 -6.22
N GLN A 92 -16.75 -0.98 -6.16
CA GLN A 92 -17.95 -0.46 -5.48
C GLN A 92 -17.67 -0.15 -4.01
N PHE A 93 -16.69 -0.83 -3.45
CA PHE A 93 -16.29 -0.63 -2.06
C PHE A 93 -14.80 -0.28 -2.00
N SER A 94 -13.98 -1.19 -2.54
CA SER A 94 -12.52 -1.05 -2.53
C SER A 94 -11.94 -1.11 -1.11
N VAL A 95 -10.62 -1.06 -1.02
CA VAL A 95 -9.94 -1.02 0.25
C VAL A 95 -9.72 0.42 0.70
N LYS A 96 -9.35 0.60 1.95
CA LYS A 96 -9.10 1.93 2.46
C LYS A 96 -7.63 2.29 2.32
N HIS A 97 -7.38 3.43 1.70
CA HIS A 97 -6.02 3.91 1.55
C HIS A 97 -5.65 4.80 2.73
N TYR A 98 -4.38 4.81 3.06
CA TYR A 98 -3.89 5.59 4.18
C TYR A 98 -2.99 6.70 3.65
N GLU A 99 -2.64 7.63 4.52
CA GLU A 99 -1.75 8.71 4.14
C GLU A 99 -0.35 8.43 4.64
N ALA A 100 0.63 8.67 3.79
CA ALA A 100 2.01 8.33 4.11
C ALA A 100 2.97 9.43 3.71
N ARG A 101 4.02 9.60 4.51
CA ARG A 101 5.10 10.53 4.19
C ARG A 101 6.40 10.05 4.81
N VAL A 102 7.49 10.29 4.11
CA VAL A 102 8.81 9.90 4.58
C VAL A 102 9.39 10.97 5.49
N LYS A 103 9.36 10.71 6.78
CA LYS A 103 9.86 11.65 7.77
C LYS A 103 11.31 11.35 8.05
N ASP A 104 12.20 12.22 7.57
CA ASP A 104 13.65 12.12 7.80
C ASP A 104 14.22 10.75 7.41
N GLY A 105 13.47 10.01 6.60
CA GLY A 105 13.93 8.72 6.16
C GLY A 105 13.11 7.58 6.73
N VAL A 106 12.24 7.89 7.67
CA VAL A 106 11.38 6.90 8.29
C VAL A 106 9.97 6.99 7.69
N VAL A 107 9.40 5.84 7.36
CA VAL A 107 8.06 5.79 6.81
C VAL A 107 7.02 6.06 7.89
N GLN A 108 6.24 7.11 7.73
CA GLN A 108 5.19 7.46 8.67
C GLN A 108 3.83 7.24 8.02
N LEU A 109 2.93 6.59 8.74
CA LEU A 109 1.58 6.35 8.23
C LEU A 109 0.55 7.04 9.10
N ARG A 110 -0.40 7.71 8.46
CA ARG A 110 -1.52 8.31 9.17
C ARG A 110 -2.81 7.57 8.84
N GLY A 111 -3.45 7.04 9.86
CA GLY A 111 -4.73 6.38 9.70
C GLY A 111 -5.58 6.51 10.94
N GLY A 112 -5.33 5.63 11.90
CA GLY A 112 -6.03 5.68 13.15
C GLY A 112 -5.12 6.13 14.28
N SER A 113 -5.22 5.46 15.41
CA SER A 113 -4.37 5.75 16.56
C SER A 113 -4.15 4.48 17.38
N MET A 4 -5.67 13.95 16.98
CA MET A 4 -5.95 12.56 16.59
C MET A 4 -5.62 12.34 15.12
N SER A 5 -4.32 12.29 14.84
CA SER A 5 -3.83 12.02 13.50
C SER A 5 -2.52 11.25 13.62
N GLN A 6 -2.63 10.05 14.17
CA GLN A 6 -1.48 9.24 14.54
C GLN A 6 -0.59 8.95 13.32
N TRP A 7 0.57 9.58 13.29
CA TRP A 7 1.60 9.23 12.32
C TRP A 7 2.41 8.06 12.86
N LYS A 8 1.92 6.86 12.63
CA LYS A 8 2.58 5.66 13.11
C LYS A 8 3.86 5.41 12.33
N ASP A 9 4.99 5.62 12.98
CA ASP A 9 6.29 5.32 12.38
C ASP A 9 6.43 3.81 12.23
N ILE A 10 6.63 3.38 10.99
CA ILE A 10 6.67 1.96 10.67
C ILE A 10 8.11 1.45 10.63
N CYS A 11 8.81 1.87 9.60
CA CYS A 11 10.19 1.47 9.38
C CYS A 11 10.88 2.55 8.57
N LYS A 12 12.01 2.25 7.95
CA LYS A 12 12.73 3.27 7.23
C LYS A 12 12.53 3.12 5.74
N ILE A 13 12.85 4.15 5.00
CA ILE A 13 12.78 4.12 3.56
C ILE A 13 13.94 3.26 3.03
N ASP A 14 14.86 2.93 3.94
CA ASP A 14 16.03 2.13 3.65
C ASP A 14 15.65 0.65 3.45
N ASP A 15 14.69 0.17 4.22
CA ASP A 15 14.31 -1.24 4.16
C ASP A 15 13.19 -1.45 3.15
N ILE A 16 12.70 -0.35 2.59
CA ILE A 16 11.73 -0.42 1.50
C ILE A 16 12.42 -0.07 0.18
N LEU A 17 12.92 -1.11 -0.48
CA LEU A 17 13.62 -0.96 -1.75
C LEU A 17 12.67 -0.40 -2.81
N PRO A 18 13.19 0.42 -3.72
CA PRO A 18 12.40 0.99 -4.82
C PRO A 18 11.73 -0.09 -5.67
N GLU A 19 10.43 0.07 -5.88
CA GLU A 19 9.61 -0.87 -6.66
C GLU A 19 9.32 -2.13 -5.85
N THR A 20 9.21 -1.97 -4.53
CA THR A 20 8.89 -3.09 -3.64
C THR A 20 7.79 -2.69 -2.66
N GLY A 21 7.06 -3.68 -2.17
CA GLY A 21 6.06 -3.43 -1.14
C GLY A 21 6.38 -4.16 0.15
N VAL A 22 6.08 -3.55 1.27
CA VAL A 22 6.36 -4.15 2.57
C VAL A 22 5.09 -4.35 3.38
N CYS A 23 5.08 -5.39 4.21
CA CYS A 23 3.94 -5.68 5.06
C CYS A 23 4.06 -4.92 6.38
N ALA A 24 3.14 -4.00 6.61
CA ALA A 24 3.15 -3.20 7.82
C ALA A 24 1.83 -3.34 8.56
N LEU A 25 1.81 -2.88 9.81
CA LEU A 25 0.61 -2.96 10.62
C LEU A 25 0.33 -1.61 11.27
N LEU A 26 -0.84 -1.06 11.00
CA LEU A 26 -1.30 0.14 11.70
C LEU A 26 -2.04 -0.31 12.94
N GLY A 27 -1.32 -0.41 14.05
CA GLY A 27 -1.86 -1.03 15.24
C GLY A 27 -1.93 -2.53 15.06
N ASP A 28 -3.04 -3.02 14.55
CA ASP A 28 -3.16 -4.42 14.19
C ASP A 28 -3.68 -4.56 12.76
N GLU A 29 -4.11 -3.44 12.18
CA GLU A 29 -4.68 -3.46 10.84
C GLU A 29 -3.58 -3.58 9.79
N GLN A 30 -3.72 -4.57 8.93
CA GLN A 30 -2.72 -4.87 7.91
C GLN A 30 -2.68 -3.78 6.85
N VAL A 31 -1.54 -3.10 6.77
CA VAL A 31 -1.33 -2.04 5.81
C VAL A 31 -0.18 -2.40 4.87
N ALA A 32 -0.42 -2.26 3.58
CA ALA A 32 0.60 -2.56 2.58
C ALA A 32 1.27 -1.28 2.13
N ILE A 33 2.53 -1.12 2.47
CA ILE A 33 3.29 0.06 2.07
C ILE A 33 4.07 -0.23 0.81
N PHE A 34 3.66 0.37 -0.29
CA PHE A 34 4.32 0.18 -1.56
C PHE A 34 5.16 1.38 -1.92
N ARG A 35 6.43 1.16 -2.19
CA ARG A 35 7.25 2.19 -2.77
C ARG A 35 7.54 1.83 -4.21
N PRO A 36 6.81 2.43 -5.15
CA PRO A 36 6.96 2.13 -6.57
C PRO A 36 7.94 3.07 -7.26
N TYR A 37 8.12 4.25 -6.69
CA TYR A 37 9.01 5.24 -7.27
C TYR A 37 10.34 5.22 -6.55
N HIS A 38 11.36 5.75 -7.22
CA HIS A 38 12.71 5.77 -6.69
C HIS A 38 12.93 7.05 -5.89
N SER A 39 11.88 7.83 -5.77
CA SER A 39 11.91 9.07 -5.00
C SER A 39 11.39 8.81 -3.58
N ASP A 40 11.24 9.87 -2.79
CA ASP A 40 10.72 9.74 -1.43
C ASP A 40 9.19 9.78 -1.43
N GLN A 41 8.57 8.72 -1.94
CA GLN A 41 7.13 8.64 -1.97
C GLN A 41 6.66 7.19 -1.85
N VAL A 42 5.65 6.97 -1.02
CA VAL A 42 5.12 5.64 -0.76
C VAL A 42 3.60 5.67 -0.73
N PHE A 43 2.99 4.54 -1.03
CA PHE A 43 1.54 4.43 -1.03
C PHE A 43 1.12 3.33 -0.04
N ALA A 44 0.19 3.66 0.84
CA ALA A 44 -0.26 2.72 1.85
C ALA A 44 -1.74 2.39 1.68
N ILE A 45 -2.03 1.12 1.45
CA ILE A 45 -3.40 0.66 1.30
C ILE A 45 -3.65 -0.57 2.19
N SER A 46 -4.86 -1.10 2.13
CA SER A 46 -5.17 -2.33 2.87
C SER A 46 -4.31 -3.48 2.37
N ASN A 47 -3.68 -4.19 3.29
CA ASN A 47 -2.74 -5.26 2.93
C ASN A 47 -3.48 -6.57 2.64
N ILE A 48 -4.71 -6.66 3.12
CA ILE A 48 -5.54 -7.84 2.91
C ILE A 48 -6.76 -7.44 2.08
N ASP A 49 -7.19 -8.29 1.14
CA ASP A 49 -8.41 -8.03 0.38
C ASP A 49 -9.62 -8.15 1.30
N PRO A 50 -10.43 -7.08 1.42
CA PRO A 50 -11.52 -6.99 2.39
C PRO A 50 -12.62 -8.05 2.20
N PHE A 51 -13.20 -8.11 1.02
CA PHE A 51 -14.37 -8.95 0.81
C PHE A 51 -13.99 -10.35 0.33
N PHE A 52 -12.96 -10.42 -0.51
CA PHE A 52 -12.58 -11.70 -1.11
C PHE A 52 -11.76 -12.52 -0.11
N GLU A 53 -11.17 -11.82 0.84
CA GLU A 53 -10.31 -12.45 1.84
C GLU A 53 -9.11 -13.10 1.19
N SER A 54 -8.20 -12.28 0.73
CA SER A 54 -6.94 -12.74 0.19
C SER A 54 -5.86 -12.53 1.23
N SER A 55 -4.61 -12.63 0.83
CA SER A 55 -3.52 -12.45 1.75
C SER A 55 -2.84 -11.11 1.51
N VAL A 56 -1.57 -11.02 1.87
CA VAL A 56 -0.85 -9.76 1.80
C VAL A 56 -0.63 -9.34 0.35
N LEU A 57 -1.07 -8.13 0.06
CA LEU A 57 -0.98 -7.56 -1.27
C LEU A 57 0.39 -6.93 -1.48
N SER A 58 1.09 -6.70 -0.37
CA SER A 58 2.42 -6.13 -0.39
C SER A 58 3.43 -7.10 -1.01
N ARG A 59 3.02 -8.35 -1.13
CA ARG A 59 3.85 -9.39 -1.72
C ARG A 59 3.46 -9.59 -3.19
N GLY A 60 3.23 -8.48 -3.88
CA GLY A 60 2.79 -8.55 -5.26
C GLY A 60 3.53 -7.57 -6.14
N LEU A 61 3.44 -7.77 -7.45
CA LEU A 61 4.18 -6.95 -8.40
C LEU A 61 3.41 -5.69 -8.76
N ILE A 62 4.12 -4.57 -8.81
CA ILE A 62 3.52 -3.29 -9.19
C ILE A 62 3.78 -3.01 -10.66
N ALA A 63 2.71 -2.88 -11.43
CA ALA A 63 2.82 -2.66 -12.87
C ALA A 63 2.38 -1.25 -13.22
N GLU A 64 3.09 -0.64 -14.16
CA GLU A 64 2.73 0.69 -14.62
C GLU A 64 1.72 0.59 -15.76
N HIS A 65 0.54 1.14 -15.55
CA HIS A 65 -0.50 1.12 -16.56
C HIS A 65 -0.46 2.41 -17.37
N GLN A 66 0.78 2.88 -17.58
CA GLN A 66 1.04 4.13 -18.28
C GLN A 66 0.49 5.32 -17.51
N GLY A 67 1.26 5.79 -16.54
CA GLY A 67 0.83 6.90 -15.71
C GLY A 67 0.45 6.44 -14.32
N GLU A 68 -0.62 5.66 -14.24
CA GLU A 68 -1.09 5.15 -12.96
C GLU A 68 -0.45 3.80 -12.67
N LEU A 69 -0.19 3.55 -11.39
CA LEU A 69 0.47 2.33 -10.99
C LEU A 69 -0.52 1.38 -10.31
N TRP A 70 -0.58 0.17 -10.83
CA TRP A 70 -1.50 -0.84 -10.32
C TRP A 70 -0.71 -2.02 -9.75
N VAL A 71 -1.06 -2.44 -8.55
CA VAL A 71 -0.40 -3.58 -7.93
C VAL A 71 -1.22 -4.84 -8.17
N ALA A 72 -0.55 -5.90 -8.58
CA ALA A 72 -1.20 -7.16 -8.87
C ALA A 72 -0.75 -8.25 -7.91
N SER A 73 -1.70 -8.96 -7.34
CA SER A 73 -1.40 -10.03 -6.42
C SER A 73 -1.07 -11.31 -7.18
N PRO A 74 -0.04 -12.04 -6.75
CA PRO A 74 0.32 -13.33 -7.34
C PRO A 74 -0.61 -14.45 -6.88
N LEU A 75 -1.31 -14.22 -5.77
CA LEU A 75 -2.23 -15.21 -5.23
C LEU A 75 -3.52 -15.20 -6.03
N LYS A 76 -4.24 -14.08 -5.95
CA LYS A 76 -5.43 -13.87 -6.74
C LYS A 76 -5.15 -12.73 -7.72
N LYS A 77 -5.71 -12.81 -8.92
CA LYS A 77 -5.40 -11.82 -9.95
C LYS A 77 -6.13 -10.50 -9.69
N GLN A 78 -5.82 -9.91 -8.56
CA GLN A 78 -6.37 -8.64 -8.13
C GLN A 78 -5.48 -7.50 -8.60
N ARG A 79 -6.09 -6.37 -8.94
CA ARG A 79 -5.34 -5.18 -9.35
C ARG A 79 -5.86 -3.96 -8.61
N PHE A 80 -4.97 -3.30 -7.89
CA PHE A 80 -5.34 -2.13 -7.10
C PHE A 80 -4.57 -0.91 -7.58
N ARG A 81 -5.25 0.21 -7.72
CA ARG A 81 -4.60 1.47 -8.09
C ARG A 81 -4.08 2.13 -6.82
N LEU A 82 -2.75 2.22 -6.72
CA LEU A 82 -2.11 2.73 -5.51
C LEU A 82 -2.48 4.18 -5.22
N SER A 83 -2.86 4.91 -6.25
CA SER A 83 -3.18 6.32 -6.14
C SER A 83 -4.31 6.58 -5.14
N ASP A 84 -5.40 5.83 -5.26
CA ASP A 84 -6.57 6.06 -4.42
C ASP A 84 -6.99 4.80 -3.68
N GLY A 85 -6.56 3.65 -4.16
CA GLY A 85 -6.92 2.39 -3.52
C GLY A 85 -8.09 1.72 -4.22
N LEU A 86 -8.39 2.17 -5.43
CA LEU A 86 -9.49 1.60 -6.20
C LEU A 86 -9.13 0.22 -6.73
N CYS A 87 -10.06 -0.71 -6.58
CA CYS A 87 -9.94 -2.01 -7.21
C CYS A 87 -10.53 -1.95 -8.61
N MET A 88 -9.87 -2.59 -9.56
CA MET A 88 -10.30 -2.52 -10.97
C MET A 88 -11.73 -3.03 -11.16
N GLU A 89 -11.92 -4.34 -11.02
CA GLU A 89 -13.25 -4.94 -11.19
C GLU A 89 -13.98 -5.04 -9.86
N ASP A 90 -13.20 -4.96 -8.79
CA ASP A 90 -13.72 -5.12 -7.44
C ASP A 90 -14.07 -3.78 -6.81
N GLU A 91 -14.07 -2.74 -7.63
CA GLU A 91 -14.27 -1.33 -7.20
C GLU A 91 -15.22 -1.15 -6.02
N GLN A 92 -16.32 -1.91 -6.00
CA GLN A 92 -17.32 -1.80 -4.93
C GLN A 92 -16.70 -2.09 -3.56
N PHE A 93 -15.66 -2.91 -3.55
CA PHE A 93 -15.00 -3.30 -2.32
C PHE A 93 -13.54 -2.87 -2.34
N SER A 94 -13.29 -1.66 -2.82
CA SER A 94 -11.93 -1.11 -2.88
C SER A 94 -11.30 -1.00 -1.49
N VAL A 95 -9.98 -0.83 -1.46
CA VAL A 95 -9.25 -0.81 -0.21
C VAL A 95 -9.12 0.61 0.35
N LYS A 96 -8.62 0.71 1.57
CA LYS A 96 -8.50 1.99 2.24
C LYS A 96 -7.13 2.60 2.00
N HIS A 97 -7.11 3.90 1.69
CA HIS A 97 -5.86 4.61 1.47
C HIS A 97 -5.41 5.31 2.75
N TYR A 98 -4.24 4.94 3.23
CA TYR A 98 -3.68 5.56 4.41
C TYR A 98 -2.73 6.67 4.01
N GLU A 99 -2.68 7.72 4.82
CA GLU A 99 -1.86 8.87 4.52
C GLU A 99 -0.41 8.59 4.89
N ALA A 100 0.43 8.39 3.88
CA ALA A 100 1.81 7.98 4.11
C ALA A 100 2.78 9.02 3.61
N ARG A 101 3.88 9.19 4.35
CA ARG A 101 4.95 10.09 3.95
C ARG A 101 6.28 9.58 4.50
N VAL A 102 7.37 10.07 3.94
CA VAL A 102 8.70 9.76 4.44
C VAL A 102 9.18 10.90 5.33
N LYS A 103 9.38 10.61 6.60
CA LYS A 103 9.83 11.61 7.56
C LYS A 103 11.20 11.25 8.09
N ASP A 104 12.20 12.05 7.76
CA ASP A 104 13.57 11.84 8.24
C ASP A 104 14.14 10.54 7.70
N GLY A 105 13.46 9.97 6.71
CA GLY A 105 13.85 8.68 6.19
C GLY A 105 13.03 7.55 6.80
N VAL A 106 12.04 7.91 7.60
CA VAL A 106 11.18 6.92 8.26
C VAL A 106 9.76 7.00 7.69
N VAL A 107 9.18 5.86 7.40
CA VAL A 107 7.83 5.81 6.82
C VAL A 107 6.76 6.04 7.89
N GLN A 108 5.97 7.09 7.71
CA GLN A 108 4.91 7.43 8.64
C GLN A 108 3.54 7.13 8.03
N LEU A 109 2.68 6.47 8.79
CA LEU A 109 1.31 6.20 8.34
C LEU A 109 0.30 6.90 9.24
N ARG A 110 -0.42 7.86 8.68
CA ARG A 110 -1.50 8.51 9.41
C ARG A 110 -2.84 7.88 9.04
N GLY A 111 -3.40 7.14 9.99
CA GLY A 111 -4.68 6.50 9.76
C GLY A 111 -5.60 6.64 10.95
N GLY A 112 -5.25 5.96 12.02
CA GLY A 112 -6.05 6.01 13.23
C GLY A 112 -5.85 4.79 14.10
N SER A 113 -5.11 4.96 15.18
CA SER A 113 -4.83 3.87 16.10
C SER A 113 -5.20 4.28 17.52
N MET A 4 -6.11 12.69 17.45
CA MET A 4 -5.86 13.39 16.16
C MET A 4 -5.10 12.43 15.23
N SER A 5 -4.87 12.85 13.99
CA SER A 5 -4.08 12.06 13.06
C SER A 5 -2.65 11.87 13.56
N GLN A 6 -2.40 10.72 14.16
CA GLN A 6 -1.10 10.43 14.72
C GLN A 6 -0.32 9.48 13.81
N TRP A 7 0.56 10.07 13.01
CA TRP A 7 1.38 9.32 12.07
C TRP A 7 2.32 8.38 12.82
N LYS A 8 2.05 7.09 12.70
CA LYS A 8 2.91 6.09 13.30
C LYS A 8 4.11 5.82 12.40
N ASP A 9 5.31 5.91 12.95
CA ASP A 9 6.50 5.56 12.21
C ASP A 9 6.65 4.06 12.13
N ILE A 10 6.67 3.55 10.90
CA ILE A 10 6.74 2.12 10.66
C ILE A 10 8.19 1.66 10.68
N CYS A 11 8.92 2.11 9.68
CA CYS A 11 10.31 1.75 9.51
C CYS A 11 10.99 2.81 8.66
N LYS A 12 12.30 2.74 8.54
CA LYS A 12 13.03 3.68 7.73
C LYS A 12 12.87 3.30 6.26
N ILE A 13 12.79 4.30 5.39
CA ILE A 13 12.58 4.06 3.97
C ILE A 13 13.83 3.44 3.35
N ASP A 14 14.89 3.36 4.13
CA ASP A 14 16.12 2.71 3.71
C ASP A 14 15.95 1.19 3.65
N ASP A 15 14.91 0.70 4.35
CA ASP A 15 14.62 -0.73 4.37
C ASP A 15 13.72 -1.11 3.19
N ILE A 16 13.08 -0.10 2.59
CA ILE A 16 12.19 -0.32 1.47
C ILE A 16 12.82 0.24 0.18
N LEU A 17 13.27 -0.67 -0.67
CA LEU A 17 13.91 -0.29 -1.92
C LEU A 17 12.88 0.24 -2.93
N PRO A 18 13.31 0.85 -4.03
CA PRO A 18 12.40 1.30 -5.08
C PRO A 18 11.77 0.12 -5.82
N GLU A 19 10.53 0.31 -6.28
CA GLU A 19 9.79 -0.71 -7.03
C GLU A 19 9.53 -1.95 -6.19
N THR A 20 9.39 -1.79 -4.87
CA THR A 20 9.14 -2.93 -3.99
C THR A 20 7.99 -2.63 -3.03
N GLY A 21 7.46 -3.68 -2.41
CA GLY A 21 6.38 -3.52 -1.46
C GLY A 21 6.58 -4.38 -0.23
N VAL A 22 6.20 -3.85 0.93
CA VAL A 22 6.39 -4.54 2.19
C VAL A 22 5.07 -4.68 2.95
N CYS A 23 5.13 -5.33 4.09
CA CYS A 23 3.96 -5.50 4.94
C CYS A 23 4.22 -4.90 6.32
N ALA A 24 3.24 -4.16 6.82
CA ALA A 24 3.38 -3.47 8.10
C ALA A 24 2.13 -3.62 8.94
N LEU A 25 2.19 -3.14 10.16
CA LEU A 25 1.07 -3.21 11.08
C LEU A 25 0.77 -1.81 11.62
N LEU A 26 -0.47 -1.38 11.48
CA LEU A 26 -0.90 -0.08 11.98
C LEU A 26 -2.01 -0.27 13.00
N GLY A 27 -1.68 -0.14 14.27
CA GLY A 27 -2.67 -0.31 15.31
C GLY A 27 -3.11 -1.75 15.43
N ASP A 28 -4.32 -2.02 14.96
CA ASP A 28 -4.84 -3.37 14.93
C ASP A 28 -4.98 -3.82 13.49
N GLU A 29 -4.85 -2.86 12.59
CA GLU A 29 -5.05 -3.09 11.17
C GLU A 29 -3.74 -3.40 10.48
N GLN A 30 -3.74 -4.44 9.66
CA GLN A 30 -2.57 -4.77 8.86
C GLN A 30 -2.53 -3.88 7.62
N VAL A 31 -1.34 -3.43 7.24
CA VAL A 31 -1.20 -2.49 6.14
C VAL A 31 -0.08 -2.92 5.18
N ALA A 32 -0.25 -2.59 3.90
CA ALA A 32 0.79 -2.87 2.90
C ALA A 32 1.39 -1.57 2.38
N ILE A 33 2.71 -1.44 2.51
CA ILE A 33 3.40 -0.25 2.06
C ILE A 33 4.18 -0.54 0.79
N PHE A 34 3.86 0.17 -0.27
CA PHE A 34 4.52 -0.02 -1.54
C PHE A 34 5.30 1.22 -1.95
N ARG A 35 6.53 1.02 -2.38
CA ARG A 35 7.33 2.11 -2.94
C ARG A 35 7.45 1.89 -4.44
N PRO A 36 6.63 2.60 -5.23
CA PRO A 36 6.61 2.45 -6.68
C PRO A 36 7.42 3.51 -7.41
N TYR A 37 8.14 4.32 -6.64
CA TYR A 37 8.97 5.37 -7.20
C TYR A 37 10.41 5.20 -6.76
N HIS A 38 11.32 5.88 -7.43
CA HIS A 38 12.72 5.88 -7.04
C HIS A 38 12.92 6.94 -5.97
N SER A 39 11.95 7.85 -5.91
CA SER A 39 11.95 8.92 -4.93
C SER A 39 11.50 8.39 -3.57
N ASP A 40 11.16 9.29 -2.66
CA ASP A 40 10.76 8.92 -1.32
C ASP A 40 9.24 8.91 -1.21
N GLN A 41 8.57 8.58 -2.31
CA GLN A 41 7.12 8.51 -2.32
C GLN A 41 6.65 7.08 -2.12
N VAL A 42 5.91 6.85 -1.04
CA VAL A 42 5.36 5.53 -0.75
C VAL A 42 3.84 5.62 -0.57
N PHE A 43 3.15 4.50 -0.77
CA PHE A 43 1.70 4.46 -0.58
C PHE A 43 1.33 3.23 0.24
N ALA A 44 0.24 3.33 1.00
CA ALA A 44 -0.18 2.25 1.87
C ALA A 44 -1.65 1.89 1.64
N ILE A 45 -1.90 0.60 1.48
CA ILE A 45 -3.26 0.09 1.31
C ILE A 45 -3.50 -1.07 2.27
N SER A 46 -4.69 -1.62 2.23
CA SER A 46 -5.00 -2.81 3.01
C SER A 46 -4.25 -4.01 2.43
N ASN A 47 -3.38 -4.61 3.22
CA ASN A 47 -2.61 -5.77 2.75
C ASN A 47 -3.49 -7.01 2.76
N ILE A 48 -4.43 -7.04 3.69
CA ILE A 48 -5.45 -8.08 3.74
C ILE A 48 -6.73 -7.52 3.14
N ASP A 49 -7.10 -7.96 1.96
CA ASP A 49 -8.27 -7.40 1.28
C ASP A 49 -9.56 -7.89 1.94
N PRO A 50 -10.58 -7.02 2.03
CA PRO A 50 -11.85 -7.37 2.68
C PRO A 50 -12.93 -7.83 1.71
N PHE A 51 -12.62 -7.88 0.43
CA PHE A 51 -13.60 -8.29 -0.58
C PHE A 51 -13.55 -9.79 -0.79
N PHE A 52 -12.39 -10.25 -1.21
CA PHE A 52 -12.17 -11.66 -1.48
C PHE A 52 -11.58 -12.31 -0.23
N GLU A 53 -10.86 -11.50 0.53
CA GLU A 53 -10.25 -11.90 1.79
C GLU A 53 -9.13 -12.89 1.57
N SER A 54 -8.05 -12.40 0.99
CA SER A 54 -6.84 -13.18 0.82
C SER A 54 -5.80 -12.70 1.82
N SER A 55 -4.54 -13.10 1.63
CA SER A 55 -3.49 -12.67 2.54
C SER A 55 -2.82 -11.40 2.03
N VAL A 56 -1.56 -11.20 2.40
CA VAL A 56 -0.87 -9.95 2.14
C VAL A 56 -0.62 -9.73 0.65
N LEU A 57 -1.09 -8.60 0.16
CA LEU A 57 -0.96 -8.22 -1.24
C LEU A 57 0.46 -7.74 -1.55
N SER A 58 1.31 -7.73 -0.51
CA SER A 58 2.69 -7.29 -0.65
C SER A 58 3.48 -8.25 -1.56
N ARG A 59 2.91 -9.42 -1.80
CA ARG A 59 3.53 -10.41 -2.67
C ARG A 59 3.05 -10.23 -4.11
N GLY A 60 2.94 -8.97 -4.54
CA GLY A 60 2.42 -8.69 -5.85
C GLY A 60 3.26 -7.67 -6.59
N LEU A 61 3.13 -7.66 -7.90
CA LEU A 61 4.02 -6.87 -8.75
C LEU A 61 3.40 -5.52 -9.07
N ILE A 62 4.21 -4.47 -8.96
CA ILE A 62 3.80 -3.13 -9.35
C ILE A 62 3.97 -2.96 -10.85
N ALA A 63 2.89 -2.63 -11.53
CA ALA A 63 2.92 -2.49 -12.98
C ALA A 63 2.26 -1.19 -13.40
N GLU A 64 2.83 -0.56 -14.42
CA GLU A 64 2.25 0.65 -14.98
C GLU A 64 1.16 0.28 -15.98
N HIS A 65 -0.05 0.73 -15.71
CA HIS A 65 -1.19 0.42 -16.56
C HIS A 65 -1.95 1.70 -16.88
N GLN A 66 -1.97 2.08 -18.15
CA GLN A 66 -2.69 3.26 -18.63
C GLN A 66 -2.13 4.53 -17.98
N GLY A 67 -0.85 4.50 -17.64
CA GLY A 67 -0.20 5.65 -17.05
C GLY A 67 -0.30 5.68 -15.54
N GLU A 68 -0.95 4.67 -14.98
CA GLU A 68 -1.15 4.59 -13.55
C GLU A 68 -0.30 3.48 -12.95
N LEU A 69 0.00 3.60 -11.67
CA LEU A 69 0.78 2.58 -10.98
C LEU A 69 -0.14 1.63 -10.23
N TRP A 70 -0.32 0.44 -10.78
CA TRP A 70 -1.19 -0.56 -10.19
C TRP A 70 -0.36 -1.69 -9.58
N VAL A 71 -0.88 -2.30 -8.54
CA VAL A 71 -0.25 -3.48 -7.97
C VAL A 71 -1.09 -4.71 -8.28
N ALA A 72 -0.45 -5.73 -8.85
CA ALA A 72 -1.14 -6.95 -9.22
C ALA A 72 -0.72 -8.10 -8.32
N SER A 73 -1.63 -8.53 -7.48
CA SER A 73 -1.38 -9.65 -6.59
C SER A 73 -1.70 -10.97 -7.28
N PRO A 74 -0.67 -11.82 -7.51
CA PRO A 74 -0.84 -13.10 -8.21
C PRO A 74 -1.62 -14.14 -7.41
N LEU A 75 -2.11 -13.72 -6.24
CA LEU A 75 -2.95 -14.57 -5.41
C LEU A 75 -4.22 -14.95 -6.16
N LYS A 76 -4.97 -13.93 -6.57
CA LYS A 76 -6.18 -14.14 -7.39
C LYS A 76 -6.32 -13.06 -8.45
N LYS A 77 -5.18 -12.52 -8.89
CA LYS A 77 -5.12 -11.57 -9.99
C LYS A 77 -5.85 -10.27 -9.66
N GLN A 78 -5.82 -9.88 -8.39
CA GLN A 78 -6.46 -8.65 -7.97
C GLN A 78 -5.52 -7.47 -8.16
N ARG A 79 -6.04 -6.41 -8.75
CA ARG A 79 -5.23 -5.24 -9.09
C ARG A 79 -5.73 -4.01 -8.36
N PHE A 80 -4.82 -3.30 -7.70
CA PHE A 80 -5.16 -2.14 -6.90
C PHE A 80 -4.35 -0.93 -7.31
N ARG A 81 -4.99 0.22 -7.41
CA ARG A 81 -4.30 1.46 -7.74
C ARG A 81 -3.68 2.06 -6.48
N LEU A 82 -2.36 2.09 -6.44
CA LEU A 82 -1.62 2.49 -5.24
C LEU A 82 -1.98 3.90 -4.77
N SER A 83 -2.37 4.76 -5.71
CA SER A 83 -2.64 6.15 -5.40
C SER A 83 -3.78 6.29 -4.39
N ASP A 84 -4.95 5.75 -4.73
CA ASP A 84 -6.14 5.94 -3.90
C ASP A 84 -6.62 4.62 -3.28
N GLY A 85 -6.09 3.51 -3.77
CA GLY A 85 -6.49 2.23 -3.23
C GLY A 85 -7.67 1.64 -3.96
N LEU A 86 -7.97 2.20 -5.13
CA LEU A 86 -9.08 1.73 -5.94
C LEU A 86 -8.79 0.34 -6.49
N CYS A 87 -9.76 -0.55 -6.35
CA CYS A 87 -9.65 -1.87 -6.95
C CYS A 87 -10.12 -1.80 -8.39
N MET A 88 -9.41 -2.46 -9.28
CA MET A 88 -9.73 -2.39 -10.70
C MET A 88 -11.14 -2.88 -11.00
N GLU A 89 -11.45 -4.10 -10.60
CA GLU A 89 -12.73 -4.71 -10.90
C GLU A 89 -13.74 -4.46 -9.78
N ASP A 90 -13.21 -4.13 -8.61
CA ASP A 90 -14.01 -4.02 -7.39
C ASP A 90 -14.19 -2.56 -6.99
N GLU A 91 -13.80 -1.67 -7.91
CA GLU A 91 -13.78 -0.21 -7.70
C GLU A 91 -14.90 0.33 -6.81
N GLN A 92 -16.11 -0.21 -6.94
CA GLN A 92 -17.26 0.26 -6.16
C GLN A 92 -17.01 0.12 -4.65
N PHE A 93 -16.20 -0.85 -4.27
CA PHE A 93 -15.86 -1.06 -2.87
C PHE A 93 -14.43 -0.61 -2.60
N SER A 94 -13.48 -1.27 -3.28
CA SER A 94 -12.06 -1.00 -3.11
C SER A 94 -11.59 -1.33 -1.69
N VAL A 95 -10.35 -0.98 -1.38
CA VAL A 95 -9.80 -1.24 -0.05
C VAL A 95 -9.63 0.06 0.71
N LYS A 96 -9.19 -0.05 1.96
CA LYS A 96 -9.00 1.12 2.80
C LYS A 96 -7.58 1.65 2.61
N HIS A 97 -7.48 2.83 2.01
CA HIS A 97 -6.18 3.44 1.76
C HIS A 97 -5.71 4.21 2.98
N TYR A 98 -4.45 4.03 3.33
CA TYR A 98 -3.87 4.75 4.45
C TYR A 98 -2.91 5.79 3.91
N GLU A 99 -2.85 6.93 4.59
CA GLU A 99 -2.04 8.04 4.11
C GLU A 99 -0.59 7.84 4.53
N ALA A 100 0.32 7.88 3.58
CA ALA A 100 1.72 7.59 3.84
C ALA A 100 2.57 8.84 3.68
N ARG A 101 3.53 9.01 4.57
CA ARG A 101 4.46 10.13 4.51
C ARG A 101 5.83 9.71 4.99
N VAL A 102 6.85 10.15 4.27
CA VAL A 102 8.22 9.85 4.67
C VAL A 102 8.83 11.02 5.43
N LYS A 103 8.93 10.85 6.74
CA LYS A 103 9.43 11.88 7.64
C LYS A 103 10.90 11.66 7.92
N ASP A 104 11.74 12.51 7.33
CA ASP A 104 13.18 12.48 7.59
C ASP A 104 13.77 11.13 7.17
N GLY A 105 13.05 10.42 6.31
CA GLY A 105 13.47 9.12 5.87
C GLY A 105 12.73 7.99 6.57
N VAL A 106 11.78 8.33 7.42
CA VAL A 106 11.02 7.33 8.15
C VAL A 106 9.59 7.26 7.61
N VAL A 107 9.14 6.05 7.27
CA VAL A 107 7.80 5.88 6.73
C VAL A 107 6.75 5.96 7.83
N GLN A 108 5.88 6.94 7.75
CA GLN A 108 4.80 7.07 8.71
C GLN A 108 3.46 6.86 8.01
N LEU A 109 2.52 6.27 8.71
CA LEU A 109 1.19 6.03 8.15
C LEU A 109 0.12 6.69 9.02
N ARG A 110 -0.82 7.36 8.37
CA ARG A 110 -1.94 7.98 9.07
C ARG A 110 -3.22 7.20 8.81
N GLY A 111 -3.78 6.65 9.88
CA GLY A 111 -5.04 5.94 9.78
C GLY A 111 -5.89 6.19 11.01
N GLY A 112 -6.71 5.21 11.37
CA GLY A 112 -7.58 5.37 12.53
C GLY A 112 -8.86 6.11 12.18
N SER A 113 -9.06 6.35 10.90
CA SER A 113 -10.27 7.00 10.42
C SER A 113 -10.88 6.15 9.31
N MET A 4 -4.53 16.10 16.02
CA MET A 4 -4.48 16.31 14.56
C MET A 4 -3.35 15.51 13.93
N SER A 5 -3.69 14.77 12.88
CA SER A 5 -2.75 13.94 12.13
C SER A 5 -1.85 13.07 13.01
N GLN A 6 -2.38 11.93 13.43
CA GLN A 6 -1.56 10.94 14.12
C GLN A 6 -0.71 10.16 13.13
N TRP A 7 0.51 10.62 12.93
CA TRP A 7 1.44 9.94 12.03
C TRP A 7 2.28 8.96 12.82
N LYS A 8 2.18 7.69 12.45
CA LYS A 8 2.94 6.64 13.13
C LYS A 8 4.20 6.31 12.33
N ASP A 9 5.36 6.50 12.98
CA ASP A 9 6.63 6.10 12.40
C ASP A 9 6.71 4.58 12.34
N ILE A 10 6.53 4.03 11.15
CA ILE A 10 6.53 2.59 10.96
C ILE A 10 7.95 2.03 11.03
N CYS A 11 8.67 2.22 9.95
CA CYS A 11 10.03 1.76 9.81
C CYS A 11 10.74 2.67 8.83
N LYS A 12 12.02 2.45 8.62
CA LYS A 12 12.76 3.26 7.67
C LYS A 12 12.50 2.79 6.25
N ILE A 13 12.51 3.72 5.31
CA ILE A 13 12.30 3.39 3.90
C ILE A 13 13.46 2.57 3.37
N ASP A 14 14.54 2.55 4.16
CA ASP A 14 15.71 1.73 3.89
C ASP A 14 15.35 0.24 3.92
N ASP A 15 14.21 -0.07 4.54
CA ASP A 15 13.74 -1.45 4.65
C ASP A 15 12.93 -1.85 3.42
N ILE A 16 12.66 -0.86 2.57
CA ILE A 16 11.85 -1.09 1.37
C ILE A 16 12.70 -0.90 0.11
N LEU A 17 12.57 -1.80 -0.84
CA LEU A 17 13.35 -1.76 -2.07
C LEU A 17 12.54 -1.11 -3.20
N PRO A 18 13.17 -0.78 -4.34
CA PRO A 18 12.46 -0.25 -5.51
C PRO A 18 11.39 -1.22 -6.02
N GLU A 19 10.19 -0.68 -6.22
CA GLU A 19 9.05 -1.44 -6.75
C GLU A 19 8.74 -2.66 -5.89
N THR A 20 8.55 -2.43 -4.59
CA THR A 20 8.23 -3.52 -3.68
C THR A 20 7.13 -3.11 -2.72
N GLY A 21 6.68 -4.05 -1.90
CA GLY A 21 5.66 -3.76 -0.92
C GLY A 21 5.92 -4.47 0.38
N VAL A 22 5.74 -3.77 1.50
CA VAL A 22 5.99 -4.36 2.81
C VAL A 22 4.71 -4.37 3.64
N CYS A 23 4.81 -4.92 4.84
CA CYS A 23 3.66 -5.01 5.73
C CYS A 23 3.93 -4.30 7.05
N ALA A 24 3.03 -3.40 7.42
CA ALA A 24 3.14 -2.66 8.67
C ALA A 24 1.90 -2.84 9.52
N LEU A 25 1.95 -2.38 10.75
CA LEU A 25 0.78 -2.43 11.63
C LEU A 25 0.27 -1.02 11.92
N LEU A 26 -0.98 -0.77 11.56
CA LEU A 26 -1.61 0.50 11.86
C LEU A 26 -2.89 0.25 12.65
N GLY A 27 -2.87 0.63 13.92
CA GLY A 27 -4.00 0.38 14.78
C GLY A 27 -4.08 -1.08 15.17
N ASP A 28 -4.89 -1.83 14.45
CA ASP A 28 -5.04 -3.26 14.72
C ASP A 28 -4.88 -4.10 13.45
N GLU A 29 -4.74 -3.46 12.30
CA GLU A 29 -4.68 -4.20 11.04
C GLU A 29 -3.33 -4.06 10.37
N GLN A 30 -3.06 -4.94 9.40
CA GLN A 30 -1.86 -4.85 8.60
C GLN A 30 -2.10 -3.94 7.41
N VAL A 31 -1.15 -3.07 7.16
CA VAL A 31 -1.22 -2.12 6.07
C VAL A 31 -0.07 -2.37 5.11
N ALA A 32 -0.39 -2.44 3.83
CA ALA A 32 0.59 -2.71 2.80
C ALA A 32 1.21 -1.42 2.31
N ILE A 33 2.51 -1.30 2.49
CA ILE A 33 3.22 -0.10 2.07
C ILE A 33 4.00 -0.38 0.79
N PHE A 34 3.53 0.18 -0.30
CA PHE A 34 4.14 -0.07 -1.60
C PHE A 34 5.03 1.10 -2.02
N ARG A 35 6.22 0.78 -2.46
CA ARG A 35 7.15 1.77 -2.98
C ARG A 35 7.30 1.53 -4.48
N PRO A 36 6.59 2.34 -5.29
CA PRO A 36 6.58 2.22 -6.75
C PRO A 36 7.58 3.15 -7.44
N TYR A 37 8.32 3.89 -6.63
CA TYR A 37 9.32 4.81 -7.17
C TYR A 37 10.70 4.42 -6.65
N HIS A 38 11.73 4.87 -7.34
CA HIS A 38 13.10 4.69 -6.86
C HIS A 38 13.38 5.73 -5.79
N SER A 39 12.49 6.71 -5.71
CA SER A 39 12.62 7.80 -4.75
C SER A 39 11.86 7.48 -3.46
N ASP A 40 11.45 8.52 -2.74
CA ASP A 40 10.82 8.35 -1.42
C ASP A 40 9.33 8.06 -1.50
N GLN A 41 8.70 8.46 -2.60
CA GLN A 41 7.24 8.38 -2.73
C GLN A 41 6.72 6.95 -2.56
N VAL A 42 5.82 6.79 -1.59
CA VAL A 42 5.22 5.49 -1.27
C VAL A 42 3.72 5.65 -1.04
N PHE A 43 2.99 4.54 -1.10
CA PHE A 43 1.55 4.54 -0.87
C PHE A 43 1.16 3.39 0.05
N ALA A 44 0.06 3.56 0.78
CA ALA A 44 -0.36 2.57 1.75
C ALA A 44 -1.86 2.26 1.63
N ILE A 45 -2.16 0.98 1.54
CA ILE A 45 -3.54 0.50 1.56
C ILE A 45 -3.63 -0.67 2.55
N SER A 46 -4.83 -1.13 2.84
CA SER A 46 -4.98 -2.27 3.75
C SER A 46 -4.31 -3.50 3.15
N ASN A 47 -3.52 -4.20 3.96
CA ASN A 47 -2.72 -5.32 3.48
C ASN A 47 -3.55 -6.60 3.42
N ILE A 48 -4.71 -6.56 4.05
CA ILE A 48 -5.58 -7.73 4.12
C ILE A 48 -6.74 -7.60 3.14
N ASP A 49 -6.75 -8.45 2.13
CA ASP A 49 -7.89 -8.50 1.21
C ASP A 49 -9.09 -9.14 1.93
N PRO A 50 -10.23 -8.45 1.96
CA PRO A 50 -11.40 -8.92 2.71
C PRO A 50 -12.15 -10.08 2.04
N PHE A 51 -12.15 -10.10 0.72
CA PHE A 51 -12.96 -11.07 -0.02
C PHE A 51 -12.17 -12.34 -0.32
N PHE A 52 -10.94 -12.16 -0.76
CA PHE A 52 -10.08 -13.29 -1.13
C PHE A 52 -9.32 -13.77 0.09
N GLU A 53 -9.20 -12.88 1.06
CA GLU A 53 -8.50 -13.15 2.33
C GLU A 53 -7.03 -13.47 2.10
N SER A 54 -6.21 -12.43 2.12
CA SER A 54 -4.77 -12.58 2.03
C SER A 54 -4.13 -11.74 3.11
N SER A 55 -3.15 -12.32 3.79
CA SER A 55 -2.44 -11.61 4.85
C SER A 55 -1.55 -10.53 4.27
N VAL A 56 -1.00 -10.80 3.08
CA VAL A 56 -0.13 -9.84 2.41
C VAL A 56 -0.57 -9.59 0.97
N LEU A 57 -0.80 -8.33 0.65
CA LEU A 57 -0.97 -7.91 -0.74
C LEU A 57 0.37 -7.48 -1.31
N SER A 58 1.38 -7.53 -0.45
CA SER A 58 2.73 -7.09 -0.79
C SER A 58 3.40 -8.04 -1.80
N ARG A 59 2.70 -9.11 -2.16
CA ARG A 59 3.22 -10.11 -3.09
C ARG A 59 2.83 -9.78 -4.53
N GLY A 60 2.91 -8.49 -4.89
CA GLY A 60 2.49 -8.10 -6.22
C GLY A 60 3.46 -7.15 -6.88
N LEU A 61 3.33 -7.02 -8.20
CA LEU A 61 4.20 -6.14 -8.97
C LEU A 61 3.45 -4.87 -9.33
N ILE A 62 4.19 -3.80 -9.56
CA ILE A 62 3.57 -2.50 -9.82
C ILE A 62 3.77 -2.10 -11.28
N ALA A 63 2.66 -1.86 -11.96
CA ALA A 63 2.69 -1.47 -13.37
C ALA A 63 2.38 0.00 -13.52
N GLU A 64 2.86 0.59 -14.60
CA GLU A 64 2.66 2.00 -14.88
C GLU A 64 1.82 2.19 -16.13
N HIS A 65 0.89 3.14 -16.07
CA HIS A 65 0.11 3.52 -17.24
C HIS A 65 0.11 5.03 -17.39
N GLN A 66 1.20 5.55 -17.96
CA GLN A 66 1.31 6.96 -18.32
C GLN A 66 1.27 7.86 -17.09
N GLY A 67 1.73 7.33 -15.97
CA GLY A 67 1.76 8.11 -14.75
C GLY A 67 0.92 7.50 -13.65
N GLU A 68 -0.01 6.63 -14.02
CA GLU A 68 -0.85 5.97 -13.04
C GLU A 68 -0.22 4.64 -12.65
N LEU A 69 -0.26 4.34 -11.36
CA LEU A 69 0.42 3.17 -10.83
C LEU A 69 -0.56 2.14 -10.30
N TRP A 70 -0.47 0.93 -10.82
CA TRP A 70 -1.36 -0.15 -10.45
C TRP A 70 -0.57 -1.31 -9.88
N VAL A 71 -0.97 -1.80 -8.72
CA VAL A 71 -0.34 -2.97 -8.14
C VAL A 71 -1.15 -4.22 -8.50
N ALA A 72 -0.48 -5.19 -9.09
CA ALA A 72 -1.13 -6.42 -9.50
C ALA A 72 -0.65 -7.59 -8.67
N SER A 73 -1.55 -8.15 -7.88
CA SER A 73 -1.23 -9.31 -7.06
C SER A 73 -1.60 -10.59 -7.80
N PRO A 74 -0.59 -11.38 -8.22
CA PRO A 74 -0.79 -12.62 -8.99
C PRO A 74 -1.59 -13.67 -8.23
N LEU A 75 -1.80 -13.43 -6.94
CA LEU A 75 -2.57 -14.33 -6.08
C LEU A 75 -3.99 -14.49 -6.61
N LYS A 76 -4.54 -13.42 -7.18
CA LYS A 76 -5.91 -13.45 -7.70
C LYS A 76 -6.03 -12.54 -8.93
N LYS A 77 -4.90 -12.06 -9.44
CA LYS A 77 -4.90 -11.07 -10.52
C LYS A 77 -5.57 -9.79 -9.99
N GLN A 78 -5.29 -9.50 -8.72
CA GLN A 78 -5.93 -8.40 -8.02
C GLN A 78 -5.23 -7.08 -8.40
N ARG A 79 -6.01 -6.13 -8.89
CA ARG A 79 -5.46 -4.86 -9.38
C ARG A 79 -5.92 -3.69 -8.53
N PHE A 80 -4.99 -3.05 -7.84
CA PHE A 80 -5.30 -1.87 -7.03
C PHE A 80 -4.56 -0.65 -7.58
N ARG A 81 -5.28 0.45 -7.75
CA ARG A 81 -4.67 1.72 -8.13
C ARG A 81 -4.08 2.40 -6.91
N LEU A 82 -2.75 2.56 -6.90
CA LEU A 82 -2.03 3.03 -5.72
C LEU A 82 -2.33 4.49 -5.40
N SER A 83 -2.88 5.23 -6.36
CA SER A 83 -3.22 6.64 -6.15
C SER A 83 -4.23 6.79 -5.02
N ASP A 84 -5.00 5.73 -4.76
CA ASP A 84 -5.92 5.72 -3.62
C ASP A 84 -6.11 4.30 -3.11
N GLY A 85 -6.79 3.49 -3.91
CA GLY A 85 -7.05 2.13 -3.52
C GLY A 85 -8.16 1.54 -4.34
N LEU A 86 -8.23 1.94 -5.60
CA LEU A 86 -9.29 1.51 -6.48
C LEU A 86 -8.94 0.19 -7.13
N CYS A 87 -9.65 -0.85 -6.76
CA CYS A 87 -9.51 -2.13 -7.42
C CYS A 87 -10.42 -2.15 -8.64
N MET A 88 -9.91 -2.60 -9.77
CA MET A 88 -10.71 -2.63 -11.00
C MET A 88 -11.91 -3.55 -10.86
N GLU A 89 -11.80 -4.53 -9.97
CA GLU A 89 -12.91 -5.46 -9.73
C GLU A 89 -13.79 -4.99 -8.56
N ASP A 90 -13.16 -4.49 -7.51
CA ASP A 90 -13.87 -4.08 -6.29
C ASP A 90 -14.23 -2.59 -6.35
N GLU A 91 -14.05 -1.98 -7.52
CA GLU A 91 -14.31 -0.55 -7.73
C GLU A 91 -15.72 -0.13 -7.28
N GLN A 92 -16.54 -1.09 -6.91
CA GLN A 92 -17.85 -0.83 -6.36
C GLN A 92 -17.73 -0.03 -5.05
N PHE A 93 -16.71 -0.36 -4.25
CA PHE A 93 -16.48 0.32 -2.97
C PHE A 93 -14.99 0.57 -2.72
N SER A 94 -14.15 -0.36 -3.20
CA SER A 94 -12.69 -0.26 -3.05
C SER A 94 -12.25 -0.53 -1.62
N VAL A 95 -10.94 -0.49 -1.38
CA VAL A 95 -10.38 -0.85 -0.08
C VAL A 95 -10.02 0.38 0.75
N LYS A 96 -9.43 0.12 1.91
CA LYS A 96 -9.06 1.16 2.86
C LYS A 96 -7.77 1.86 2.41
N HIS A 97 -7.83 3.17 2.24
CA HIS A 97 -6.66 3.95 1.85
C HIS A 97 -6.06 4.67 3.05
N TYR A 98 -4.73 4.69 3.12
CA TYR A 98 -4.03 5.39 4.18
C TYR A 98 -3.07 6.42 3.61
N GLU A 99 -2.82 7.47 4.37
CA GLU A 99 -1.87 8.48 3.98
C GLU A 99 -0.47 8.04 4.36
N ALA A 100 0.46 8.15 3.41
CA ALA A 100 1.82 7.70 3.64
C ALA A 100 2.82 8.77 3.25
N ARG A 101 3.82 8.98 4.10
CA ARG A 101 4.90 9.92 3.81
C ARG A 101 6.19 9.39 4.39
N VAL A 102 7.31 9.87 3.87
CA VAL A 102 8.61 9.45 4.38
C VAL A 102 9.29 10.60 5.10
N LYS A 103 9.25 10.55 6.41
CA LYS A 103 9.82 11.59 7.25
C LYS A 103 11.30 11.32 7.48
N ASP A 104 12.15 12.10 6.81
CA ASP A 104 13.62 12.02 6.94
C ASP A 104 14.13 10.58 6.81
N GLY A 105 13.41 9.75 6.06
CA GLY A 105 13.83 8.38 5.87
C GLY A 105 12.94 7.38 6.59
N VAL A 106 12.09 7.89 7.47
CA VAL A 106 11.20 7.06 8.26
C VAL A 106 9.79 7.07 7.65
N VAL A 107 9.27 5.89 7.34
CA VAL A 107 7.94 5.77 6.74
C VAL A 107 6.87 6.05 7.79
N GLN A 108 6.01 7.02 7.53
CA GLN A 108 4.93 7.34 8.43
C GLN A 108 3.58 7.11 7.77
N LEU A 109 2.66 6.54 8.53
CA LEU A 109 1.31 6.31 8.04
C LEU A 109 0.30 7.08 8.88
N ARG A 110 -0.72 7.60 8.23
CA ARG A 110 -1.82 8.26 8.93
C ARG A 110 -3.14 7.60 8.56
N GLY A 111 -3.73 6.93 9.54
CA GLY A 111 -5.01 6.27 9.33
C GLY A 111 -6.00 6.63 10.41
N GLY A 112 -6.64 7.78 10.25
CA GLY A 112 -7.57 8.27 11.26
C GLY A 112 -7.40 9.77 11.47
N SER A 113 -7.37 10.18 12.73
CA SER A 113 -7.18 11.58 13.06
C SER A 113 -6.18 11.71 14.21
#